data_8Q6J
#
_entry.id   8Q6J
#
_cell.length_a   1.00
_cell.length_b   1.00
_cell.length_c   1.00
_cell.angle_alpha   90.00
_cell.angle_beta   90.00
_cell.angle_gamma   90.00
#
_symmetry.space_group_name_H-M   'P 1'
#
loop_
_entity.id
_entity.type
_entity.pdbx_description
1 polymer 'Trastuzumab fab light chain'
2 polymer 'Trastuzumab Fab heavy chain'
3 polymer 'Pertuzumab Fab light chain'
4 polymer 'Pertuzumab Fab heavy chain'
5 polymer 'Receptor tyrosine-protein kinase erbB-2'
6 branched beta-D-mannopyranose-(1-4)-2-acetamido-2-deoxy-beta-D-glucopyranose-(1-4)-2-acetamido-2-deoxy-beta-D-glucopyranose
7 non-polymer 2-acetamido-2-deoxy-beta-D-glucopyranose
#
loop_
_entity_poly.entity_id
_entity_poly.type
_entity_poly.pdbx_seq_one_letter_code
_entity_poly.pdbx_strand_id
1 'polypeptide(L)'
;DIQMTQSPSSLSASVGDRVTITCRASQDVNTAVAWYQQKPGKAPKLLIYSASFLYSGVPSRFSGSRSGTDFTLTISSLQP
EDFATYYCQQHYTTPPTFGQGTKVEIKRTVAAPSVFIFPPSDEQLKSGTASVVCLLNNFYPREAKVQWKVDNALQSGNSQ
ESVTEQDSKDSTYSLSSTLTLSKADYEKHKVYACEVTHQGLSSPVTKSFNRGEC
;
A
2 'polypeptide(L)'
;EVQLVESGGGLVQPGGSLRLSCAASGFNIKDTYIHWVRQAPGKGLEWVARIYPTNGYTRYADSVKGRFTISADTSKNTAY
LQMNSLRAEDTAVYYCSRWGGDGFYAMDYWGQGTLVTVSSASTKGPSVFPLAPSSKSTSGGTAALGCLVKDYFPEPVTVS
WNSGALTSGVHTFPAVLQSSGLYSLSSVVTVPSSSLGTQTYICNVNHKPSNTKVDKKVEP
;
B
3 'polypeptide(L)'
;DIQMTQSPSSLSASVGDRVTITCKASQDVSIGVAWYQQKPGKAPKLLIYSASYRYTGVPSRFSGSGSGTDFTLTISSLQP
EDFATYYCQQYYIYPYTFGQGTKVEIKRTVAAPSVFIFPPSDEQLKSGTASVVCLLNNFYPREAKVQWKVDNALQSGNSQ
ESVTEQDSKDSTYSLSSTLTLSKADYEKHKVYACEVTHQGLSSPVTKSFNRGEC
;
C
4 'polypeptide(L)'
;EVQLVESGGGLVQPGGSLRLSCAASGFTFTDYTMDWVRQAPGKGLEWVADVNPNSGGSIYNQRFKGRFTLSVDRSKNTLY
LQMNSLRAEDTAVYYCARNLGPSFYFDYWGQGTLVTVSSASTKGPSVFPLAPSSKSTSGGTAALGCLVKDYFPEPVTVSW
NSGALTSGVHTFPAVLQSSGLYSLSSVVTVPSSSLGTQTYICNVNHKPSNTKVDKKVEPKSC
;
D
5 'polypeptide(L)'
;TQVCTGTDMKLRLPASPETHLDMLRHLYQGCQVVQGNLELTYLPTNASLSFLQDIQEVQGYVLIAHNQVRQVPLQRLRIV
RGTQLFEDNYALAVLDNGDPLNNTTPVTGASPGGLRELQLRSLTEILKGGVLIQRNPQLCYQDTILWKDIFHKNNQLALT
LIDTNRSRACHPCSPMCKGSRCWGESSEDCQSLTRTVCAGGCARCKGPLPTDCCHEQCAAGCTGPKHSDCLACLHFNHSG
ICELHCPALVTYNTDTFESMPNPEGRYTFGASCVTACPYNYLSTDVGSCTLVCPLHNQEVTAEDGTQRCEKCSKPCARVC
YGLGMEHLREVRAVTSANIQEFAGCKKIFGSLAFLPESFDGDPASNTAPLQPEQLQVFETLEEITGYLYISAWPDSLPDL
SVFQNLQVIRGRILHNGAYSLTLQGLGISWLGLRSLRELGSGLALIHHNTHLCFVHTVPWDQLFRNPHQALLHTANRPED
ECVGEGLACHQLCARGHCWGPGPTQCVNCSQFLRGQECVEECRVLQGLPREYVNARHCLPCHPECQPQNGSVTCFGPEAD
QCVACAHYKDPPFCVARCPSGVKPDLSYMPIWKFPDEEGACQPCPINCTHSCVDLDDKGCPAEQ
;
E
#
loop_
_chem_comp.id
_chem_comp.type
_chem_comp.name
_chem_comp.formula
BMA D-saccharide, beta linking beta-D-mannopyranose 'C6 H12 O6'
NAG D-saccharide, beta linking 2-acetamido-2-deoxy-beta-D-glucopyranose 'C8 H15 N O6'
#
# COMPACT_ATOMS: atom_id res chain seq x y z
N ASP A 1 41.36 14.69 20.91
CA ASP A 1 41.76 14.68 19.50
C ASP A 1 43.27 14.83 19.38
N ILE A 2 43.84 14.05 18.47
CA ILE A 2 45.29 14.03 18.23
C ILE A 2 45.53 14.60 16.84
N GLN A 3 46.47 15.53 16.74
CA GLN A 3 46.72 16.26 15.51
C GLN A 3 47.86 15.62 14.73
N MET A 4 47.70 15.55 13.42
CA MET A 4 48.74 15.08 12.52
C MET A 4 49.21 16.27 11.69
N THR A 5 50.46 16.68 11.89
CA THR A 5 51.09 17.69 11.06
C THR A 5 51.98 16.98 10.05
N GLN A 6 51.67 17.12 8.77
CA GLN A 6 52.37 16.40 7.73
C GLN A 6 53.54 17.23 7.20
N SER A 7 54.38 16.57 6.40
CA SER A 7 55.42 17.29 5.68
C SER A 7 54.77 18.25 4.70
N PRO A 8 55.47 19.33 4.36
CA PRO A 8 54.94 20.25 3.34
C PRO A 8 54.64 19.50 2.04
N SER A 9 53.53 19.87 1.41
CA SER A 9 53.03 19.18 0.24
C SER A 9 53.78 19.53 -1.03
N SER A 10 54.96 20.13 -0.91
CA SER A 10 55.80 20.50 -2.05
C SER A 10 57.01 19.59 -2.04
N LEU A 11 56.96 18.51 -2.81
CA LEU A 11 58.04 17.55 -2.88
C LEU A 11 58.34 17.16 -4.31
N SER A 12 58.51 18.17 -5.17
CA SER A 12 58.87 17.92 -6.55
C SER A 12 60.23 17.24 -6.62
N ALA A 13 60.24 15.97 -7.04
CA ALA A 13 61.47 15.22 -7.20
C ALA A 13 61.38 14.43 -8.49
N SER A 14 62.54 14.06 -9.02
CA SER A 14 62.61 13.25 -10.21
C SER A 14 62.65 11.77 -9.84
N VAL A 15 62.55 10.92 -10.86
CA VAL A 15 62.53 9.48 -10.62
C VAL A 15 63.85 9.04 -10.01
N GLY A 16 63.78 8.03 -9.14
CA GLY A 16 64.95 7.48 -8.49
C GLY A 16 65.36 8.16 -7.21
N ASP A 17 64.84 9.35 -6.93
CA ASP A 17 65.24 10.07 -5.72
C ASP A 17 64.63 9.41 -4.49
N ARG A 18 65.31 9.59 -3.37
CA ARG A 18 64.75 9.22 -2.07
C ARG A 18 63.87 10.37 -1.59
N VAL A 19 62.58 10.11 -1.44
CA VAL A 19 61.60 11.13 -1.07
C VAL A 19 61.12 10.83 0.34
N THR A 20 61.09 11.86 1.18
CA THR A 20 60.72 11.71 2.58
C THR A 20 59.52 12.58 2.90
N ILE A 21 58.51 11.98 3.53
CA ILE A 21 57.35 12.70 4.04
C ILE A 21 57.34 12.61 5.56
N THR A 22 57.32 13.75 6.21
CA THR A 22 57.35 13.89 7.66
C THR A 22 55.93 13.97 8.19
N CYS A 23 55.64 13.15 9.19
CA CYS A 23 54.35 13.14 9.87
C CYS A 23 54.61 13.21 11.36
N ARG A 24 53.95 14.13 12.04
CA ARG A 24 54.17 14.34 13.46
C ARG A 24 52.83 14.36 14.18
N ALA A 25 52.73 13.59 15.25
CA ALA A 25 51.51 13.54 16.04
C ALA A 25 51.54 14.60 17.12
N SER A 26 50.36 15.10 17.48
CA SER A 26 50.29 16.07 18.57
C SER A 26 50.69 15.45 19.90
N GLN A 27 50.26 14.22 20.16
CA GLN A 27 50.65 13.47 21.35
C GLN A 27 51.33 12.18 20.94
N ASP A 28 51.57 11.30 21.91
CA ASP A 28 52.10 9.99 21.58
C ASP A 28 51.07 9.20 20.79
N VAL A 29 51.55 8.46 19.79
CA VAL A 29 50.69 7.73 18.87
C VAL A 29 51.12 6.27 18.72
N ASN A 30 52.18 5.86 19.40
CA ASN A 30 52.75 4.51 19.27
C ASN A 30 53.14 4.33 17.79
N THR A 31 52.85 3.19 17.19
CA THR A 31 53.08 2.95 15.77
C THR A 31 51.76 2.90 15.02
N ALA A 32 50.70 3.39 15.65
CA ALA A 32 49.35 3.22 15.14
C ALA A 32 49.07 4.17 13.98
N VAL A 33 50.01 4.25 13.03
CA VAL A 33 49.92 5.18 11.91
C VAL A 33 50.16 4.40 10.63
N ALA A 34 49.28 4.61 9.65
CA ALA A 34 49.37 3.95 8.36
C ALA A 34 49.31 4.98 7.25
N TRP A 35 50.14 4.79 6.23
CA TRP A 35 50.16 5.68 5.09
C TRP A 35 49.20 5.16 4.03
N TYR A 36 48.36 6.06 3.53
CA TYR A 36 47.40 5.77 2.48
C TYR A 36 47.67 6.66 1.29
N GLN A 37 47.58 6.09 0.09
CA GLN A 37 47.79 6.80 -1.15
C GLN A 37 46.46 6.96 -1.87
N GLN A 38 46.18 8.17 -2.33
CA GLN A 38 44.94 8.44 -3.06
C GLN A 38 45.23 9.46 -4.15
N LYS A 39 45.18 9.01 -5.40
CA LYS A 39 45.15 9.96 -6.49
C LYS A 39 43.82 10.70 -6.49
N PRO A 40 43.84 12.00 -6.79
CA PRO A 40 42.59 12.77 -6.77
C PRO A 40 41.55 12.18 -7.72
N GLY A 41 40.30 12.23 -7.29
CA GLY A 41 39.23 11.64 -8.07
C GLY A 41 39.09 10.14 -7.95
N LYS A 42 39.80 9.53 -7.01
CA LYS A 42 39.74 8.09 -6.81
C LYS A 42 39.60 7.82 -5.32
N ALA A 43 39.74 6.56 -4.93
CA ALA A 43 39.67 6.17 -3.54
C ALA A 43 41.06 5.88 -3.00
N PRO A 44 41.31 6.15 -1.73
CA PRO A 44 42.60 5.81 -1.14
C PRO A 44 42.72 4.32 -0.92
N LYS A 45 43.92 3.90 -0.59
CA LYS A 45 44.18 2.50 -0.29
C LYS A 45 45.33 2.42 0.69
N LEU A 46 45.33 1.37 1.49
CA LEU A 46 46.41 1.15 2.44
C LEU A 46 47.71 0.93 1.68
N LEU A 47 48.63 1.87 1.80
CA LEU A 47 49.94 1.70 1.19
C LEU A 47 50.98 1.16 2.15
N ILE A 48 50.94 1.57 3.42
CA ILE A 48 51.79 0.95 4.44
C ILE A 48 51.03 0.93 5.75
N TYR A 49 51.03 -0.21 6.43
CA TYR A 49 50.26 -0.37 7.65
C TYR A 49 51.18 -0.59 8.84
N SER A 50 50.68 -0.21 10.01
CA SER A 50 51.36 -0.39 11.29
C SER A 50 52.71 0.32 11.32
N ALA A 51 52.92 1.26 10.40
CA ALA A 51 54.10 2.11 10.28
C ALA A 51 55.36 1.34 9.96
N SER A 52 55.31 0.02 9.84
CA SER A 52 56.53 -0.72 9.53
C SER A 52 56.37 -1.77 8.45
N PHE A 53 55.16 -2.26 8.16
CA PHE A 53 54.98 -3.43 7.34
C PHE A 53 54.40 -3.03 5.99
N LEU A 54 55.05 -3.46 4.92
CA LEU A 54 54.53 -3.26 3.58
C LEU A 54 53.29 -4.13 3.36
N TYR A 55 52.34 -3.61 2.60
CA TYR A 55 51.12 -4.34 2.29
C TYR A 55 51.27 -5.09 0.98
N SER A 56 50.47 -6.15 0.84
CA SER A 56 50.54 -6.97 -0.37
C SER A 56 50.19 -6.13 -1.60
N GLY A 57 50.94 -6.35 -2.68
CA GLY A 57 50.80 -5.56 -3.88
C GLY A 57 51.62 -4.30 -3.91
N VAL A 58 52.39 -4.02 -2.87
CA VAL A 58 53.17 -2.79 -2.79
C VAL A 58 54.63 -3.08 -3.15
N PRO A 59 55.24 -2.30 -4.03
CA PRO A 59 56.67 -2.47 -4.31
C PRO A 59 57.51 -2.17 -3.08
N SER A 60 58.65 -2.88 -2.98
CA SER A 60 59.54 -2.72 -1.83
C SER A 60 60.22 -1.36 -1.80
N ARG A 61 60.15 -0.57 -2.88
CA ARG A 61 60.76 0.74 -2.87
C ARG A 61 60.12 1.65 -1.81
N PHE A 62 58.85 1.42 -1.50
CA PHE A 62 58.18 2.17 -0.44
C PHE A 62 58.58 1.62 0.93
N SER A 63 58.78 2.52 1.88
CA SER A 63 59.16 2.12 3.22
C SER A 63 58.67 3.18 4.20
N GLY A 64 58.58 2.79 5.47
CA GLY A 64 58.19 3.71 6.52
C GLY A 64 59.06 3.53 7.74
N SER A 65 59.48 4.65 8.31
CA SER A 65 60.36 4.63 9.46
C SER A 65 59.73 5.41 10.60
N ARG A 66 59.94 4.94 11.83
CA ARG A 66 59.37 5.53 13.02
C ARG A 66 60.48 6.03 13.93
N SER A 67 60.27 7.20 14.52
CA SER A 67 61.24 7.75 15.46
C SER A 67 60.49 8.65 16.42
N GLY A 68 60.19 8.16 17.62
CA GLY A 68 59.42 8.93 18.56
C GLY A 68 58.02 9.18 18.03
N THR A 69 57.68 10.46 17.87
CA THR A 69 56.41 10.86 17.27
C THR A 69 56.57 11.31 15.83
N ASP A 70 57.71 11.04 15.22
CA ASP A 70 57.98 11.47 13.86
C ASP A 70 58.06 10.24 12.95
N PHE A 71 57.23 10.22 11.92
CA PHE A 71 57.17 9.13 10.97
C PHE A 71 57.59 9.63 9.60
N THR A 72 58.49 8.90 8.96
CA THR A 72 59.02 9.27 7.66
C THR A 72 58.57 8.23 6.65
N LEU A 73 57.74 8.65 5.70
CA LEU A 73 57.42 7.82 4.55
C LEU A 73 58.51 8.02 3.51
N THR A 74 59.26 6.96 3.21
CA THR A 74 60.45 7.03 2.38
C THR A 74 60.24 6.28 1.08
N ILE A 75 60.67 6.88 -0.02
CA ILE A 75 60.64 6.26 -1.33
C ILE A 75 62.07 6.21 -1.86
N SER A 76 62.57 5.00 -2.08
CA SER A 76 63.94 4.84 -2.57
C SER A 76 64.06 5.39 -3.99
N SER A 77 63.18 4.95 -4.89
CA SER A 77 63.22 5.35 -6.28
C SER A 77 61.84 5.86 -6.67
N LEU A 78 61.75 7.11 -7.08
CA LEU A 78 60.47 7.68 -7.47
C LEU A 78 59.96 7.06 -8.75
N GLN A 79 58.65 6.87 -8.81
CA GLN A 79 57.98 6.34 -9.99
C GLN A 79 56.85 7.27 -10.40
N PRO A 80 56.50 7.29 -11.68
CA PRO A 80 55.36 8.11 -12.09
C PRO A 80 54.08 7.77 -11.37
N GLU A 81 53.89 6.49 -11.03
CA GLU A 81 52.71 6.10 -10.26
C GLU A 81 52.71 6.72 -8.88
N ASP A 82 53.88 7.05 -8.34
CA ASP A 82 53.99 7.62 -7.00
C ASP A 82 53.70 9.12 -7.03
N PHE A 83 52.47 9.43 -7.46
CA PHE A 83 51.98 10.80 -7.48
C PHE A 83 50.53 10.77 -7.03
N ALA A 84 50.28 11.27 -5.83
CA ALA A 84 48.95 11.25 -5.23
C ALA A 84 49.00 12.10 -3.97
N THR A 85 47.90 12.09 -3.22
CA THR A 85 47.87 12.61 -1.86
C THR A 85 48.14 11.48 -0.89
N TYR A 86 49.03 11.71 0.06
CA TYR A 86 49.46 10.69 1.01
C TYR A 86 49.07 11.12 2.42
N TYR A 87 48.31 10.27 3.10
CA TYR A 87 47.82 10.58 4.43
C TYR A 87 48.39 9.58 5.43
N CYS A 88 49.06 10.10 6.46
CA CYS A 88 49.59 9.29 7.55
C CYS A 88 48.55 9.20 8.65
N GLN A 89 47.51 8.45 8.38
CA GLN A 89 46.40 8.41 9.31
C GLN A 89 46.82 7.71 10.59
N GLN A 90 46.30 8.21 11.70
CA GLN A 90 46.48 7.59 12.99
C GLN A 90 45.14 7.07 13.47
N HIS A 91 45.15 5.91 14.11
CA HIS A 91 43.95 5.32 14.70
C HIS A 91 44.08 5.23 16.21
N TYR A 92 45.01 5.99 16.78
CA TYR A 92 45.32 5.84 18.18
C TYR A 92 44.17 6.22 19.08
N THR A 93 43.19 6.97 18.59
CA THR A 93 42.02 7.31 19.38
C THR A 93 40.76 6.98 18.60
N THR A 94 39.60 7.26 19.23
CA THR A 94 38.34 6.85 18.64
C THR A 94 38.08 7.49 17.28
N PRO A 95 38.19 8.81 17.09
CA PRO A 95 38.09 9.35 15.75
C PRO A 95 39.44 9.27 15.07
N PRO A 96 39.57 8.44 14.05
CA PRO A 96 40.84 8.36 13.31
C PRO A 96 41.17 9.72 12.74
N THR A 97 42.45 10.06 12.80
CA THR A 97 42.84 11.39 12.37
C THR A 97 43.84 11.30 11.23
N PHE A 98 43.69 12.21 10.29
CA PHE A 98 44.46 12.25 9.06
C PHE A 98 45.38 13.45 9.07
N GLY A 99 46.06 13.67 7.94
CA GLY A 99 46.87 14.84 7.72
C GLY A 99 46.30 15.74 6.64
N GLN A 100 47.15 16.68 6.19
CA GLN A 100 46.77 17.60 5.13
C GLN A 100 47.20 17.13 3.75
N GLY A 101 47.84 15.97 3.65
CA GLY A 101 48.25 15.47 2.35
C GLY A 101 49.54 16.10 1.87
N THR A 102 50.45 15.27 1.38
CA THR A 102 51.70 15.73 0.79
C THR A 102 51.59 15.46 -0.71
N LYS A 103 51.27 16.49 -1.46
CA LYS A 103 51.10 16.36 -2.90
C LYS A 103 52.48 16.11 -3.51
N VAL A 104 52.80 14.85 -3.76
CA VAL A 104 54.12 14.48 -4.26
C VAL A 104 54.04 14.49 -5.78
N GLU A 105 54.43 15.61 -6.38
CA GLU A 105 54.53 15.75 -7.82
C GLU A 105 55.82 15.10 -8.30
N ILE A 106 56.19 15.34 -9.56
CA ILE A 106 57.42 14.82 -10.12
C ILE A 106 58.19 15.97 -10.74
N LYS A 107 59.46 16.10 -10.35
CA LYS A 107 60.34 17.08 -10.98
C LYS A 107 60.70 16.59 -12.37
N ARG A 108 60.23 17.30 -13.40
CA ARG A 108 60.43 16.91 -14.78
C ARG A 108 60.91 18.11 -15.59
N THR A 109 61.13 17.89 -16.88
CA THR A 109 61.63 18.94 -17.76
C THR A 109 60.59 20.03 -17.93
N VAL A 110 61.06 21.25 -18.14
CA VAL A 110 60.19 22.39 -18.42
C VAL A 110 59.46 22.11 -19.72
N ALA A 111 58.15 21.90 -19.63
CA ALA A 111 57.37 21.42 -20.76
C ALA A 111 56.64 22.57 -21.44
N ALA A 112 56.84 22.70 -22.75
CA ALA A 112 56.11 23.68 -23.53
C ALA A 112 54.73 23.13 -23.86
N PRO A 113 53.64 23.79 -23.46
CA PRO A 113 52.31 23.25 -23.72
C PRO A 113 51.94 23.32 -25.19
N SER A 114 51.05 22.43 -25.60
CA SER A 114 50.36 22.56 -26.86
C SER A 114 49.18 23.50 -26.69
N VAL A 115 48.94 24.34 -27.69
CA VAL A 115 47.92 25.38 -27.63
C VAL A 115 46.94 25.19 -28.78
N PHE A 116 45.66 25.39 -28.48
CA PHE A 116 44.60 25.31 -29.47
C PHE A 116 43.60 26.42 -29.23
N ILE A 117 42.93 26.83 -30.30
CA ILE A 117 41.87 27.84 -30.25
C ILE A 117 40.56 27.16 -30.62
N PHE A 118 39.53 27.42 -29.82
CA PHE A 118 38.21 26.87 -30.06
C PHE A 118 37.21 28.01 -30.19
N PRO A 119 36.89 28.44 -31.41
CA PRO A 119 35.85 29.43 -31.59
C PRO A 119 34.48 28.78 -31.47
N PRO A 120 33.43 29.56 -31.23
CA PRO A 120 32.09 28.98 -31.18
C PRO A 120 31.71 28.36 -32.51
N SER A 121 31.03 27.22 -32.44
CA SER A 121 30.53 26.58 -33.63
C SER A 121 29.29 27.30 -34.14
N ASP A 122 28.80 26.87 -35.30
CA ASP A 122 27.61 27.49 -35.88
C ASP A 122 26.41 27.32 -34.95
N GLU A 123 26.23 26.11 -34.41
CA GLU A 123 25.19 25.91 -33.40
C GLU A 123 25.46 26.76 -32.16
N GLN A 124 26.72 26.82 -31.74
CA GLN A 124 27.07 27.66 -30.60
C GLN A 124 26.82 29.13 -30.89
N LEU A 125 27.10 29.56 -32.12
CA LEU A 125 26.78 30.93 -32.52
C LEU A 125 25.27 31.18 -32.46
N LYS A 126 24.48 30.22 -32.93
CA LYS A 126 23.03 30.39 -32.94
C LYS A 126 22.40 30.29 -31.56
N SER A 127 23.12 29.71 -30.59
CA SER A 127 22.60 29.66 -29.22
C SER A 127 22.39 31.06 -28.64
N GLY A 128 23.16 32.04 -29.11
CA GLY A 128 23.03 33.42 -28.68
C GLY A 128 24.22 33.99 -27.95
N THR A 129 25.22 33.18 -27.62
CA THR A 129 26.39 33.65 -26.89
C THR A 129 27.60 32.84 -27.38
N ALA A 130 28.73 33.53 -27.57
CA ALA A 130 29.92 32.91 -28.13
C ALA A 130 30.95 32.72 -27.03
N SER A 131 31.42 31.48 -26.88
CA SER A 131 32.44 31.13 -25.91
C SER A 131 33.70 30.70 -26.66
N VAL A 132 34.76 31.46 -26.50
CA VAL A 132 36.05 31.17 -27.12
C VAL A 132 36.92 30.48 -26.08
N VAL A 133 37.46 29.31 -26.44
CA VAL A 133 38.24 28.52 -25.50
C VAL A 133 39.68 28.46 -25.98
N CYS A 134 40.59 29.03 -25.20
CA CYS A 134 42.02 28.89 -25.42
C CYS A 134 42.48 27.72 -24.57
N LEU A 135 43.00 26.68 -25.22
CA LEU A 135 43.32 25.41 -24.57
C LEU A 135 44.82 25.19 -24.57
N LEU A 136 45.39 24.93 -23.41
CA LEU A 136 46.78 24.55 -23.27
C LEU A 136 46.84 23.17 -22.63
N ASN A 137 47.86 22.41 -22.99
CA ASN A 137 48.05 21.10 -22.37
C ASN A 137 49.53 20.79 -22.24
N ASN A 138 49.85 20.06 -21.17
CA ASN A 138 51.20 19.51 -20.93
C ASN A 138 52.25 20.61 -20.85
N PHE A 139 52.07 21.49 -19.87
CA PHE A 139 53.06 22.50 -19.53
C PHE A 139 53.65 22.21 -18.16
N TYR A 140 54.97 22.31 -18.06
CA TYR A 140 55.67 22.22 -16.79
C TYR A 140 56.57 23.45 -16.69
N PRO A 141 56.45 24.26 -15.64
CA PRO A 141 55.54 24.11 -14.50
C PRO A 141 54.11 24.56 -14.81
N ARG A 142 53.31 24.80 -13.77
CA ARG A 142 51.90 25.15 -13.94
C ARG A 142 51.74 26.59 -14.39
N GLU A 143 52.63 27.48 -13.97
CA GLU A 143 52.47 28.91 -14.16
C GLU A 143 52.39 29.28 -15.64
N ALA A 144 51.21 29.70 -16.09
CA ALA A 144 51.00 30.05 -17.48
C ALA A 144 49.81 30.97 -17.56
N LYS A 145 50.05 32.26 -17.82
CA LYS A 145 49.00 33.25 -17.93
C LYS A 145 48.35 33.22 -19.31
N VAL A 146 47.04 33.43 -19.33
CA VAL A 146 46.25 33.43 -20.55
C VAL A 146 45.48 34.74 -20.65
N GLN A 147 45.52 35.36 -21.82
CA GLN A 147 44.84 36.62 -22.05
C GLN A 147 44.14 36.58 -23.40
N TRP A 148 43.11 37.41 -23.55
CA TRP A 148 42.35 37.49 -24.78
C TRP A 148 42.59 38.85 -25.43
N LYS A 149 42.63 38.85 -26.77
CA LYS A 149 42.74 40.07 -27.56
C LYS A 149 41.55 40.16 -28.49
N VAL A 150 40.69 41.15 -28.25
CA VAL A 150 39.58 41.48 -29.13
C VAL A 150 39.83 42.90 -29.62
N ASP A 151 40.00 43.05 -30.94
CA ASP A 151 40.49 44.29 -31.52
C ASP A 151 41.86 44.65 -30.94
N ASN A 152 42.66 43.62 -30.65
CA ASN A 152 43.96 43.76 -29.99
C ASN A 152 43.83 44.56 -28.70
N ALA A 153 43.01 44.02 -27.79
CA ALA A 153 42.71 44.70 -26.55
C ALA A 153 42.72 43.70 -25.39
N LEU A 154 42.99 44.24 -24.20
CA LEU A 154 42.94 43.45 -22.98
C LEU A 154 41.51 43.01 -22.68
N GLN A 155 41.36 41.78 -22.20
CA GLN A 155 40.06 41.21 -21.83
C GLN A 155 40.17 40.67 -20.41
N SER A 156 39.78 41.49 -19.44
CA SER A 156 39.80 41.10 -18.04
C SER A 156 38.43 41.37 -17.43
N GLY A 157 38.11 40.62 -16.38
CA GLY A 157 36.83 40.73 -15.73
C GLY A 157 35.75 39.83 -16.30
N ASN A 158 36.02 39.12 -17.40
CA ASN A 158 35.07 38.16 -17.96
C ASN A 158 35.68 36.80 -18.27
N SER A 159 36.97 36.71 -18.57
CA SER A 159 37.59 35.44 -18.88
C SER A 159 37.76 34.61 -17.60
N GLN A 160 37.67 33.29 -17.74
CA GLN A 160 37.84 32.39 -16.61
C GLN A 160 38.84 31.31 -16.96
N GLU A 161 39.58 30.86 -15.95
CA GLU A 161 40.64 29.87 -16.14
C GLU A 161 40.38 28.66 -15.25
N SER A 162 40.72 27.49 -15.77
CA SER A 162 40.73 26.26 -15.00
C SER A 162 42.00 25.48 -15.34
N VAL A 163 42.48 24.71 -14.37
CA VAL A 163 43.74 23.99 -14.51
C VAL A 163 43.50 22.51 -14.22
N THR A 164 44.03 21.64 -15.08
CA THR A 164 43.98 20.22 -14.82
C THR A 164 45.03 19.82 -13.80
N GLU A 165 44.80 18.68 -13.15
CA GLU A 165 45.78 18.12 -12.24
C GLU A 165 46.99 17.63 -13.03
N GLN A 166 48.11 17.46 -12.32
CA GLN A 166 49.32 16.97 -12.95
C GLN A 166 49.08 15.59 -13.55
N ASP A 167 49.60 15.39 -14.77
CA ASP A 167 49.44 14.10 -15.43
C ASP A 167 50.19 13.02 -14.67
N SER A 168 49.59 11.84 -14.56
CA SER A 168 50.21 10.74 -13.84
C SER A 168 51.50 10.27 -14.49
N LYS A 169 51.67 10.53 -15.79
CA LYS A 169 52.88 10.15 -16.50
C LYS A 169 53.68 11.36 -16.96
N ASP A 170 53.06 12.28 -17.70
CA ASP A 170 53.80 13.43 -18.22
C ASP A 170 54.24 14.38 -17.13
N SER A 171 53.63 14.27 -15.93
CA SER A 171 53.98 15.13 -14.80
C SER A 171 53.83 16.60 -15.15
N THR A 172 52.83 16.91 -15.98
CA THR A 172 52.56 18.26 -16.44
C THR A 172 51.07 18.54 -16.25
N TYR A 173 50.64 19.72 -16.70
CA TYR A 173 49.28 20.19 -16.47
C TYR A 173 48.68 20.71 -17.76
N SER A 174 47.35 20.88 -17.74
CA SER A 174 46.61 21.44 -18.87
C SER A 174 45.69 22.52 -18.35
N LEU A 175 45.50 23.58 -19.13
CA LEU A 175 44.71 24.73 -18.74
C LEU A 175 43.65 25.00 -19.79
N SER A 176 42.48 25.49 -19.34
CA SER A 176 41.40 25.89 -20.21
C SER A 176 40.93 27.29 -19.84
N SER A 177 40.90 28.18 -20.83
CA SER A 177 40.47 29.56 -20.62
C SER A 177 39.24 29.82 -21.48
N THR A 178 38.18 30.31 -20.86
CA THR A 178 36.93 30.61 -21.55
C THR A 178 36.70 32.12 -21.54
N LEU A 179 36.46 32.68 -22.73
CA LEU A 179 36.03 34.06 -22.89
C LEU A 179 34.61 34.03 -23.42
N THR A 180 33.67 34.50 -22.60
CA THR A 180 32.25 34.47 -22.92
C THR A 180 31.82 35.86 -23.34
N LEU A 181 31.18 35.97 -24.50
CA LEU A 181 30.68 37.25 -25.00
C LEU A 181 29.28 37.07 -25.57
N SER A 182 28.38 37.95 -25.16
CA SER A 182 27.06 37.97 -25.79
C SER A 182 27.22 38.31 -27.27
N LYS A 183 26.41 37.67 -28.10
CA LYS A 183 26.54 37.87 -29.54
C LYS A 183 26.21 39.30 -29.95
N ALA A 184 25.52 40.05 -29.09
CA ALA A 184 25.29 41.46 -29.35
C ALA A 184 26.60 42.23 -29.41
N ASP A 185 27.51 41.96 -28.47
CA ASP A 185 28.83 42.57 -28.47
C ASP A 185 29.90 41.68 -29.09
N TYR A 186 29.57 40.43 -29.44
CA TYR A 186 30.53 39.54 -30.08
C TYR A 186 30.70 39.82 -31.56
N GLU A 187 29.71 40.45 -32.19
CA GLU A 187 29.77 40.71 -33.62
C GLU A 187 30.33 42.09 -33.94
N LYS A 188 30.68 42.89 -32.93
CA LYS A 188 31.26 44.20 -33.19
C LYS A 188 32.59 44.07 -33.93
N HIS A 189 33.47 43.20 -33.45
CA HIS A 189 34.81 43.04 -33.99
C HIS A 189 34.86 41.80 -34.86
N LYS A 190 35.94 41.66 -35.63
CA LYS A 190 36.03 40.58 -36.61
C LYS A 190 37.05 39.51 -36.26
N VAL A 191 38.17 39.85 -35.63
CA VAL A 191 39.24 38.89 -35.36
C VAL A 191 39.40 38.76 -33.86
N TYR A 192 39.43 37.51 -33.37
CA TYR A 192 39.62 37.21 -31.96
C TYR A 192 40.92 36.43 -31.79
N ALA A 193 41.63 36.68 -30.69
CA ALA A 193 42.90 36.02 -30.43
C ALA A 193 43.03 35.69 -28.95
N CYS A 194 43.85 34.69 -28.66
CA CYS A 194 44.28 34.43 -27.30
C CYS A 194 45.80 34.31 -27.25
N GLU A 195 46.40 34.95 -26.26
CA GLU A 195 47.84 34.93 -26.04
C GLU A 195 48.15 34.20 -24.74
N VAL A 196 49.27 33.49 -24.73
CA VAL A 196 49.70 32.72 -23.56
C VAL A 196 51.15 33.08 -23.24
N THR A 197 51.44 33.24 -21.94
CA THR A 197 52.77 33.51 -21.41
C THR A 197 53.11 32.45 -20.37
N HIS A 198 54.07 31.58 -20.68
CA HIS A 198 54.47 30.51 -19.79
C HIS A 198 55.97 30.58 -19.56
N GLN A 199 56.40 30.10 -18.39
CA GLN A 199 57.83 30.00 -18.11
C GLN A 199 58.52 29.07 -19.09
N GLY A 200 57.78 28.12 -19.66
CA GLY A 200 58.30 27.25 -20.70
C GLY A 200 58.25 27.82 -22.09
N LEU A 201 57.79 29.05 -22.24
CA LEU A 201 57.78 29.73 -23.53
C LEU A 201 58.91 30.75 -23.58
N SER A 202 59.66 30.74 -24.68
CA SER A 202 60.69 31.77 -24.86
C SER A 202 60.07 33.15 -24.93
N SER A 203 58.95 33.29 -25.64
CA SER A 203 58.21 34.53 -25.74
C SER A 203 56.73 34.18 -25.70
N PRO A 204 55.88 35.11 -25.23
CA PRO A 204 54.43 34.87 -25.28
C PRO A 204 53.95 34.64 -26.71
N VAL A 205 53.04 33.68 -26.87
CA VAL A 205 52.61 33.22 -28.18
C VAL A 205 51.12 33.47 -28.31
N THR A 206 50.71 34.04 -29.45
CA THR A 206 49.32 34.39 -29.71
C THR A 206 48.77 33.54 -30.84
N LYS A 207 47.47 33.25 -30.77
CA LYS A 207 46.75 32.62 -31.87
C LYS A 207 45.51 33.46 -32.18
N SER A 208 45.36 33.82 -33.45
CA SER A 208 44.29 34.70 -33.89
C SER A 208 43.50 34.05 -35.01
N PHE A 209 42.22 34.40 -35.08
CA PHE A 209 41.35 33.91 -36.13
C PHE A 209 40.34 35.00 -36.47
N ASN A 210 40.08 35.15 -37.77
CA ASN A 210 39.14 36.14 -38.26
C ASN A 210 37.73 35.54 -38.28
N ARG A 211 36.85 36.06 -37.42
CA ARG A 211 35.53 35.49 -37.26
C ARG A 211 34.69 35.74 -38.50
N GLY A 212 33.85 34.74 -38.83
CA GLY A 212 32.83 34.87 -39.84
C GLY A 212 33.15 34.21 -41.16
N GLU A 213 34.40 33.85 -41.41
CA GLU A 213 34.79 33.22 -42.68
C GLU A 213 34.75 31.70 -42.52
N CYS A 214 33.58 31.23 -42.11
CA CYS A 214 33.28 29.80 -42.02
C CYS A 214 34.28 29.04 -41.16
N GLU B 1 34.58 -11.07 -4.89
CA GLU B 1 35.64 -10.32 -4.25
C GLU B 1 35.06 -9.23 -3.35
N VAL B 2 35.89 -8.73 -2.43
CA VAL B 2 35.46 -7.70 -1.49
C VAL B 2 35.22 -6.42 -2.28
N GLN B 3 33.95 -6.06 -2.47
CA GLN B 3 33.56 -4.85 -3.17
C GLN B 3 32.53 -4.10 -2.35
N LEU B 4 32.56 -2.77 -2.45
CA LEU B 4 31.62 -1.89 -1.77
C LEU B 4 30.91 -1.05 -2.81
N VAL B 5 29.58 -1.05 -2.75
CA VAL B 5 28.76 -0.28 -3.67
C VAL B 5 28.12 0.85 -2.88
N GLU B 6 28.42 2.08 -3.28
CA GLU B 6 27.87 3.27 -2.63
C GLU B 6 26.86 3.92 -3.57
N SER B 7 25.65 4.14 -3.06
CA SER B 7 24.59 4.74 -3.85
C SER B 7 23.90 5.82 -3.03
N GLY B 8 23.30 6.77 -3.74
CA GLY B 8 22.61 7.88 -3.10
C GLY B 8 23.26 9.23 -3.30
N GLY B 9 24.39 9.31 -3.99
CA GLY B 9 25.00 10.61 -4.23
C GLY B 9 24.25 11.38 -5.31
N GLY B 10 24.12 12.68 -5.10
CA GLY B 10 23.45 13.53 -6.06
C GLY B 10 23.22 14.91 -5.47
N LEU B 11 22.60 15.75 -6.29
CA LEU B 11 22.29 17.10 -5.87
C LEU B 11 21.31 17.07 -4.71
N VAL B 12 21.49 18.00 -3.76
CA VAL B 12 20.59 18.16 -2.64
C VAL B 12 20.47 19.65 -2.33
N GLN B 13 19.48 20.00 -1.55
CA GLN B 13 19.22 21.39 -1.22
C GLN B 13 19.58 21.67 0.22
N PRO B 14 19.93 22.91 0.55
CA PRO B 14 20.13 23.27 1.96
C PRO B 14 18.87 23.01 2.78
N GLY B 15 19.07 22.48 3.98
CA GLY B 15 17.98 22.13 4.87
C GLY B 15 17.32 20.80 4.59
N GLY B 16 17.79 20.05 3.59
CA GLY B 16 17.16 18.81 3.20
C GLY B 16 17.73 17.61 3.93
N SER B 17 17.37 16.42 3.41
CA SER B 17 17.82 15.16 3.97
C SER B 17 18.14 14.21 2.82
N LEU B 18 19.20 13.42 3.00
CA LEU B 18 19.64 12.47 1.98
C LEU B 18 20.01 11.17 2.67
N ARG B 19 20.16 10.10 1.89
CA ARG B 19 20.56 8.82 2.43
C ARG B 19 21.59 8.15 1.51
N LEU B 20 22.67 7.67 2.10
CA LEU B 20 23.71 6.93 1.39
C LEU B 20 23.64 5.47 1.79
N SER B 21 23.72 4.58 0.80
CA SER B 21 23.65 3.15 1.04
C SER B 21 24.97 2.52 0.63
N CYS B 22 25.54 1.70 1.52
CA CYS B 22 26.79 1.00 1.29
C CYS B 22 26.51 -0.49 1.34
N ALA B 23 26.55 -1.16 0.19
CA ALA B 23 26.31 -2.58 0.10
C ALA B 23 27.62 -3.32 -0.06
N ALA B 24 27.80 -4.39 0.73
CA ALA B 24 29.05 -5.13 0.78
C ALA B 24 28.91 -6.45 0.05
N SER B 25 29.88 -6.77 -0.79
CA SER B 25 29.90 -8.00 -1.57
C SER B 25 31.25 -8.67 -1.40
N GLY B 26 31.26 -9.99 -1.52
CA GLY B 26 32.48 -10.76 -1.40
C GLY B 26 32.91 -11.02 0.01
N PHE B 27 32.19 -10.51 0.99
CA PHE B 27 32.51 -10.73 2.39
C PHE B 27 31.27 -10.41 3.21
N ASN B 28 31.24 -10.94 4.43
CA ASN B 28 30.12 -10.77 5.33
C ASN B 28 30.39 -9.58 6.24
N ILE B 29 29.38 -8.73 6.43
CA ILE B 29 29.54 -7.49 7.17
C ILE B 29 29.43 -7.77 8.67
N LYS B 30 29.09 -9.01 9.02
CA LYS B 30 28.77 -9.32 10.40
C LYS B 30 29.98 -9.38 11.31
N ASP B 31 31.20 -9.31 10.79
CA ASP B 31 32.37 -9.46 11.63
C ASP B 31 33.43 -8.40 11.34
N THR B 32 33.01 -7.19 10.99
CA THR B 32 33.93 -6.12 10.65
C THR B 32 33.36 -4.81 11.17
N TYR B 33 33.89 -3.69 10.68
CA TYR B 33 33.43 -2.35 11.02
C TYR B 33 33.04 -1.63 9.74
N ILE B 34 32.36 -0.50 9.90
CA ILE B 34 32.04 0.37 8.77
C ILE B 34 32.36 1.80 9.17
N HIS B 35 33.02 2.54 8.29
CA HIS B 35 33.37 3.92 8.54
C HIS B 35 32.98 4.77 7.35
N TRP B 36 32.11 5.75 7.58
CA TRP B 36 31.80 6.75 6.59
C TRP B 36 32.73 7.93 6.76
N VAL B 37 33.38 8.31 5.68
CA VAL B 37 34.40 9.36 5.69
C VAL B 37 34.12 10.33 4.55
N ARG B 38 34.15 11.62 4.85
CA ARG B 38 34.05 12.62 3.81
C ARG B 38 35.41 12.87 3.18
N GLN B 39 35.39 13.22 1.91
CA GLN B 39 36.53 13.77 1.21
C GLN B 39 36.11 15.19 0.86
N ALA B 40 36.59 16.14 1.63
CA ALA B 40 36.27 17.54 1.38
C ALA B 40 36.98 18.01 0.13
N PRO B 41 36.28 18.69 -0.79
CA PRO B 41 36.94 19.16 -2.01
C PRO B 41 38.00 20.20 -1.69
N GLY B 42 39.21 19.93 -2.15
CA GLY B 42 40.34 20.81 -1.91
C GLY B 42 40.96 20.69 -0.54
N LYS B 43 40.47 19.80 0.32
CA LYS B 43 40.98 19.62 1.66
C LYS B 43 41.34 18.17 1.89
N GLY B 44 42.01 17.91 3.01
CA GLY B 44 42.27 16.53 3.40
C GLY B 44 41.00 15.83 3.83
N LEU B 45 41.06 14.50 3.84
CA LEU B 45 39.88 13.71 4.17
C LEU B 45 39.46 13.98 5.61
N GLU B 46 38.32 13.41 5.98
CA GLU B 46 37.80 13.65 7.32
C GLU B 46 36.93 12.49 7.75
N TRP B 47 37.38 11.76 8.76
CA TRP B 47 36.57 10.70 9.34
C TRP B 47 35.27 11.29 9.85
N VAL B 48 34.15 10.63 9.56
CA VAL B 48 32.84 11.12 9.93
C VAL B 48 32.15 10.22 10.94
N ALA B 49 31.90 8.96 10.59
CA ALA B 49 31.09 8.12 11.45
C ALA B 49 31.62 6.69 11.42
N ARG B 50 31.40 5.99 12.54
CA ARG B 50 31.73 4.59 12.66
C ARG B 50 30.50 3.82 13.13
N ILE B 51 30.24 2.67 12.51
CA ILE B 51 29.17 1.79 12.93
C ILE B 51 29.68 0.36 12.95
N TYR B 52 29.33 -0.36 14.02
CA TYR B 52 29.60 -1.77 14.15
C TYR B 52 28.29 -2.51 13.93
N PRO B 53 28.12 -3.22 12.81
CA PRO B 53 26.80 -3.78 12.50
C PRO B 53 26.43 -5.02 13.31
N THR B 54 27.40 -5.69 13.93
CA THR B 54 27.07 -6.87 14.71
C THR B 54 26.12 -6.52 15.86
N ASN B 55 26.41 -5.42 16.54
CA ASN B 55 25.49 -4.89 17.54
C ASN B 55 25.03 -3.48 17.19
N GLY B 56 25.33 -2.99 16.00
CA GLY B 56 24.84 -1.70 15.54
C GLY B 56 25.32 -0.55 16.39
N TYR B 57 26.51 -0.64 16.95
CA TYR B 57 27.05 0.46 17.74
C TYR B 57 27.37 1.63 16.82
N THR B 58 26.99 2.82 17.24
CA THR B 58 27.17 4.00 16.42
C THR B 58 27.97 5.05 17.16
N ARG B 59 28.96 5.62 16.49
CA ARG B 59 29.69 6.77 17.00
C ARG B 59 29.83 7.79 15.89
N TYR B 60 29.58 9.05 16.21
CA TYR B 60 29.68 10.13 15.25
C TYR B 60 30.74 11.12 15.69
N ALA B 61 31.30 11.83 14.72
CA ALA B 61 32.17 12.95 15.04
C ALA B 61 31.36 14.05 15.70
N ASP B 62 32.06 14.89 16.47
CA ASP B 62 31.39 15.94 17.21
C ASP B 62 30.65 16.89 16.28
N SER B 63 31.30 17.30 15.19
CA SER B 63 30.72 18.32 14.33
C SER B 63 29.43 17.84 13.68
N VAL B 64 29.47 16.67 13.04
CA VAL B 64 28.28 16.14 12.38
C VAL B 64 27.30 15.53 13.37
N LYS B 65 27.64 15.48 14.64
CA LYS B 65 26.76 14.90 15.63
C LYS B 65 25.49 15.73 15.78
N GLY B 66 24.40 15.05 16.06
CA GLY B 66 23.09 15.67 16.19
C GLY B 66 22.28 15.61 14.93
N ARG B 67 22.92 15.78 13.78
CA ARG B 67 22.22 15.78 12.50
C ARG B 67 22.23 14.39 11.87
N PHE B 68 23.41 13.82 11.68
CA PHE B 68 23.55 12.56 10.97
C PHE B 68 22.95 11.42 11.78
N THR B 69 22.58 10.36 11.08
CA THR B 69 22.11 9.13 11.69
C THR B 69 22.58 7.97 10.83
N ILE B 70 22.83 6.83 11.47
CA ILE B 70 23.36 5.67 10.76
C ILE B 70 22.59 4.43 11.18
N SER B 71 22.64 3.42 10.32
CA SER B 71 21.99 2.13 10.58
C SER B 71 22.66 1.09 9.71
N ALA B 72 22.41 -0.18 10.02
CA ALA B 72 22.94 -1.27 9.22
C ALA B 72 22.03 -2.47 9.37
N ASP B 73 21.99 -3.29 8.31
CA ASP B 73 21.23 -4.53 8.31
C ASP B 73 22.16 -5.68 7.95
N THR B 74 22.34 -6.60 8.90
CA THR B 74 23.23 -7.73 8.69
C THR B 74 22.61 -8.74 7.72
N SER B 75 21.31 -8.98 7.84
CA SER B 75 20.63 -9.89 6.92
C SER B 75 20.75 -9.38 5.49
N LYS B 76 20.51 -8.09 5.29
CA LYS B 76 20.76 -7.49 3.99
C LYS B 76 22.24 -7.23 3.76
N ASN B 77 23.05 -7.27 4.82
CA ASN B 77 24.50 -7.13 4.73
C ASN B 77 24.88 -5.80 4.06
N THR B 78 24.39 -4.72 4.67
CA THR B 78 24.67 -3.39 4.14
C THR B 78 24.48 -2.37 5.25
N ALA B 79 24.78 -1.12 4.92
CA ALA B 79 24.68 -0.02 5.85
C ALA B 79 24.03 1.18 5.18
N TYR B 80 23.47 2.06 6.00
CA TYR B 80 22.83 3.27 5.51
C TYR B 80 23.21 4.43 6.42
N LEU B 81 23.48 5.57 5.80
CA LEU B 81 23.78 6.82 6.49
C LEU B 81 22.74 7.84 6.05
N GLN B 82 21.79 8.12 6.94
CA GLN B 82 20.76 9.12 6.70
C GLN B 82 21.25 10.46 7.24
N MET B 83 21.59 11.38 6.34
CA MET B 83 22.08 12.70 6.70
C MET B 83 20.92 13.68 6.70
N ASN B 84 20.79 14.42 7.80
CA ASN B 84 19.69 15.36 8.00
C ASN B 84 20.23 16.76 8.20
N SER B 85 19.42 17.75 7.80
CA SER B 85 19.77 19.16 7.92
C SER B 85 21.11 19.45 7.24
N LEU B 86 21.18 19.14 5.95
CA LEU B 86 22.42 19.32 5.20
C LEU B 86 22.83 20.78 5.15
N ARG B 87 24.14 21.01 5.18
CA ARG B 87 24.71 22.35 5.12
C ARG B 87 25.44 22.52 3.79
N ALA B 88 25.78 23.78 3.48
CA ALA B 88 26.48 24.07 2.23
C ALA B 88 27.85 23.43 2.22
N GLU B 89 28.56 23.45 3.35
CA GLU B 89 29.90 22.89 3.40
C GLU B 89 29.90 21.37 3.28
N ASP B 90 28.74 20.73 3.45
CA ASP B 90 28.67 19.28 3.38
C ASP B 90 28.98 18.73 2.01
N THR B 91 29.00 19.60 1.00
CA THR B 91 29.34 19.18 -0.35
C THR B 91 30.72 18.52 -0.36
N ALA B 92 30.76 17.23 -0.65
CA ALA B 92 31.99 16.46 -0.59
C ALA B 92 31.75 15.10 -1.19
N VAL B 93 32.80 14.30 -1.26
CA VAL B 93 32.71 12.94 -1.79
C VAL B 93 32.68 11.99 -0.60
N TYR B 94 31.55 11.34 -0.36
CA TYR B 94 31.42 10.43 0.75
C TYR B 94 31.93 9.04 0.38
N TYR B 95 32.62 8.40 1.33
CA TYR B 95 33.24 7.10 1.13
C TYR B 95 32.86 6.15 2.24
N CYS B 96 32.64 4.89 1.88
CA CYS B 96 32.36 3.82 2.82
C CYS B 96 33.57 2.89 2.90
N SER B 97 34.04 2.63 4.11
CA SER B 97 35.29 1.90 4.29
C SER B 97 35.12 0.81 5.35
N ARG B 98 35.98 -0.19 5.27
CA ARG B 98 35.90 -1.40 6.08
C ARG B 98 37.12 -1.50 6.98
N TRP B 99 37.20 -2.59 7.73
CA TRP B 99 38.35 -2.84 8.59
C TRP B 99 38.71 -4.32 8.57
N GLY B 100 39.81 -4.65 9.23
CA GLY B 100 40.37 -5.98 9.17
C GLY B 100 39.87 -6.90 10.26
N GLY B 101 38.74 -6.55 10.85
CA GLY B 101 38.10 -7.42 11.81
C GLY B 101 38.88 -7.53 13.10
N ASP B 102 40.05 -8.15 13.04
CA ASP B 102 40.87 -8.31 14.23
C ASP B 102 42.33 -8.25 13.82
N GLY B 103 43.16 -7.70 14.72
CA GLY B 103 44.57 -7.57 14.45
C GLY B 103 44.89 -6.65 13.31
N PHE B 104 43.91 -5.91 12.83
CA PHE B 104 44.04 -5.13 11.60
C PHE B 104 42.93 -4.10 11.63
N TYR B 105 43.28 -2.82 11.77
CA TYR B 105 42.27 -1.78 11.78
C TYR B 105 42.54 -0.75 10.70
N ALA B 106 43.22 -1.13 9.63
CA ALA B 106 43.45 -0.26 8.50
C ALA B 106 42.25 -0.29 7.57
N MET B 107 41.99 0.83 6.92
CA MET B 107 40.95 0.85 5.89
C MET B 107 41.48 0.14 4.66
N ASP B 108 41.57 -1.18 4.72
CA ASP B 108 42.12 -1.94 3.60
C ASP B 108 41.29 -1.75 2.34
N TYR B 109 39.97 -1.85 2.46
CA TYR B 109 39.06 -1.79 1.31
C TYR B 109 38.21 -0.54 1.43
N TRP B 110 38.16 0.23 0.35
CA TRP B 110 37.39 1.46 0.32
C TRP B 110 36.24 1.35 -0.66
N GLY B 111 35.25 2.22 -0.47
CA GLY B 111 34.20 2.39 -1.44
C GLY B 111 34.64 3.30 -2.57
N GLN B 112 33.73 3.48 -3.52
CA GLN B 112 34.04 4.27 -4.70
C GLN B 112 33.83 5.76 -4.48
N GLY B 113 32.93 6.14 -3.59
CA GLY B 113 32.65 7.54 -3.33
C GLY B 113 31.46 8.05 -4.12
N THR B 114 30.60 8.78 -3.42
CA THR B 114 29.44 9.41 -4.04
C THR B 114 29.44 10.90 -3.70
N LEU B 115 29.16 11.71 -4.70
CA LEU B 115 29.20 13.16 -4.53
C LEU B 115 27.92 13.66 -3.87
N VAL B 116 28.07 14.61 -2.96
CA VAL B 116 26.94 15.30 -2.36
C VAL B 116 27.17 16.79 -2.53
N THR B 117 26.30 17.44 -3.30
CA THR B 117 26.41 18.85 -3.62
C THR B 117 25.20 19.57 -3.08
N VAL B 118 25.43 20.52 -2.17
CA VAL B 118 24.37 21.31 -1.56
C VAL B 118 24.68 22.76 -1.89
N SER B 119 23.97 23.30 -2.90
CA SER B 119 24.22 24.68 -3.32
C SER B 119 22.95 25.46 -3.62
N SER B 120 21.77 24.85 -3.55
CA SER B 120 20.50 25.52 -3.85
C SER B 120 20.52 26.14 -5.24
N ALA B 121 21.07 25.42 -6.21
CA ALA B 121 21.16 25.91 -7.58
C ALA B 121 20.42 24.97 -8.52
N SER B 122 20.02 25.53 -9.66
CA SER B 122 19.23 24.79 -10.63
C SER B 122 20.07 23.74 -11.36
N THR B 123 19.38 22.77 -11.92
CA THR B 123 19.99 21.73 -12.75
C THR B 123 19.66 22.01 -14.21
N LYS B 124 20.71 22.17 -15.04
CA LYS B 124 20.53 22.53 -16.44
C LYS B 124 21.15 21.46 -17.31
N GLY B 125 20.38 20.98 -18.28
CA GLY B 125 20.87 20.04 -19.26
C GLY B 125 22.05 20.61 -20.02
N PRO B 126 23.12 19.83 -20.13
CA PRO B 126 24.31 20.32 -20.83
C PRO B 126 24.05 20.52 -22.32
N SER B 127 24.71 21.54 -22.87
CA SER B 127 24.64 21.87 -24.28
C SER B 127 25.96 21.49 -24.95
N VAL B 128 25.86 20.84 -26.09
CA VAL B 128 27.02 20.28 -26.77
C VAL B 128 27.29 21.06 -28.04
N PHE B 129 28.56 21.37 -28.28
CA PHE B 129 29.01 22.00 -29.52
C PHE B 129 30.21 21.21 -30.03
N PRO B 130 30.16 20.67 -31.25
CA PRO B 130 31.30 19.91 -31.77
C PRO B 130 32.38 20.84 -32.30
N LEU B 131 33.54 20.82 -31.66
CA LEU B 131 34.70 21.58 -32.11
C LEU B 131 35.49 20.68 -33.05
N ALA B 132 35.30 20.88 -34.35
CA ALA B 132 35.82 20.06 -35.44
C ALA B 132 37.30 20.32 -35.67
N PRO B 133 38.01 19.36 -36.28
CA PRO B 133 39.42 19.58 -36.62
C PRO B 133 39.58 20.53 -37.79
N SER B 134 39.99 21.75 -37.52
CA SER B 134 40.10 22.81 -38.52
C SER B 134 41.55 23.00 -38.96
N SER B 135 41.71 23.67 -40.10
CA SER B 135 43.03 23.95 -40.64
C SER B 135 43.77 25.03 -39.84
N LYS B 136 43.14 25.62 -38.85
CA LYS B 136 43.81 26.51 -37.91
C LYS B 136 44.19 25.81 -36.61
N SER B 137 43.64 24.64 -36.34
CA SER B 137 43.90 23.90 -35.11
C SER B 137 44.82 22.70 -35.32
N THR B 138 45.41 22.56 -36.51
CA THR B 138 46.25 21.41 -36.81
C THR B 138 47.60 21.53 -36.11
N SER B 139 48.13 20.38 -35.69
CA SER B 139 49.46 20.26 -35.11
C SER B 139 50.19 19.18 -35.91
N GLY B 140 50.78 19.56 -37.03
CA GLY B 140 51.46 18.60 -37.87
C GLY B 140 50.53 17.48 -38.30
N GLY B 141 50.94 16.25 -38.04
CA GLY B 141 50.13 15.09 -38.35
C GLY B 141 49.08 14.74 -37.33
N THR B 142 49.00 15.47 -36.22
CA THR B 142 48.00 15.23 -35.19
C THR B 142 46.96 16.32 -35.27
N ALA B 143 45.71 15.92 -35.51
CA ALA B 143 44.59 16.86 -35.60
C ALA B 143 43.78 16.77 -34.31
N ALA B 144 43.48 17.92 -33.74
CA ALA B 144 42.78 18.00 -32.47
C ALA B 144 41.32 18.34 -32.72
N LEU B 145 40.43 17.49 -32.22
CA LEU B 145 38.99 17.74 -32.29
C LEU B 145 38.43 17.57 -30.88
N GLY B 146 37.12 17.73 -30.74
CA GLY B 146 36.52 17.46 -29.46
C GLY B 146 35.10 18.00 -29.36
N CYS B 147 34.60 17.97 -28.13
CA CYS B 147 33.25 18.42 -27.84
C CYS B 147 33.28 19.37 -26.65
N LEU B 148 32.68 20.54 -26.83
CA LEU B 148 32.54 21.53 -25.77
C LEU B 148 31.15 21.35 -25.16
N VAL B 149 31.10 20.90 -23.92
CA VAL B 149 29.84 20.66 -23.23
C VAL B 149 29.72 21.67 -22.09
N LYS B 150 28.71 22.53 -22.16
CA LYS B 150 28.60 23.64 -21.24
C LYS B 150 27.25 23.62 -20.53
N ASP B 151 27.16 24.40 -19.46
CA ASP B 151 25.90 24.65 -18.77
C ASP B 151 25.30 23.36 -18.21
N TYR B 152 26.11 22.67 -17.41
CA TYR B 152 25.66 21.50 -16.67
C TYR B 152 25.94 21.70 -15.20
N PHE B 153 24.96 21.34 -14.39
CA PHE B 153 25.04 21.50 -12.94
C PHE B 153 24.05 20.55 -12.27
N PRO B 154 24.45 19.91 -11.17
CA PRO B 154 25.78 19.95 -10.54
C PRO B 154 26.79 19.10 -11.28
N GLU B 155 28.07 19.42 -11.17
CA GLU B 155 29.09 18.63 -11.82
C GLU B 155 29.16 17.24 -11.20
N PRO B 156 29.69 16.24 -11.92
CA PRO B 156 30.26 16.28 -13.27
C PRO B 156 29.33 15.74 -14.34
N VAL B 157 29.84 15.70 -15.57
CA VAL B 157 29.16 15.09 -16.70
C VAL B 157 30.10 14.07 -17.32
N THR B 158 29.67 12.81 -17.35
CA THR B 158 30.53 11.76 -17.88
C THR B 158 30.63 11.89 -19.40
N VAL B 159 31.84 12.03 -19.90
CA VAL B 159 32.10 12.18 -21.33
C VAL B 159 32.83 10.94 -21.83
N SER B 160 32.21 10.25 -22.78
CA SER B 160 32.76 8.99 -23.30
C SER B 160 32.99 9.12 -24.80
N TRP B 161 34.18 8.73 -25.25
CA TRP B 161 34.53 8.72 -26.66
C TRP B 161 34.62 7.26 -27.10
N ASN B 162 33.79 6.89 -28.09
CA ASN B 162 33.72 5.51 -28.58
C ASN B 162 33.45 4.54 -27.44
N SER B 163 32.55 4.94 -26.53
CA SER B 163 32.16 4.14 -25.38
C SER B 163 33.33 3.78 -24.48
N GLY B 164 34.40 4.58 -24.53
CA GLY B 164 35.56 4.35 -23.71
C GLY B 164 36.48 3.24 -24.18
N ALA B 165 36.20 2.64 -25.35
CA ALA B 165 37.03 1.55 -25.84
C ALA B 165 38.42 2.03 -26.23
N LEU B 166 38.51 3.24 -26.79
CA LEU B 166 39.78 3.84 -27.16
C LEU B 166 40.18 4.88 -26.13
N THR B 167 41.39 4.74 -25.58
CA THR B 167 41.85 5.63 -24.51
C THR B 167 43.10 6.42 -24.88
N SER B 168 43.65 6.22 -26.08
CA SER B 168 44.86 6.93 -26.47
C SER B 168 44.56 8.39 -26.75
N GLY B 169 45.41 9.28 -26.26
CA GLY B 169 45.23 10.71 -26.50
C GLY B 169 43.94 11.26 -25.93
N VAL B 170 43.59 10.86 -24.71
CA VAL B 170 42.37 11.32 -24.06
C VAL B 170 42.74 12.28 -22.95
N HIS B 171 42.15 13.48 -22.98
CA HIS B 171 42.43 14.53 -22.00
C HIS B 171 41.11 15.20 -21.64
N THR B 172 40.46 14.70 -20.60
CA THR B 172 39.29 15.34 -20.03
C THR B 172 39.74 16.45 -19.08
N PHE B 173 38.86 17.44 -18.92
CA PHE B 173 39.25 18.62 -18.16
C PHE B 173 38.30 18.89 -17.02
N PRO B 174 38.77 19.51 -15.93
CA PRO B 174 37.88 19.82 -14.81
C PRO B 174 36.82 20.83 -15.22
N ALA B 175 35.66 20.72 -14.58
CA ALA B 175 34.58 21.68 -14.79
C ALA B 175 34.87 22.96 -14.00
N VAL B 176 34.76 24.10 -14.66
CA VAL B 176 35.04 25.40 -14.07
C VAL B 176 33.72 26.10 -13.80
N LEU B 177 33.56 26.61 -12.58
CA LEU B 177 32.34 27.32 -12.22
C LEU B 177 32.24 28.62 -13.00
N GLN B 178 31.32 28.66 -13.97
CA GLN B 178 31.09 29.88 -14.72
C GLN B 178 30.41 30.92 -13.83
N SER B 179 30.47 32.18 -14.27
CA SER B 179 29.86 33.26 -13.49
C SER B 179 28.34 33.15 -13.45
N SER B 180 27.76 32.29 -14.28
CA SER B 180 26.32 32.03 -14.25
C SER B 180 25.95 30.88 -13.33
N GLY B 181 26.90 30.35 -12.57
CA GLY B 181 26.61 29.22 -11.70
C GLY B 181 26.57 27.88 -12.39
N LEU B 182 27.26 27.76 -13.53
CA LEU B 182 27.27 26.52 -14.31
C LEU B 182 28.71 26.10 -14.58
N TYR B 183 28.85 24.90 -15.12
CA TYR B 183 30.16 24.33 -15.40
C TYR B 183 30.31 24.02 -16.88
N SER B 184 31.56 23.99 -17.33
CA SER B 184 31.88 23.77 -18.73
C SER B 184 33.09 22.87 -18.85
N LEU B 185 33.08 22.00 -19.85
CA LEU B 185 34.21 21.11 -20.11
C LEU B 185 34.50 21.09 -21.60
N SER B 186 35.75 20.80 -21.92
CA SER B 186 36.23 20.74 -23.30
C SER B 186 36.88 19.38 -23.51
N SER B 187 36.08 18.36 -23.82
CA SER B 187 36.62 17.03 -24.06
C SER B 187 37.31 17.01 -25.41
N VAL B 188 38.64 17.15 -25.39
CA VAL B 188 39.43 17.31 -26.61
C VAL B 188 40.33 16.10 -26.77
N VAL B 189 40.39 15.57 -27.98
CA VAL B 189 41.26 14.46 -28.32
C VAL B 189 42.09 14.83 -29.53
N THR B 190 43.22 14.15 -29.70
CA THR B 190 44.10 14.33 -30.84
C THR B 190 44.25 13.01 -31.56
N VAL B 191 44.12 13.04 -32.88
CA VAL B 191 44.11 11.81 -33.68
C VAL B 191 45.11 11.93 -34.81
N PRO B 192 45.64 10.80 -35.29
CA PRO B 192 46.62 10.86 -36.38
C PRO B 192 46.01 11.37 -37.67
N SER B 193 46.89 11.80 -38.58
CA SER B 193 46.44 12.42 -39.83
C SER B 193 45.67 11.42 -40.70
N SER B 194 46.14 10.18 -40.78
CA SER B 194 45.46 9.20 -41.64
C SER B 194 44.18 8.66 -41.01
N SER B 195 44.05 8.76 -39.69
CA SER B 195 42.85 8.26 -39.02
C SER B 195 41.62 9.04 -39.46
N LEU B 196 41.73 10.35 -39.60
CA LEU B 196 40.62 11.16 -40.08
C LEU B 196 40.29 10.82 -41.53
N GLY B 197 39.03 11.05 -41.89
CA GLY B 197 38.55 10.71 -43.21
C GLY B 197 38.14 9.26 -43.38
N THR B 198 38.26 8.44 -42.34
CA THR B 198 37.82 7.05 -42.41
C THR B 198 37.00 6.60 -41.22
N GLN B 199 37.01 7.32 -40.10
CA GLN B 199 36.22 6.94 -38.93
C GLN B 199 35.90 8.22 -38.17
N THR B 200 34.65 8.66 -38.26
CA THR B 200 34.20 9.81 -37.49
C THR B 200 34.21 9.48 -35.99
N TYR B 201 34.42 10.51 -35.18
CA TYR B 201 34.56 10.34 -33.74
C TYR B 201 33.29 10.78 -33.04
N ILE B 202 32.96 10.07 -31.96
CA ILE B 202 31.67 10.21 -31.26
C ILE B 202 31.95 10.57 -29.81
N CYS B 203 31.28 11.60 -29.32
CA CYS B 203 31.33 12.00 -27.92
C CYS B 203 29.94 11.88 -27.32
N ASN B 204 29.84 11.21 -26.17
CA ASN B 204 28.59 11.03 -25.46
C ASN B 204 28.73 11.75 -24.11
N VAL B 205 27.86 12.73 -23.89
CA VAL B 205 27.83 13.49 -22.66
C VAL B 205 26.61 13.04 -21.85
N ASN B 206 26.85 12.69 -20.59
CA ASN B 206 25.79 12.22 -19.71
C ASN B 206 25.79 13.04 -18.44
N HIS B 207 24.65 13.67 -18.16
CA HIS B 207 24.45 14.48 -16.96
C HIS B 207 23.29 13.85 -16.18
N LYS B 208 23.63 13.02 -15.20
CA LYS B 208 22.61 12.29 -14.46
C LYS B 208 21.63 13.20 -13.72
N PRO B 209 22.05 14.27 -13.04
CA PRO B 209 21.05 15.13 -12.38
C PRO B 209 20.00 15.68 -13.34
N SER B 210 20.40 16.02 -14.57
CA SER B 210 19.43 16.38 -15.59
C SER B 210 19.00 15.19 -16.43
N ASN B 211 19.60 14.01 -16.21
CA ASN B 211 19.31 12.81 -16.99
C ASN B 211 19.47 13.05 -18.49
N THR B 212 20.49 13.82 -18.85
CA THR B 212 20.68 14.24 -20.24
C THR B 212 21.80 13.43 -20.87
N LYS B 213 21.45 12.59 -21.83
CA LYS B 213 22.41 11.77 -22.57
C LYS B 213 22.39 12.22 -24.03
N VAL B 214 23.45 12.89 -24.45
CA VAL B 214 23.56 13.47 -25.78
C VAL B 214 24.74 12.86 -26.49
N ASP B 215 24.52 12.34 -27.69
CA ASP B 215 25.58 11.82 -28.52
C ASP B 215 25.79 12.74 -29.72
N LYS B 216 27.05 13.08 -29.98
CA LYS B 216 27.39 13.97 -31.08
C LYS B 216 28.61 13.43 -31.81
N LYS B 217 28.71 13.80 -33.09
CA LYS B 217 29.78 13.38 -33.96
C LYS B 217 30.63 14.60 -34.31
N VAL B 218 31.94 14.41 -34.33
CA VAL B 218 32.88 15.43 -34.77
C VAL B 218 33.45 14.99 -36.11
N GLU B 219 32.94 15.56 -37.18
CA GLU B 219 33.33 15.20 -38.54
C GLU B 219 33.60 16.47 -39.32
N PRO B 220 34.49 16.41 -40.32
CA PRO B 220 34.83 17.56 -41.17
C PRO B 220 33.62 18.21 -41.83
N ASP C 1 -6.60 4.29 -23.18
CA ASP C 1 -7.29 3.17 -23.79
C ASP C 1 -6.35 1.99 -23.95
N ILE C 2 -5.89 1.46 -22.82
CA ILE C 2 -4.91 0.39 -22.81
C ILE C 2 -5.54 -0.90 -23.31
N GLN C 3 -5.33 -1.22 -24.58
CA GLN C 3 -5.90 -2.42 -25.19
C GLN C 3 -5.13 -3.63 -24.65
N MET C 4 -5.59 -4.15 -23.52
CA MET C 4 -4.91 -5.24 -22.84
C MET C 4 -5.32 -6.56 -23.47
N THR C 5 -4.43 -7.14 -24.27
CA THR C 5 -4.72 -8.34 -25.05
C THR C 5 -4.13 -9.58 -24.40
N GLN C 6 -4.66 -10.73 -24.81
CA GLN C 6 -4.26 -12.01 -24.23
C GLN C 6 -4.20 -13.07 -25.31
N SER C 7 -3.48 -14.14 -24.99
CA SER C 7 -3.28 -15.26 -25.88
C SER C 7 -3.07 -16.50 -25.03
N PRO C 8 -3.37 -17.69 -25.56
CA PRO C 8 -3.91 -17.98 -26.89
C PRO C 8 -5.39 -17.69 -26.91
N SER C 9 -6.05 -17.67 -28.06
CA SER C 9 -7.50 -17.55 -28.06
C SER C 9 -8.14 -18.75 -27.36
N SER C 10 -7.61 -19.95 -27.59
CA SER C 10 -8.08 -21.15 -26.90
C SER C 10 -6.90 -21.92 -26.39
N LEU C 11 -7.07 -22.57 -25.24
CA LEU C 11 -6.02 -23.36 -24.60
C LEU C 11 -6.62 -24.73 -24.25
N SER C 12 -6.60 -25.63 -25.22
CA SER C 12 -7.13 -26.97 -25.01
C SER C 12 -6.07 -27.85 -24.39
N ALA C 13 -6.36 -28.39 -23.20
CA ALA C 13 -5.37 -29.17 -22.47
C ALA C 13 -6.08 -30.07 -21.48
N SER C 14 -5.64 -31.32 -21.42
CA SER C 14 -6.28 -32.31 -20.56
C SER C 14 -5.89 -32.05 -19.11
N VAL C 15 -6.36 -32.92 -18.22
CA VAL C 15 -6.21 -32.73 -16.78
C VAL C 15 -4.77 -33.03 -16.38
N GLY C 16 -4.26 -32.23 -15.45
CA GLY C 16 -2.95 -32.51 -14.87
C GLY C 16 -1.80 -32.26 -15.82
N ASP C 17 -1.54 -31.01 -16.15
CA ASP C 17 -0.46 -30.66 -17.06
C ASP C 17 -0.03 -29.23 -16.77
N ARG C 18 0.82 -28.68 -17.65
CA ARG C 18 1.34 -27.33 -17.51
C ARG C 18 1.03 -26.54 -18.76
N VAL C 19 0.33 -25.42 -18.60
CA VAL C 19 -0.02 -24.53 -19.70
C VAL C 19 0.12 -23.09 -19.24
N THR C 20 0.21 -22.17 -20.21
CA THR C 20 0.45 -20.76 -19.94
C THR C 20 -0.54 -19.89 -20.67
N ILE C 21 -0.87 -18.75 -20.04
CA ILE C 21 -1.77 -17.75 -20.59
C ILE C 21 -1.06 -16.41 -20.54
N THR C 22 -0.91 -15.75 -21.69
CA THR C 22 -0.11 -14.55 -21.84
C THR C 22 -1.00 -13.32 -21.96
N CYS C 23 -0.73 -12.31 -21.13
CA CYS C 23 -1.39 -11.02 -21.19
C CYS C 23 -0.35 -9.97 -21.50
N LYS C 24 -0.57 -9.22 -22.58
CA LYS C 24 0.32 -8.16 -23.01
C LYS C 24 -0.49 -6.89 -23.20
N ALA C 25 0.01 -5.79 -22.67
CA ALA C 25 -0.71 -4.53 -22.61
C ALA C 25 -0.38 -3.66 -23.82
N SER C 26 -1.24 -2.67 -24.04
CA SER C 26 -0.97 -1.66 -25.06
C SER C 26 0.22 -0.80 -24.68
N GLN C 27 0.33 -0.44 -23.41
CA GLN C 27 1.41 0.40 -22.92
C GLN C 27 2.12 -0.31 -21.76
N ASP C 28 3.03 0.41 -21.12
CA ASP C 28 3.85 -0.13 -20.05
C ASP C 28 3.21 0.17 -18.71
N VAL C 29 3.04 -0.86 -17.89
CA VAL C 29 2.55 -0.72 -16.53
C VAL C 29 3.46 -1.51 -15.62
N SER C 30 3.90 -0.89 -14.52
CA SER C 30 4.85 -1.56 -13.64
C SER C 30 4.23 -2.83 -13.05
N ILE C 31 3.19 -2.66 -12.23
CA ILE C 31 2.44 -3.79 -11.73
C ILE C 31 0.98 -3.37 -11.62
N GLY C 32 0.18 -3.71 -12.63
CA GLY C 32 -1.19 -3.28 -12.63
C GLY C 32 -2.15 -4.36 -13.10
N VAL C 33 -1.80 -5.61 -12.85
CA VAL C 33 -2.53 -6.73 -13.42
C VAL C 33 -3.48 -7.30 -12.40
N ALA C 34 -4.71 -7.56 -12.82
CA ALA C 34 -5.69 -8.30 -12.03
C ALA C 34 -6.25 -9.37 -12.93
N TRP C 35 -5.95 -10.63 -12.62
CA TRP C 35 -6.39 -11.76 -13.40
C TRP C 35 -7.70 -12.28 -12.83
N TYR C 36 -8.68 -12.49 -13.71
CA TYR C 36 -10.00 -12.97 -13.34
C TYR C 36 -10.27 -14.32 -13.99
N GLN C 37 -10.95 -15.18 -13.24
CA GLN C 37 -11.50 -16.44 -13.75
C GLN C 37 -13.01 -16.34 -13.77
N GLN C 38 -13.63 -16.61 -14.91
CA GLN C 38 -15.08 -16.56 -14.98
C GLN C 38 -15.63 -17.91 -15.35
N LYS C 39 -16.66 -18.35 -14.63
CA LYS C 39 -17.40 -19.55 -14.95
C LYS C 39 -18.42 -19.26 -16.05
N PRO C 40 -18.86 -20.28 -16.76
CA PRO C 40 -19.78 -20.04 -17.87
C PRO C 40 -21.21 -19.79 -17.41
N GLY C 41 -21.48 -18.59 -16.93
CA GLY C 41 -22.85 -18.21 -16.59
C GLY C 41 -23.04 -17.73 -15.17
N LYS C 42 -21.96 -17.29 -14.53
CA LYS C 42 -22.02 -16.81 -13.16
C LYS C 42 -21.09 -15.61 -13.00
N ALA C 43 -20.91 -15.20 -11.75
CA ALA C 43 -20.11 -14.02 -11.49
C ALA C 43 -18.63 -14.33 -11.67
N PRO C 44 -17.88 -13.45 -12.32
CA PRO C 44 -16.43 -13.60 -12.36
C PRO C 44 -15.86 -13.60 -10.97
N LYS C 45 -14.78 -14.34 -10.78
CA LYS C 45 -14.09 -14.42 -9.50
C LYS C 45 -12.70 -13.83 -9.63
N LEU C 46 -12.38 -12.90 -8.75
CA LEU C 46 -11.05 -12.35 -8.69
C LEU C 46 -10.05 -13.47 -8.45
N LEU C 47 -8.96 -13.47 -9.21
CA LEU C 47 -7.94 -14.48 -9.04
C LEU C 47 -6.58 -13.93 -8.61
N ILE C 48 -6.04 -12.98 -9.34
CA ILE C 48 -4.69 -12.50 -9.09
C ILE C 48 -4.69 -10.98 -9.06
N TYR C 49 -3.92 -10.42 -8.13
CA TYR C 49 -3.64 -8.99 -8.13
C TYR C 49 -2.14 -8.78 -8.00
N SER C 50 -1.66 -7.68 -8.59
CA SER C 50 -0.24 -7.34 -8.68
C SER C 50 0.54 -8.37 -9.49
N ALA C 51 -0.18 -9.21 -10.24
CA ALA C 51 0.37 -10.10 -11.25
C ALA C 51 1.13 -11.28 -10.65
N SER C 52 1.33 -11.29 -9.37
CA SER C 52 2.11 -12.38 -8.80
C SER C 52 1.45 -13.02 -7.59
N TYR C 53 0.80 -12.23 -6.76
CA TYR C 53 0.27 -12.72 -5.49
C TYR C 53 -1.14 -13.27 -5.70
N ARG C 54 -1.39 -14.43 -5.11
CA ARG C 54 -2.69 -15.06 -5.26
C ARG C 54 -3.69 -14.41 -4.33
N TYR C 55 -4.92 -14.27 -4.81
CA TYR C 55 -5.99 -13.76 -3.97
C TYR C 55 -6.23 -14.72 -2.81
N THR C 56 -6.74 -14.19 -1.70
CA THR C 56 -7.01 -14.99 -0.53
C THR C 56 -8.01 -16.09 -0.85
N GLY C 57 -7.67 -17.32 -0.47
CA GLY C 57 -8.55 -18.45 -0.69
C GLY C 57 -8.41 -19.13 -2.03
N VAL C 58 -7.75 -18.51 -2.99
CA VAL C 58 -7.65 -19.09 -4.34
C VAL C 58 -6.65 -20.24 -4.31
N PRO C 59 -6.96 -21.39 -4.91
CA PRO C 59 -6.04 -22.52 -4.85
C PRO C 59 -4.70 -22.19 -5.46
N SER C 60 -3.64 -22.71 -4.84
CA SER C 60 -2.27 -22.43 -5.23
C SER C 60 -1.81 -23.30 -6.38
N ARG C 61 -2.74 -23.91 -7.12
CA ARG C 61 -2.35 -24.76 -8.23
C ARG C 61 -1.63 -23.97 -9.31
N PHE C 62 -1.69 -22.64 -9.26
CA PHE C 62 -1.06 -21.81 -10.27
C PHE C 62 -0.88 -20.42 -9.71
N SER C 63 0.05 -19.68 -10.31
CA SER C 63 0.25 -18.28 -9.95
C SER C 63 1.02 -17.60 -11.06
N GLY C 64 0.46 -16.52 -11.58
CA GLY C 64 1.08 -15.79 -12.65
C GLY C 64 2.30 -15.02 -12.18
N SER C 65 2.90 -14.32 -13.13
CA SER C 65 4.08 -13.51 -12.88
C SER C 65 4.21 -12.53 -14.03
N GLY C 66 5.25 -11.72 -13.98
CA GLY C 66 5.52 -10.75 -15.02
C GLY C 66 5.34 -9.34 -14.52
N SER C 67 5.59 -8.41 -15.45
CA SER C 67 5.47 -6.99 -15.17
C SER C 67 5.60 -6.20 -16.46
N GLY C 68 5.73 -4.88 -16.37
CA GLY C 68 5.98 -4.08 -17.54
C GLY C 68 4.88 -4.18 -18.57
N THR C 69 5.13 -4.96 -19.61
CA THR C 69 4.12 -5.27 -20.61
C THR C 69 4.21 -6.74 -21.00
N ASP C 70 4.32 -7.62 -20.00
CA ASP C 70 4.25 -9.06 -20.23
C ASP C 70 3.92 -9.72 -18.91
N PHE C 71 2.81 -10.47 -18.89
CA PHE C 71 2.38 -11.17 -17.69
C PHE C 71 1.81 -12.51 -18.10
N THR C 72 1.84 -13.47 -17.18
CA THR C 72 1.51 -14.84 -17.53
C THR C 72 0.86 -15.55 -16.36
N LEU C 73 -0.06 -16.45 -16.66
CA LEU C 73 -0.59 -17.37 -15.67
C LEU C 73 -0.22 -18.79 -16.08
N THR C 74 0.44 -19.51 -15.16
CA THR C 74 1.03 -20.82 -15.43
C THR C 74 0.34 -21.87 -14.58
N ILE C 75 -0.41 -22.74 -15.24
CA ILE C 75 -1.07 -23.86 -14.55
C ILE C 75 -0.03 -24.90 -14.20
N SER C 76 -0.08 -25.42 -12.98
CA SER C 76 0.78 -26.51 -12.57
C SER C 76 0.14 -27.87 -12.81
N SER C 77 -1.12 -28.03 -12.41
CA SER C 77 -1.84 -29.29 -12.58
C SER C 77 -3.30 -28.95 -12.83
N LEU C 78 -3.69 -28.89 -14.10
CA LEU C 78 -5.06 -28.60 -14.45
C LEU C 78 -5.98 -29.71 -13.94
N GLN C 79 -7.18 -29.32 -13.56
CA GLN C 79 -8.18 -30.20 -12.96
C GLN C 79 -9.52 -29.94 -13.62
N PRO C 80 -10.50 -30.82 -13.45
CA PRO C 80 -11.79 -30.61 -14.12
C PRO C 80 -12.47 -29.31 -13.73
N GLU C 81 -12.20 -28.79 -12.53
CA GLU C 81 -12.90 -27.62 -12.03
C GLU C 81 -12.38 -26.31 -12.60
N ASP C 82 -11.27 -26.32 -13.31
CA ASP C 82 -10.64 -25.08 -13.77
C ASP C 82 -10.77 -24.95 -15.28
N PHE C 83 -11.88 -25.39 -15.83
CA PHE C 83 -12.15 -25.28 -17.26
C PHE C 83 -13.16 -24.16 -17.47
N ALA C 84 -12.65 -22.94 -17.58
CA ALA C 84 -13.52 -21.77 -17.69
C ALA C 84 -12.73 -20.63 -18.30
N THR C 85 -13.44 -19.53 -18.55
CA THR C 85 -12.81 -18.41 -19.23
C THR C 85 -11.86 -17.69 -18.28
N TYR C 86 -10.89 -16.99 -18.84
CA TYR C 86 -10.00 -16.15 -18.04
C TYR C 86 -9.74 -14.81 -18.73
N TYR C 87 -9.38 -13.81 -17.93
CA TYR C 87 -9.02 -12.49 -18.45
C TYR C 87 -7.99 -11.83 -17.55
N CYS C 88 -7.43 -10.73 -18.06
CA CYS C 88 -6.65 -9.79 -17.28
C CYS C 88 -7.28 -8.41 -17.37
N GLN C 89 -7.01 -7.57 -16.37
CA GLN C 89 -7.43 -6.18 -16.40
C GLN C 89 -6.37 -5.32 -15.74
N GLN C 90 -6.03 -4.20 -16.37
CA GLN C 90 -4.97 -3.32 -15.89
C GLN C 90 -5.59 -2.22 -15.05
N TYR C 91 -5.28 -2.21 -13.76
CA TYR C 91 -5.78 -1.15 -12.88
C TYR C 91 -4.72 -0.09 -12.65
N TYR C 92 -4.23 0.49 -13.74
CA TYR C 92 -3.17 1.48 -13.66
C TYR C 92 -3.57 2.85 -14.17
N ILE C 93 -4.13 2.92 -15.38
CA ILE C 93 -4.40 4.17 -16.04
C ILE C 93 -5.87 4.19 -16.46
N TYR C 94 -6.34 5.38 -16.82
CA TYR C 94 -7.68 5.51 -17.35
C TYR C 94 -7.79 4.73 -18.66
N PRO C 95 -8.91 4.05 -18.90
CA PRO C 95 -10.08 3.88 -18.03
C PRO C 95 -10.25 2.47 -17.46
N TYR C 96 -9.18 1.72 -17.21
CA TYR C 96 -9.26 0.43 -16.51
C TYR C 96 -10.14 -0.56 -17.27
N THR C 97 -9.58 -1.07 -18.36
CA THR C 97 -10.24 -2.05 -19.19
C THR C 97 -9.73 -3.47 -18.90
N PHE C 98 -10.54 -4.46 -19.30
CA PHE C 98 -10.26 -5.87 -19.06
C PHE C 98 -9.63 -6.50 -20.30
N GLY C 99 -9.46 -7.82 -20.26
CA GLY C 99 -8.86 -8.58 -21.34
C GLY C 99 -9.85 -8.94 -22.42
N GLN C 100 -9.65 -10.12 -23.03
CA GLN C 100 -10.56 -10.54 -24.08
C GLN C 100 -11.02 -11.99 -23.93
N GLY C 101 -10.22 -12.84 -23.29
CA GLY C 101 -10.62 -14.22 -23.03
C GLY C 101 -9.69 -15.32 -23.53
N THR C 102 -9.54 -16.36 -22.71
CA THR C 102 -8.70 -17.52 -23.05
C THR C 102 -9.33 -18.75 -22.40
N LYS C 103 -10.08 -19.53 -23.16
CA LYS C 103 -10.77 -20.67 -22.61
C LYS C 103 -9.80 -21.80 -22.33
N VAL C 104 -10.26 -22.80 -21.57
CA VAL C 104 -9.48 -23.98 -21.26
C VAL C 104 -10.35 -25.21 -21.46
N GLU C 105 -9.85 -26.18 -22.23
CA GLU C 105 -10.60 -27.39 -22.54
C GLU C 105 -9.68 -28.60 -22.46
N ILE C 106 -10.23 -29.72 -22.01
CA ILE C 106 -9.46 -30.95 -21.89
C ILE C 106 -9.28 -31.56 -23.27
N LYS C 107 -8.06 -31.94 -23.60
CA LYS C 107 -7.83 -32.60 -24.88
C LYS C 107 -8.15 -34.08 -24.80
N ARG C 108 -8.50 -34.65 -25.94
CA ARG C 108 -8.97 -36.02 -26.03
C ARG C 108 -8.77 -36.49 -27.48
N THR C 109 -9.51 -37.52 -27.87
CA THR C 109 -9.54 -37.98 -29.25
C THR C 109 -9.91 -36.84 -30.18
N VAL C 110 -9.67 -37.06 -31.47
CA VAL C 110 -9.90 -36.05 -32.50
C VAL C 110 -11.01 -36.53 -33.42
N ALA C 111 -11.98 -37.23 -32.82
CA ALA C 111 -13.03 -37.91 -33.56
C ALA C 111 -13.64 -37.04 -34.65
N ALA C 112 -13.93 -37.66 -35.77
CA ALA C 112 -14.54 -36.98 -36.89
C ALA C 112 -15.97 -36.58 -36.55
N PRO C 113 -16.47 -35.52 -37.17
CA PRO C 113 -17.85 -35.11 -36.94
C PRO C 113 -18.84 -36.10 -37.55
N SER C 114 -19.92 -36.35 -36.82
CA SER C 114 -21.06 -37.06 -37.37
C SER C 114 -21.98 -36.01 -37.98
N VAL C 115 -21.92 -35.86 -39.31
CA VAL C 115 -22.53 -34.74 -40.00
C VAL C 115 -23.79 -35.20 -40.69
N PHE C 116 -24.86 -34.43 -40.51
CA PHE C 116 -26.13 -34.67 -41.19
C PHE C 116 -26.64 -33.36 -41.77
N ILE C 117 -27.49 -33.46 -42.79
CA ILE C 117 -28.04 -32.29 -43.46
C ILE C 117 -29.56 -32.43 -43.44
N PHE C 118 -30.23 -31.30 -43.62
CA PHE C 118 -31.68 -31.26 -43.62
C PHE C 118 -32.17 -30.36 -44.75
N PRO C 119 -33.37 -30.60 -45.26
CA PRO C 119 -34.05 -29.60 -46.08
C PRO C 119 -35.03 -28.80 -45.24
N PRO C 120 -35.49 -27.65 -45.75
CA PRO C 120 -36.47 -26.86 -45.00
C PRO C 120 -37.79 -27.60 -44.83
N SER C 121 -38.47 -27.31 -43.74
CA SER C 121 -39.78 -27.90 -43.48
C SER C 121 -40.87 -27.10 -44.17
N ASP C 122 -41.82 -27.80 -44.79
CA ASP C 122 -42.86 -27.13 -45.56
C ASP C 122 -43.79 -26.29 -44.69
N GLU C 123 -43.83 -26.53 -43.38
CA GLU C 123 -44.63 -25.69 -42.50
C GLU C 123 -44.15 -24.25 -42.52
N GLN C 124 -42.83 -24.04 -42.60
CA GLN C 124 -42.33 -22.69 -42.84
C GLN C 124 -42.53 -22.27 -44.28
N LEU C 125 -42.55 -23.22 -45.22
CA LEU C 125 -42.77 -22.87 -46.62
C LEU C 125 -44.13 -22.22 -46.81
N LYS C 126 -45.16 -22.78 -46.19
CA LYS C 126 -46.46 -22.13 -46.21
C LYS C 126 -46.50 -20.87 -45.34
N SER C 127 -45.53 -20.70 -44.46
CA SER C 127 -45.42 -19.51 -43.63
C SER C 127 -44.50 -18.45 -44.24
N GLY C 128 -44.08 -18.64 -45.48
CA GLY C 128 -43.31 -17.63 -46.18
C GLY C 128 -41.91 -17.40 -45.66
N THR C 129 -41.19 -18.46 -45.29
CA THR C 129 -39.81 -18.37 -44.84
C THR C 129 -39.04 -19.53 -45.44
N ALA C 130 -37.79 -19.68 -45.02
CA ALA C 130 -37.01 -20.86 -45.36
C ALA C 130 -35.86 -20.99 -44.38
N SER C 131 -35.67 -22.19 -43.83
CA SER C 131 -34.55 -22.44 -42.94
C SER C 131 -33.90 -23.76 -43.34
N VAL C 132 -32.58 -23.73 -43.50
CA VAL C 132 -31.79 -24.92 -43.80
C VAL C 132 -30.98 -25.26 -42.56
N VAL C 133 -31.04 -26.51 -42.13
CA VAL C 133 -30.41 -26.93 -40.88
C VAL C 133 -29.31 -27.94 -41.19
N CYS C 134 -28.11 -27.64 -40.72
CA CYS C 134 -26.99 -28.57 -40.83
C CYS C 134 -26.54 -28.94 -39.42
N LEU C 135 -26.32 -30.21 -39.18
CA LEU C 135 -25.94 -30.69 -37.87
C LEU C 135 -24.61 -31.40 -37.92
N LEU C 136 -23.76 -31.19 -36.91
CA LEU C 136 -22.50 -31.90 -36.80
C LEU C 136 -22.30 -32.26 -35.34
N ASN C 137 -22.42 -33.53 -35.02
CA ASN C 137 -22.45 -33.99 -33.63
C ASN C 137 -21.18 -34.72 -33.27
N ASN C 138 -20.76 -34.55 -32.02
CA ASN C 138 -19.79 -35.41 -31.34
C ASN C 138 -18.45 -35.45 -32.08
N PHE C 139 -17.79 -34.29 -32.09
CA PHE C 139 -16.44 -34.20 -32.63
C PHE C 139 -15.59 -33.30 -31.75
N TYR C 140 -14.29 -33.54 -31.80
CA TYR C 140 -13.30 -32.76 -31.09
C TYR C 140 -12.19 -32.45 -32.06
N PRO C 141 -11.56 -31.28 -31.96
CA PRO C 141 -11.81 -30.18 -31.03
C PRO C 141 -12.77 -29.14 -31.58
N ARG C 142 -12.76 -27.96 -30.96
CA ARG C 142 -13.56 -26.83 -31.41
C ARG C 142 -13.02 -26.21 -32.70
N GLU C 143 -11.84 -26.63 -33.15
CA GLU C 143 -11.22 -26.06 -34.34
C GLU C 143 -12.12 -26.16 -35.56
N ALA C 144 -13.02 -27.14 -35.58
CA ALA C 144 -13.82 -27.42 -36.76
C ALA C 144 -14.64 -26.20 -37.15
N LYS C 145 -14.35 -25.65 -38.32
CA LYS C 145 -15.20 -24.67 -38.96
C LYS C 145 -16.01 -25.33 -40.06
N VAL C 146 -17.18 -24.77 -40.34
CA VAL C 146 -18.07 -25.28 -41.37
C VAL C 146 -18.15 -24.27 -42.49
N GLN C 147 -17.92 -24.75 -43.70
CA GLN C 147 -18.14 -23.97 -44.91
C GLN C 147 -19.50 -24.37 -45.47
N TRP C 148 -20.39 -23.40 -45.60
CA TRP C 148 -21.72 -23.65 -46.10
C TRP C 148 -21.67 -23.57 -47.62
N LYS C 149 -21.69 -24.72 -48.27
CA LYS C 149 -21.62 -24.78 -49.72
C LYS C 149 -23.01 -24.64 -50.31
N VAL C 150 -23.17 -23.70 -51.23
CA VAL C 150 -24.39 -23.50 -51.99
C VAL C 150 -24.01 -23.61 -53.46
N ASP C 151 -24.25 -24.79 -54.04
CA ASP C 151 -23.86 -25.10 -55.43
C ASP C 151 -22.35 -24.98 -55.52
N ASN C 152 -21.80 -24.34 -56.55
CA ASN C 152 -20.37 -24.29 -56.76
C ASN C 152 -19.71 -23.12 -56.02
N ALA C 153 -20.48 -22.40 -55.22
CA ALA C 153 -19.95 -21.26 -54.50
C ALA C 153 -20.58 -21.22 -53.12
N LEU C 154 -20.45 -20.08 -52.45
CA LEU C 154 -21.03 -19.88 -51.13
C LEU C 154 -21.23 -18.40 -50.92
N GLN C 155 -22.04 -18.07 -49.90
CA GLN C 155 -22.29 -16.68 -49.57
C GLN C 155 -21.99 -16.43 -48.09
N SER C 156 -22.37 -15.26 -47.59
CA SER C 156 -22.14 -14.94 -46.19
C SER C 156 -23.30 -14.11 -45.68
N GLY C 157 -23.46 -14.11 -44.36
CA GLY C 157 -24.46 -13.31 -43.69
C GLY C 157 -25.76 -14.04 -43.38
N ASN C 158 -26.03 -15.15 -44.07
CA ASN C 158 -27.25 -15.92 -43.82
C ASN C 158 -27.01 -17.09 -42.89
N SER C 159 -25.80 -17.29 -42.41
CA SER C 159 -25.45 -18.45 -41.61
C SER C 159 -25.32 -18.04 -40.15
N GLN C 160 -26.12 -18.65 -39.29
CA GLN C 160 -25.99 -18.52 -37.85
C GLN C 160 -25.50 -19.84 -37.29
N GLU C 161 -24.32 -19.83 -36.68
CA GLU C 161 -23.67 -21.03 -36.17
C GLU C 161 -23.88 -21.10 -34.67
N SER C 162 -24.61 -22.10 -34.21
CA SER C 162 -24.93 -22.26 -32.80
C SER C 162 -24.17 -23.47 -32.26
N VAL C 163 -23.33 -23.24 -31.26
CA VAL C 163 -22.48 -24.27 -30.71
C VAL C 163 -22.83 -24.45 -29.24
N THR C 164 -23.03 -25.70 -28.83
CA THR C 164 -23.12 -25.97 -27.42
C THR C 164 -21.76 -25.84 -26.77
N GLU C 165 -21.73 -26.04 -25.46
CA GLU C 165 -20.48 -25.99 -24.71
C GLU C 165 -19.77 -27.35 -24.81
N GLN C 166 -18.65 -27.47 -24.08
CA GLN C 166 -17.93 -28.73 -23.99
C GLN C 166 -18.78 -29.72 -23.21
N ASP C 167 -19.17 -30.82 -23.86
CA ASP C 167 -20.11 -31.74 -23.24
C ASP C 167 -19.49 -32.41 -22.01
N SER C 168 -20.37 -32.88 -21.14
CA SER C 168 -19.90 -33.42 -19.86
C SER C 168 -19.19 -34.75 -20.04
N LYS C 169 -19.91 -35.77 -20.51
CA LYS C 169 -19.35 -37.11 -20.55
C LYS C 169 -18.41 -37.29 -21.75
N ASP C 170 -18.95 -37.19 -22.96
CA ASP C 170 -18.13 -37.42 -24.14
C ASP C 170 -17.07 -36.35 -24.32
N SER C 171 -17.34 -35.13 -23.84
CA SER C 171 -16.43 -34.00 -23.98
C SER C 171 -16.10 -33.73 -25.44
N THR C 172 -17.10 -33.84 -26.30
CA THR C 172 -16.99 -33.40 -27.68
C THR C 172 -17.64 -32.04 -27.83
N TYR C 173 -17.76 -31.57 -29.07
CA TYR C 173 -18.33 -30.26 -29.40
C TYR C 173 -19.41 -30.46 -30.45
N SER C 174 -20.65 -30.64 -30.01
CA SER C 174 -21.75 -30.68 -30.94
C SER C 174 -21.98 -29.29 -31.52
N LEU C 175 -22.65 -29.24 -32.66
CA LEU C 175 -22.78 -27.96 -33.35
C LEU C 175 -23.92 -28.03 -34.35
N SER C 176 -24.55 -26.88 -34.58
CA SER C 176 -25.52 -26.74 -35.65
C SER C 176 -25.28 -25.43 -36.37
N SER C 177 -25.76 -25.39 -37.60
CA SER C 177 -25.76 -24.17 -38.37
C SER C 177 -27.13 -24.02 -39.01
N THR C 178 -27.61 -22.80 -39.09
CA THR C 178 -28.88 -22.51 -39.72
C THR C 178 -28.70 -21.45 -40.79
N LEU C 179 -29.23 -21.74 -41.97
CA LEU C 179 -29.19 -20.83 -43.11
C LEU C 179 -30.59 -20.28 -43.31
N THR C 180 -30.75 -18.98 -43.14
CA THR C 180 -32.05 -18.33 -43.18
C THR C 180 -32.26 -17.72 -44.56
N LEU C 181 -33.44 -17.93 -45.13
CA LEU C 181 -33.75 -17.43 -46.45
C LEU C 181 -35.20 -17.00 -46.52
N SER C 182 -35.48 -16.13 -47.48
CA SER C 182 -36.86 -15.77 -47.75
C SER C 182 -37.59 -16.94 -48.39
N LYS C 183 -38.90 -16.79 -48.52
CA LYS C 183 -39.72 -17.82 -49.16
C LYS C 183 -39.29 -18.02 -50.61
N ALA C 184 -39.10 -16.92 -51.34
CA ALA C 184 -38.75 -17.05 -52.75
C ALA C 184 -37.31 -17.48 -52.94
N ASP C 185 -36.43 -17.15 -51.98
CA ASP C 185 -35.02 -17.50 -52.14
C ASP C 185 -34.81 -19.00 -52.22
N TYR C 186 -35.73 -19.79 -51.65
CA TYR C 186 -35.55 -21.24 -51.64
C TYR C 186 -35.57 -21.81 -53.05
N GLU C 187 -36.48 -21.32 -53.90
CA GLU C 187 -36.57 -21.84 -55.27
C GLU C 187 -35.66 -21.07 -56.21
N LYS C 188 -34.39 -20.96 -55.82
CA LYS C 188 -33.33 -20.44 -56.66
C LYS C 188 -32.29 -21.50 -57.01
N HIS C 189 -32.14 -22.52 -56.17
CA HIS C 189 -31.18 -23.58 -56.40
C HIS C 189 -31.55 -24.76 -55.51
N LYS C 190 -30.94 -25.90 -55.77
CA LYS C 190 -31.13 -27.10 -54.97
C LYS C 190 -29.90 -27.50 -54.17
N VAL C 191 -28.71 -27.16 -54.64
CA VAL C 191 -27.48 -27.69 -54.06
C VAL C 191 -27.20 -26.97 -52.75
N TYR C 192 -27.50 -27.64 -51.64
CA TYR C 192 -27.16 -27.15 -50.31
C TYR C 192 -26.33 -28.21 -49.59
N ALA C 193 -25.25 -27.78 -48.95
CA ALA C 193 -24.41 -28.71 -48.20
C ALA C 193 -23.56 -27.94 -47.22
N CYS C 194 -22.95 -28.68 -46.29
CA CYS C 194 -22.03 -28.12 -45.31
C CYS C 194 -20.81 -29.01 -45.21
N GLU C 195 -19.64 -28.46 -45.48
CA GLU C 195 -18.40 -29.21 -45.36
C GLU C 195 -17.65 -28.77 -44.11
N VAL C 196 -16.82 -29.67 -43.59
CA VAL C 196 -16.12 -29.47 -42.33
C VAL C 196 -14.62 -29.40 -42.62
N THR C 197 -13.99 -28.33 -42.16
CA THR C 197 -12.53 -28.20 -42.27
C THR C 197 -11.90 -28.65 -40.96
N HIS C 198 -11.92 -29.96 -40.75
CA HIS C 198 -11.56 -30.57 -39.48
C HIS C 198 -10.56 -31.69 -39.69
N GLN C 199 -9.65 -31.87 -38.73
CA GLN C 199 -8.82 -33.06 -38.73
C GLN C 199 -9.56 -34.25 -38.11
N GLY C 200 -10.78 -34.48 -38.58
CA GLY C 200 -11.57 -35.62 -38.20
C GLY C 200 -11.53 -36.61 -39.34
N LEU C 201 -12.55 -36.55 -40.20
CA LEU C 201 -12.49 -37.27 -41.47
C LEU C 201 -11.38 -36.68 -42.34
N SER C 202 -10.73 -37.57 -43.12
CA SER C 202 -9.54 -37.16 -43.87
C SER C 202 -9.86 -36.08 -44.89
N SER C 203 -10.96 -36.22 -45.61
CA SER C 203 -11.39 -35.24 -46.59
C SER C 203 -12.81 -34.79 -46.26
N PRO C 204 -13.15 -33.54 -46.57
CA PRO C 204 -14.50 -33.06 -46.28
C PRO C 204 -15.55 -33.90 -47.01
N VAL C 205 -16.69 -34.09 -46.37
CA VAL C 205 -17.77 -34.93 -46.88
C VAL C 205 -19.00 -34.07 -47.14
N THR C 206 -19.59 -34.23 -48.31
CA THR C 206 -20.80 -33.52 -48.70
C THR C 206 -22.00 -34.41 -48.46
N LYS C 207 -22.98 -33.88 -47.73
CA LYS C 207 -24.16 -34.66 -47.34
C LYS C 207 -25.38 -34.21 -48.13
N SER C 208 -26.16 -35.19 -48.57
CA SER C 208 -27.27 -34.97 -49.49
C SER C 208 -28.58 -34.88 -48.74
N PHE C 209 -29.48 -34.05 -49.26
CA PHE C 209 -30.79 -33.79 -48.67
C PHE C 209 -31.84 -34.68 -49.30
N ASN C 210 -32.83 -35.07 -48.51
CA ASN C 210 -33.94 -35.88 -48.99
C ASN C 210 -35.03 -34.94 -49.50
N ARG C 211 -34.98 -34.63 -50.79
CA ARG C 211 -35.93 -33.67 -51.36
C ARG C 211 -37.18 -34.36 -51.91
N GLY C 212 -36.99 -35.28 -52.86
CA GLY C 212 -38.14 -35.89 -53.50
C GLY C 212 -38.95 -36.77 -52.55
N GLU C 213 -38.27 -37.58 -51.74
CA GLU C 213 -38.99 -38.56 -50.93
C GLU C 213 -39.83 -37.89 -49.86
N CYS C 214 -39.23 -36.98 -49.09
CA CYS C 214 -39.94 -36.34 -47.99
C CYS C 214 -41.07 -35.47 -48.53
N GLU D 1 -22.34 -12.99 5.04
CA GLU D 1 -21.70 -13.24 3.76
C GLU D 1 -22.02 -12.14 2.76
N VAL D 2 -20.97 -11.54 2.22
CA VAL D 2 -21.14 -10.42 1.31
C VAL D 2 -22.02 -10.83 0.15
N GLN D 3 -23.02 -10.02 -0.15
CA GLN D 3 -23.90 -10.33 -1.26
C GLN D 3 -24.59 -9.05 -1.72
N LEU D 4 -24.61 -8.85 -3.02
CA LEU D 4 -25.14 -7.62 -3.61
C LEU D 4 -26.28 -8.02 -4.53
N VAL D 5 -27.51 -7.96 -4.03
CA VAL D 5 -28.66 -8.36 -4.83
C VAL D 5 -29.00 -7.22 -5.76
N GLU D 6 -28.67 -7.37 -7.03
CA GLU D 6 -29.11 -6.41 -8.02
C GLU D 6 -30.58 -6.64 -8.33
N SER D 7 -31.27 -5.59 -8.75
CA SER D 7 -32.66 -5.74 -9.14
C SER D 7 -33.07 -4.56 -10.00
N GLY D 8 -34.23 -4.71 -10.63
CA GLY D 8 -34.75 -3.72 -11.53
C GLY D 8 -34.56 -4.03 -13.00
N GLY D 9 -34.00 -5.18 -13.33
CA GLY D 9 -33.75 -5.51 -14.72
C GLY D 9 -34.97 -5.95 -15.49
N GLY D 10 -35.39 -5.15 -16.45
CA GLY D 10 -36.54 -5.51 -17.25
C GLY D 10 -36.53 -4.76 -18.55
N LEU D 11 -37.46 -5.12 -19.42
CA LEU D 11 -37.48 -4.57 -20.77
C LEU D 11 -37.70 -3.07 -20.74
N VAL D 12 -37.01 -2.37 -21.63
CA VAL D 12 -37.07 -0.91 -21.71
C VAL D 12 -36.70 -0.49 -23.12
N GLN D 13 -37.45 0.46 -23.68
CA GLN D 13 -37.31 0.82 -25.07
C GLN D 13 -35.96 1.50 -25.33
N PRO D 14 -35.49 1.46 -26.57
CA PRO D 14 -34.24 2.17 -26.90
C PRO D 14 -34.37 3.65 -26.60
N GLY D 15 -33.28 4.25 -26.13
CA GLY D 15 -33.30 5.63 -25.71
C GLY D 15 -34.24 5.91 -24.57
N GLY D 16 -34.43 4.94 -23.68
CA GLY D 16 -35.39 5.03 -22.62
C GLY D 16 -34.76 5.41 -21.30
N SER D 17 -35.29 4.85 -20.22
CA SER D 17 -34.80 5.17 -18.89
C SER D 17 -35.19 4.05 -17.94
N LEU D 18 -34.32 3.76 -16.98
CA LEU D 18 -34.56 2.70 -16.02
C LEU D 18 -33.73 2.98 -14.79
N ARG D 19 -34.05 2.28 -13.71
CA ARG D 19 -33.43 2.53 -12.41
C ARG D 19 -33.01 1.21 -11.79
N LEU D 20 -31.75 0.84 -11.97
CA LEU D 20 -31.24 -0.37 -11.32
C LEU D 20 -30.92 -0.09 -9.86
N SER D 21 -31.22 -1.05 -9.00
CA SER D 21 -31.02 -0.88 -7.57
C SER D 21 -30.23 -2.07 -7.06
N CYS D 22 -29.07 -1.81 -6.46
CA CYS D 22 -28.16 -2.86 -6.04
C CYS D 22 -28.17 -2.90 -4.52
N ALA D 23 -29.09 -3.68 -3.95
CA ALA D 23 -29.19 -3.73 -2.51
C ALA D 23 -27.99 -4.50 -1.97
N ALA D 24 -27.10 -3.80 -1.29
CA ALA D 24 -25.96 -4.49 -0.71
C ALA D 24 -26.35 -5.12 0.60
N SER D 25 -25.58 -6.11 1.03
CA SER D 25 -25.80 -6.68 2.35
C SER D 25 -24.59 -7.50 2.74
N GLY D 26 -24.25 -7.45 4.02
CA GLY D 26 -23.17 -8.25 4.55
C GLY D 26 -21.87 -7.53 4.76
N PHE D 27 -21.81 -6.22 4.49
CA PHE D 27 -20.60 -5.47 4.75
C PHE D 27 -20.97 -4.02 5.04
N THR D 28 -20.08 -3.32 5.71
CA THR D 28 -20.32 -1.91 6.00
C THR D 28 -20.45 -1.14 4.70
N PHE D 29 -21.64 -0.58 4.43
CA PHE D 29 -21.90 -0.05 3.10
C PHE D 29 -21.01 1.13 2.78
N THR D 30 -20.77 2.02 3.74
CA THR D 30 -20.13 3.28 3.46
C THR D 30 -18.61 3.22 3.46
N ASP D 31 -18.03 2.04 3.26
CA ASP D 31 -16.59 1.90 3.25
C ASP D 31 -16.04 1.31 1.97
N TYR D 32 -16.83 1.23 0.91
CA TYR D 32 -16.36 0.65 -0.35
C TYR D 32 -17.08 1.36 -1.48
N THR D 33 -16.36 2.17 -2.22
CA THR D 33 -16.93 2.70 -3.44
C THR D 33 -17.30 1.53 -4.34
N MET D 34 -18.56 1.45 -4.72
CA MET D 34 -19.03 0.32 -5.50
C MET D 34 -18.94 0.66 -6.99
N ASP D 35 -19.01 -0.37 -7.82
CA ASP D 35 -18.86 -0.19 -9.25
C ASP D 35 -19.96 -0.91 -10.00
N TRP D 36 -20.23 -0.43 -11.19
CA TRP D 36 -21.14 -1.09 -12.12
C TRP D 36 -20.37 -1.49 -13.36
N VAL D 37 -20.42 -2.78 -13.69
CA VAL D 37 -19.70 -3.35 -14.82
C VAL D 37 -20.66 -4.20 -15.64
N ARG D 38 -20.82 -3.87 -16.90
CA ARG D 38 -21.75 -4.58 -17.75
C ARG D 38 -21.00 -5.58 -18.62
N GLN D 39 -21.51 -6.81 -18.65
CA GLN D 39 -21.04 -7.84 -19.59
C GLN D 39 -22.12 -8.03 -20.62
N ALA D 40 -21.82 -7.70 -21.86
CA ALA D 40 -22.76 -7.86 -22.95
C ALA D 40 -22.93 -9.35 -23.24
N PRO D 41 -23.83 -9.72 -24.14
CA PRO D 41 -23.92 -11.13 -24.56
C PRO D 41 -22.68 -11.55 -25.35
N GLY D 42 -22.00 -12.57 -24.86
CA GLY D 42 -20.86 -13.13 -25.58
C GLY D 42 -19.74 -12.14 -25.81
N LYS D 43 -19.35 -11.41 -24.77
CA LYS D 43 -18.31 -10.40 -24.91
C LYS D 43 -17.50 -10.34 -23.63
N GLY D 44 -16.42 -9.59 -23.69
CA GLY D 44 -15.62 -9.35 -22.51
C GLY D 44 -16.21 -8.27 -21.64
N LEU D 45 -15.55 -8.06 -20.52
CA LEU D 45 -16.05 -7.11 -19.53
C LEU D 45 -15.80 -5.68 -19.99
N GLU D 46 -16.62 -4.79 -19.47
CA GLU D 46 -16.48 -3.35 -19.64
C GLU D 46 -16.28 -2.75 -18.26
N TRP D 47 -16.35 -1.43 -18.16
CA TRP D 47 -16.40 -0.79 -16.85
C TRP D 47 -17.23 0.47 -16.99
N VAL D 48 -18.43 0.47 -16.43
CA VAL D 48 -19.29 1.62 -16.60
C VAL D 48 -18.92 2.66 -15.57
N ALA D 49 -19.07 2.35 -14.29
CA ALA D 49 -18.98 3.46 -13.35
C ALA D 49 -18.57 2.99 -11.96
N ASP D 50 -18.28 3.97 -11.12
CA ASP D 50 -18.04 3.73 -9.72
C ASP D 50 -18.52 4.93 -8.93
N VAL D 51 -18.92 4.68 -7.69
CA VAL D 51 -19.52 5.71 -6.84
C VAL D 51 -19.02 5.53 -5.41
N ASN D 52 -18.76 6.66 -4.76
CA ASN D 52 -18.29 6.71 -3.40
C ASN D 52 -19.40 7.22 -2.51
N PRO D 53 -19.89 6.41 -1.58
CA PRO D 53 -21.13 6.74 -0.88
C PRO D 53 -21.13 8.05 -0.12
N ASN D 54 -20.04 8.40 0.56
CA ASN D 54 -20.08 9.57 1.42
C ASN D 54 -20.21 10.85 0.61
N SER D 55 -19.39 11.02 -0.42
CA SER D 55 -19.50 12.19 -1.27
C SER D 55 -20.70 12.12 -2.20
N GLY D 56 -21.02 10.93 -2.69
CA GLY D 56 -21.96 10.81 -3.78
C GLY D 56 -21.34 10.99 -5.15
N GLY D 57 -20.02 11.13 -5.23
CA GLY D 57 -19.38 11.36 -6.50
C GLY D 57 -19.43 10.14 -7.41
N SER D 58 -19.27 10.41 -8.70
CA SER D 58 -19.33 9.36 -9.71
C SER D 58 -18.16 9.49 -10.66
N ILE D 59 -17.58 8.36 -11.04
CA ILE D 59 -16.53 8.32 -12.04
C ILE D 59 -16.90 7.26 -13.04
N TYR D 60 -17.05 7.65 -14.30
CA TYR D 60 -17.50 6.71 -15.32
C TYR D 60 -16.64 6.79 -16.56
N ASN D 61 -16.76 5.77 -17.39
CA ASN D 61 -16.12 5.80 -18.69
C ASN D 61 -16.69 6.93 -19.51
N GLN D 62 -15.87 7.47 -20.40
CA GLN D 62 -16.25 8.66 -21.14
C GLN D 62 -17.48 8.40 -22.01
N ARG D 63 -17.59 7.21 -22.59
CA ARG D 63 -18.65 6.95 -23.55
C ARG D 63 -20.03 7.09 -22.95
N PHE D 64 -20.14 7.07 -21.63
CA PHE D 64 -21.42 7.15 -20.96
C PHE D 64 -21.55 8.42 -20.12
N LYS D 65 -20.62 9.37 -20.28
CA LYS D 65 -20.52 10.46 -19.32
C LYS D 65 -21.73 11.36 -19.30
N GLY D 66 -22.52 11.38 -20.37
CA GLY D 66 -23.72 12.20 -20.43
C GLY D 66 -25.03 11.45 -20.40
N ARG D 67 -25.04 10.17 -20.06
CA ARG D 67 -26.25 9.37 -20.16
C ARG D 67 -26.59 8.57 -18.90
N PHE D 68 -25.64 8.31 -18.01
CA PHE D 68 -25.88 7.51 -16.81
C PHE D 68 -25.65 8.35 -15.56
N THR D 69 -26.42 8.05 -14.52
CA THR D 69 -26.37 8.77 -13.26
C THR D 69 -26.19 7.78 -12.13
N LEU D 70 -25.47 8.18 -11.09
CA LEU D 70 -25.27 7.34 -9.93
C LEU D 70 -25.79 8.06 -8.70
N SER D 71 -26.58 7.37 -7.90
CA SER D 71 -27.11 7.94 -6.67
C SER D 71 -26.95 6.92 -5.55
N VAL D 72 -26.90 7.41 -4.33
CA VAL D 72 -26.77 6.56 -3.16
C VAL D 72 -27.90 6.88 -2.22
N ASP D 73 -28.53 5.85 -1.67
CA ASP D 73 -29.46 5.98 -0.57
C ASP D 73 -28.87 5.21 0.58
N ARG D 74 -27.94 5.85 1.29
CA ARG D 74 -27.24 5.17 2.37
C ARG D 74 -28.18 4.77 3.49
N SER D 75 -29.42 5.28 3.48
CA SER D 75 -30.39 4.88 4.48
C SER D 75 -30.85 3.44 4.26
N LYS D 76 -30.74 2.94 3.03
CA LYS D 76 -31.24 1.61 2.70
C LYS D 76 -30.19 0.73 2.07
N ASN D 77 -28.92 1.08 2.18
CA ASN D 77 -27.81 0.33 1.59
C ASN D 77 -27.95 0.16 0.09
N THR D 78 -28.90 0.83 -0.54
CA THR D 78 -29.08 0.66 -1.98
C THR D 78 -28.02 1.44 -2.73
N LEU D 79 -28.17 1.49 -4.04
CA LEU D 79 -27.27 2.24 -4.90
C LEU D 79 -27.94 2.28 -6.26
N TYR D 80 -28.46 3.43 -6.64
CA TYR D 80 -29.30 3.52 -7.82
C TYR D 80 -28.47 3.91 -9.02
N LEU D 81 -28.44 3.04 -10.02
CA LEU D 81 -27.90 3.40 -11.32
C LEU D 81 -29.06 3.86 -12.18
N GLN D 82 -29.17 5.16 -12.39
CA GLN D 82 -30.18 5.73 -13.25
C GLN D 82 -29.66 5.64 -14.67
N MET D 83 -30.14 4.67 -15.41
CA MET D 83 -29.75 4.48 -16.79
C MET D 83 -30.66 5.35 -17.66
N ASN D 84 -30.06 6.21 -18.49
CA ASN D 84 -30.84 7.06 -19.36
C ASN D 84 -30.11 7.26 -20.67
N SER D 85 -30.84 7.78 -21.65
CA SER D 85 -30.33 7.92 -23.01
C SER D 85 -29.85 6.57 -23.54
N LEU D 86 -30.79 5.64 -23.61
CA LEU D 86 -30.47 4.26 -23.93
C LEU D 86 -30.14 4.11 -25.41
N ARG D 87 -29.76 2.89 -25.78
CA ARG D 87 -29.39 2.59 -27.16
C ARG D 87 -29.52 1.09 -27.34
N ALA D 88 -29.49 0.67 -28.61
CA ALA D 88 -29.62 -0.76 -28.90
C ALA D 88 -28.48 -1.55 -28.27
N GLU D 89 -27.26 -1.03 -28.34
CA GLU D 89 -26.12 -1.73 -27.76
C GLU D 89 -26.01 -1.48 -26.27
N ASP D 90 -27.13 -1.60 -25.56
CA ASP D 90 -27.16 -1.45 -24.13
C ASP D 90 -27.59 -2.71 -23.41
N THR D 91 -28.04 -3.72 -24.14
CA THR D 91 -28.34 -5.01 -23.53
C THR D 91 -27.10 -5.50 -22.81
N ALA D 92 -27.27 -5.91 -21.57
CA ALA D 92 -26.10 -6.28 -20.80
C ALA D 92 -26.54 -7.00 -19.55
N VAL D 93 -25.56 -7.49 -18.81
CA VAL D 93 -25.76 -7.94 -17.44
C VAL D 93 -24.90 -7.05 -16.56
N TYR D 94 -25.54 -6.32 -15.65
CA TYR D 94 -24.88 -5.25 -14.92
C TYR D 94 -24.44 -5.78 -13.55
N TYR D 95 -23.29 -6.40 -13.53
CA TYR D 95 -22.67 -6.84 -12.29
C TYR D 95 -22.42 -5.65 -11.38
N CYS D 96 -22.97 -5.70 -10.19
CA CYS D 96 -22.67 -4.70 -9.16
C CYS D 96 -21.49 -5.24 -8.36
N ALA D 97 -20.44 -4.44 -8.23
CA ALA D 97 -19.22 -4.96 -7.65
C ALA D 97 -18.68 -4.03 -6.59
N ARG D 98 -17.72 -4.53 -5.83
CA ARG D 98 -17.09 -3.80 -4.75
C ARG D 98 -15.60 -3.65 -5.04
N ASN D 99 -15.11 -2.41 -5.05
CA ASN D 99 -13.67 -2.18 -5.15
C ASN D 99 -12.99 -2.62 -3.86
N LEU D 100 -11.89 -3.35 -3.98
CA LEU D 100 -11.24 -3.83 -2.77
C LEU D 100 -10.50 -2.71 -2.06
N GLY D 101 -9.46 -2.19 -2.70
CA GLY D 101 -8.95 -0.89 -2.35
C GLY D 101 -9.54 0.02 -3.39
N PRO D 102 -9.65 1.31 -3.10
CA PRO D 102 -10.23 2.22 -4.09
C PRO D 102 -9.33 2.30 -5.30
N SER D 103 -9.10 1.15 -5.94
CA SER D 103 -8.11 1.02 -6.98
C SER D 103 -8.57 0.12 -8.11
N PHE D 104 -9.86 -0.16 -8.20
CA PHE D 104 -10.49 -0.68 -9.42
C PHE D 104 -10.06 -2.11 -9.73
N TYR D 105 -10.04 -2.97 -8.73
CA TYR D 105 -10.17 -4.40 -8.96
C TYR D 105 -11.21 -4.93 -8.00
N PHE D 106 -12.22 -5.60 -8.53
CA PHE D 106 -13.40 -5.98 -7.78
C PHE D 106 -13.30 -7.44 -7.37
N ASP D 107 -14.01 -7.79 -6.31
CA ASP D 107 -14.01 -9.19 -5.91
C ASP D 107 -15.39 -9.77 -5.67
N TYR D 108 -16.34 -9.00 -5.15
CA TYR D 108 -17.66 -9.52 -4.83
C TYR D 108 -18.69 -8.98 -5.80
N TRP D 109 -19.45 -9.87 -6.39
CA TRP D 109 -20.22 -9.58 -7.58
C TRP D 109 -21.66 -10.04 -7.41
N GLY D 110 -22.55 -9.33 -8.07
CA GLY D 110 -23.95 -9.70 -8.05
C GLY D 110 -24.23 -10.75 -9.09
N GLN D 111 -25.47 -11.21 -9.10
CA GLN D 111 -25.84 -12.21 -10.09
C GLN D 111 -26.27 -11.60 -11.40
N GLY D 112 -26.57 -10.31 -11.43
CA GLY D 112 -26.83 -9.64 -12.68
C GLY D 112 -28.31 -9.57 -13.04
N THR D 113 -28.62 -8.62 -13.90
CA THR D 113 -30.00 -8.37 -14.31
C THR D 113 -30.04 -8.19 -15.81
N LEU D 114 -30.75 -9.07 -16.49
CA LEU D 114 -30.76 -9.07 -17.95
C LEU D 114 -31.55 -7.85 -18.44
N VAL D 115 -30.94 -6.69 -18.31
CA VAL D 115 -31.56 -5.45 -18.77
C VAL D 115 -31.65 -5.49 -20.29
N THR D 116 -32.84 -5.69 -20.80
CA THR D 116 -33.06 -5.86 -22.23
C THR D 116 -33.67 -4.61 -22.82
N VAL D 117 -33.09 -4.12 -23.91
CA VAL D 117 -33.59 -2.93 -24.59
C VAL D 117 -33.94 -3.30 -26.00
N SER D 118 -35.21 -3.13 -26.35
CA SER D 118 -35.66 -3.33 -27.72
C SER D 118 -37.10 -2.91 -27.85
N SER D 119 -37.48 -2.53 -29.06
CA SER D 119 -38.87 -2.24 -29.37
C SER D 119 -39.59 -3.46 -29.93
N ALA D 120 -39.48 -4.59 -29.24
CA ALA D 120 -40.13 -5.83 -29.66
C ALA D 120 -40.99 -6.35 -28.52
N SER D 121 -42.28 -6.47 -28.76
CA SER D 121 -43.21 -6.88 -27.71
C SER D 121 -43.02 -8.36 -27.42
N THR D 122 -43.64 -8.79 -26.32
CA THR D 122 -43.68 -10.21 -26.00
C THR D 122 -44.42 -10.96 -27.10
N LYS D 123 -43.84 -12.06 -27.54
CA LYS D 123 -44.34 -12.76 -28.71
C LYS D 123 -44.36 -14.26 -28.45
N GLY D 124 -45.43 -14.92 -28.89
CA GLY D 124 -45.51 -16.36 -28.80
C GLY D 124 -44.56 -17.04 -29.75
N PRO D 125 -43.97 -18.16 -29.31
CA PRO D 125 -42.99 -18.84 -30.15
C PRO D 125 -43.64 -19.63 -31.27
N SER D 126 -42.82 -19.99 -32.26
CA SER D 126 -43.25 -20.80 -33.39
C SER D 126 -42.47 -22.10 -33.38
N VAL D 127 -43.17 -23.21 -33.54
CA VAL D 127 -42.57 -24.54 -33.46
C VAL D 127 -42.56 -25.14 -34.86
N PHE D 128 -41.43 -25.71 -35.24
CA PHE D 128 -41.30 -26.33 -36.56
C PHE D 128 -40.60 -27.67 -36.43
N PRO D 129 -40.90 -28.62 -37.31
CA PRO D 129 -40.35 -29.96 -37.18
C PRO D 129 -39.08 -30.17 -38.01
N LEU D 130 -38.31 -31.16 -37.57
CA LEU D 130 -37.06 -31.57 -38.19
C LEU D 130 -37.03 -33.09 -38.24
N ALA D 131 -38.09 -33.67 -38.79
CA ALA D 131 -38.18 -35.12 -38.93
C ALA D 131 -37.16 -35.60 -39.94
N PRO D 132 -36.55 -36.76 -39.72
CA PRO D 132 -35.61 -37.29 -40.70
C PRO D 132 -36.31 -38.14 -41.74
N SER D 133 -35.51 -38.78 -42.59
CA SER D 133 -35.98 -39.81 -43.50
C SER D 133 -35.16 -41.07 -43.25
N SER D 134 -35.45 -42.12 -44.01
CA SER D 134 -34.59 -43.28 -44.00
C SER D 134 -33.21 -42.96 -44.55
N LYS D 135 -33.09 -41.82 -45.25
CA LYS D 135 -31.83 -41.37 -45.82
C LYS D 135 -31.21 -40.21 -45.05
N SER D 136 -31.96 -39.56 -44.16
CA SER D 136 -31.42 -38.41 -43.45
C SER D 136 -30.42 -38.80 -42.37
N THR D 137 -30.36 -40.09 -42.00
CA THR D 137 -29.55 -40.55 -40.89
C THR D 137 -28.39 -41.42 -41.40
N SER D 138 -27.45 -41.71 -40.50
CA SER D 138 -26.25 -42.46 -40.83
C SER D 138 -26.11 -43.64 -39.87
N GLY D 139 -25.90 -44.82 -40.43
CA GLY D 139 -25.76 -46.02 -39.61
C GLY D 139 -27.01 -46.28 -38.79
N GLY D 140 -26.79 -46.75 -37.56
CA GLY D 140 -27.87 -46.98 -36.62
C GLY D 140 -28.33 -45.77 -35.85
N THR D 141 -27.68 -44.63 -36.06
CA THR D 141 -28.02 -43.39 -35.37
C THR D 141 -28.95 -42.56 -36.24
N ALA D 142 -29.92 -41.91 -35.61
CA ALA D 142 -30.89 -41.09 -36.31
C ALA D 142 -31.03 -39.75 -35.60
N ALA D 143 -31.11 -38.68 -36.38
CA ALA D 143 -31.24 -37.32 -35.84
C ALA D 143 -32.62 -36.80 -36.15
N LEU D 144 -33.32 -36.31 -35.14
CA LEU D 144 -34.61 -35.66 -35.36
C LEU D 144 -34.77 -34.51 -34.38
N GLY D 145 -35.35 -33.40 -34.84
CA GLY D 145 -35.33 -32.19 -34.04
C GLY D 145 -36.60 -31.37 -34.15
N CYS D 146 -36.64 -30.32 -33.35
CA CYS D 146 -37.65 -29.28 -33.45
C CYS D 146 -36.98 -27.92 -33.30
N LEU D 147 -37.44 -26.96 -34.09
CA LEU D 147 -36.86 -25.63 -34.17
C LEU D 147 -37.86 -24.62 -33.65
N VAL D 148 -37.42 -23.79 -32.71
CA VAL D 148 -38.25 -22.73 -32.15
C VAL D 148 -37.81 -21.40 -32.74
N LYS D 149 -38.73 -20.67 -33.32
CA LYS D 149 -38.40 -19.46 -34.05
C LYS D 149 -39.31 -18.31 -33.62
N ASP D 150 -38.80 -17.10 -33.78
CA ASP D 150 -39.53 -15.84 -33.60
C ASP D 150 -40.34 -15.80 -32.30
N TYR D 151 -39.60 -15.84 -31.20
CA TYR D 151 -40.13 -15.52 -29.88
C TYR D 151 -39.23 -14.48 -29.26
N PHE D 152 -39.82 -13.42 -28.70
CA PHE D 152 -38.97 -12.34 -28.19
C PHE D 152 -38.36 -12.61 -26.81
N PRO D 153 -39.15 -12.79 -25.76
CA PRO D 153 -38.56 -12.74 -24.42
C PRO D 153 -37.99 -14.06 -23.97
N GLU D 154 -36.76 -14.05 -23.45
CA GLU D 154 -36.17 -15.25 -22.90
C GLU D 154 -36.89 -15.64 -21.61
N PRO D 155 -36.96 -16.94 -21.30
CA PRO D 155 -36.52 -18.09 -22.10
C PRO D 155 -37.68 -18.91 -22.62
N VAL D 156 -37.39 -19.95 -23.40
CA VAL D 156 -38.37 -20.97 -23.79
C VAL D 156 -37.79 -22.33 -23.49
N THR D 157 -38.61 -23.23 -22.95
CA THR D 157 -38.15 -24.55 -22.54
C THR D 157 -38.63 -25.60 -23.53
N VAL D 158 -37.73 -26.54 -23.85
CA VAL D 158 -38.02 -27.60 -24.81
C VAL D 158 -37.81 -28.94 -24.14
N SER D 159 -38.77 -29.84 -24.32
CA SER D 159 -38.67 -31.20 -23.80
C SER D 159 -39.10 -32.17 -24.90
N TRP D 160 -38.64 -33.41 -24.79
CA TRP D 160 -38.96 -34.46 -25.75
C TRP D 160 -39.81 -35.52 -25.09
N ASN D 161 -41.01 -35.75 -25.62
CA ASN D 161 -41.94 -36.74 -25.08
C ASN D 161 -42.15 -36.51 -23.59
N SER D 162 -42.29 -35.24 -23.22
CA SER D 162 -42.36 -34.82 -21.82
C SER D 162 -41.13 -35.29 -21.04
N GLY D 163 -39.97 -35.16 -21.67
CA GLY D 163 -38.72 -35.52 -21.01
C GLY D 163 -38.36 -36.97 -21.04
N ALA D 164 -39.00 -37.76 -21.90
CA ALA D 164 -38.78 -39.20 -21.93
C ALA D 164 -37.67 -39.61 -22.89
N LEU D 165 -36.96 -38.66 -23.49
CA LEU D 165 -35.92 -38.96 -24.47
C LEU D 165 -34.67 -38.14 -24.17
N THR D 166 -34.24 -38.17 -22.91
CA THR D 166 -33.04 -37.43 -22.48
C THR D 166 -31.79 -38.24 -22.79
N SER D 167 -31.58 -38.48 -24.09
CA SER D 167 -30.48 -39.33 -24.53
C SER D 167 -29.99 -38.85 -25.89
N GLY D 168 -28.79 -38.28 -25.94
CA GLY D 168 -28.25 -37.77 -27.18
C GLY D 168 -29.02 -36.60 -27.75
N VAL D 169 -29.42 -35.66 -26.90
CA VAL D 169 -30.24 -34.52 -27.30
C VAL D 169 -29.44 -33.25 -27.05
N HIS D 170 -29.42 -32.37 -28.05
CA HIS D 170 -28.71 -31.10 -27.99
C HIS D 170 -29.68 -29.96 -28.21
N THR D 171 -29.63 -28.96 -27.34
CA THR D 171 -30.39 -27.72 -27.48
C THR D 171 -29.40 -26.56 -27.42
N PHE D 172 -29.09 -26.00 -28.59
CA PHE D 172 -28.12 -24.93 -28.66
C PHE D 172 -28.71 -23.65 -28.08
N PRO D 173 -27.86 -22.71 -27.65
CA PRO D 173 -28.36 -21.44 -27.14
C PRO D 173 -29.14 -20.70 -28.22
N ALA D 174 -30.10 -19.90 -27.79
CA ALA D 174 -30.95 -19.20 -28.73
C ALA D 174 -30.15 -18.21 -29.57
N VAL D 175 -30.69 -17.89 -30.74
CA VAL D 175 -30.04 -17.01 -31.69
C VAL D 175 -30.88 -15.76 -31.86
N LEU D 176 -30.24 -14.60 -31.76
CA LEU D 176 -30.91 -13.33 -31.94
C LEU D 176 -31.17 -13.09 -33.42
N GLN D 177 -32.44 -13.00 -33.79
CA GLN D 177 -32.83 -12.84 -35.18
C GLN D 177 -32.61 -11.39 -35.60
N SER D 178 -33.15 -11.03 -36.76
CA SER D 178 -33.05 -9.65 -37.24
C SER D 178 -33.66 -8.68 -36.25
N SER D 179 -34.81 -9.06 -35.68
CA SER D 179 -35.37 -8.32 -34.58
C SER D 179 -34.93 -8.97 -33.27
N GLY D 180 -35.46 -8.50 -32.15
CA GLY D 180 -35.16 -9.14 -30.87
C GLY D 180 -35.78 -10.50 -30.71
N LEU D 181 -36.63 -10.92 -31.64
CA LEU D 181 -37.17 -12.28 -31.60
C LEU D 181 -36.02 -13.26 -31.63
N TYR D 182 -36.14 -14.33 -30.87
CA TYR D 182 -35.06 -15.29 -30.76
C TYR D 182 -35.46 -16.60 -31.45
N SER D 183 -34.47 -17.48 -31.62
CA SER D 183 -34.71 -18.79 -32.20
C SER D 183 -33.62 -19.74 -31.74
N LEU D 184 -33.96 -21.02 -31.62
CA LEU D 184 -33.03 -22.05 -31.19
C LEU D 184 -33.46 -23.39 -31.76
N SER D 185 -32.54 -24.35 -31.70
CA SER D 185 -32.77 -25.71 -32.17
C SER D 185 -32.81 -26.67 -30.99
N SER D 186 -33.41 -27.85 -31.21
CA SER D 186 -33.34 -28.91 -30.23
C SER D 186 -33.48 -30.23 -30.97
N VAL D 187 -32.39 -30.94 -31.14
CA VAL D 187 -32.38 -32.21 -31.84
C VAL D 187 -32.05 -33.32 -30.86
N VAL D 188 -32.29 -34.56 -31.27
CA VAL D 188 -31.98 -35.73 -30.45
C VAL D 188 -31.64 -36.88 -31.38
N THR D 189 -30.71 -37.71 -30.94
CA THR D 189 -30.27 -38.88 -31.69
C THR D 189 -30.84 -40.13 -31.05
N VAL D 190 -31.41 -41.00 -31.88
CA VAL D 190 -32.13 -42.19 -31.42
C VAL D 190 -31.66 -43.38 -32.24
N PRO D 191 -31.87 -44.59 -31.73
CA PRO D 191 -31.55 -45.78 -32.53
C PRO D 191 -32.36 -45.80 -33.81
N SER D 192 -31.74 -46.30 -34.88
CA SER D 192 -32.43 -46.38 -36.17
C SER D 192 -33.65 -47.28 -36.10
N SER D 193 -33.61 -48.31 -35.26
CA SER D 193 -34.75 -49.22 -35.15
C SER D 193 -35.97 -48.51 -34.58
N SER D 194 -35.77 -47.52 -33.72
CA SER D 194 -36.88 -46.85 -33.07
C SER D 194 -37.67 -45.95 -34.03
N LEU D 195 -37.18 -45.75 -35.25
CA LEU D 195 -37.85 -44.83 -36.18
C LEU D 195 -39.24 -45.31 -36.56
N GLY D 196 -39.42 -46.62 -36.75
CA GLY D 196 -40.68 -47.11 -37.26
C GLY D 196 -41.84 -46.91 -36.31
N THR D 197 -41.63 -47.21 -35.02
CA THR D 197 -42.72 -47.29 -34.06
C THR D 197 -42.63 -46.30 -32.91
N GLN D 198 -41.44 -45.97 -32.43
CA GLN D 198 -41.32 -45.12 -31.25
C GLN D 198 -41.94 -43.75 -31.52
N THR D 199 -42.76 -43.29 -30.58
CA THR D 199 -43.42 -42.00 -30.72
C THR D 199 -42.51 -40.88 -30.22
N TYR D 200 -42.42 -39.82 -31.00
CA TYR D 200 -41.58 -38.67 -30.69
C TYR D 200 -42.43 -37.42 -30.64
N ILE D 201 -42.43 -36.75 -29.50
CA ILE D 201 -43.19 -35.53 -29.30
C ILE D 201 -42.26 -34.48 -28.73
N CYS D 202 -42.39 -33.24 -29.21
CA CYS D 202 -41.55 -32.13 -28.77
C CYS D 202 -42.45 -31.06 -28.18
N ASN D 203 -42.22 -30.73 -26.92
CA ASN D 203 -43.06 -29.80 -26.18
C ASN D 203 -42.28 -28.53 -25.90
N VAL D 204 -42.86 -27.39 -26.25
CA VAL D 204 -42.24 -26.08 -26.07
C VAL D 204 -43.13 -25.27 -25.16
N ASN D 205 -42.55 -24.75 -24.09
CA ASN D 205 -43.26 -23.94 -23.12
C ASN D 205 -42.65 -22.54 -23.09
N HIS D 206 -43.51 -21.52 -23.13
CA HIS D 206 -43.13 -20.12 -23.13
C HIS D 206 -43.89 -19.43 -22.01
N LYS D 207 -43.26 -19.35 -20.82
CA LYS D 207 -43.93 -18.77 -19.66
C LYS D 207 -44.26 -17.29 -19.82
N PRO D 208 -43.38 -16.43 -20.33
CA PRO D 208 -43.77 -15.02 -20.48
C PRO D 208 -45.04 -14.83 -21.28
N SER D 209 -45.30 -15.67 -22.27
CA SER D 209 -46.60 -15.70 -22.91
C SER D 209 -47.47 -16.83 -22.40
N ASN D 210 -46.94 -17.71 -21.56
CA ASN D 210 -47.68 -18.81 -20.95
C ASN D 210 -48.36 -19.69 -22.00
N THR D 211 -47.61 -20.06 -23.03
CA THR D 211 -48.11 -20.89 -24.11
C THR D 211 -47.33 -22.19 -24.16
N LYS D 212 -48.02 -23.31 -24.13
CA LYS D 212 -47.40 -24.63 -24.23
C LYS D 212 -47.91 -25.31 -25.49
N VAL D 213 -47.00 -25.66 -26.39
CA VAL D 213 -47.34 -26.25 -27.67
C VAL D 213 -46.59 -27.57 -27.80
N ASP D 214 -47.32 -28.63 -28.13
CA ASP D 214 -46.71 -29.91 -28.42
C ASP D 214 -46.79 -30.17 -29.91
N LYS D 215 -45.74 -30.78 -30.45
CA LYS D 215 -45.62 -31.04 -31.87
C LYS D 215 -45.16 -32.47 -32.09
N LYS D 216 -45.52 -33.00 -33.26
CA LYS D 216 -45.17 -34.37 -33.66
C LYS D 216 -44.09 -34.30 -34.72
N VAL D 217 -42.98 -34.99 -34.48
CA VAL D 217 -41.83 -34.92 -35.37
C VAL D 217 -41.55 -36.24 -36.06
N GLU D 218 -42.54 -37.14 -36.10
CA GLU D 218 -42.35 -38.38 -36.83
C GLU D 218 -42.31 -38.10 -38.34
N PRO D 219 -41.51 -38.87 -39.09
CA PRO D 219 -41.44 -38.65 -40.53
C PRO D 219 -42.81 -38.80 -41.19
N LYS D 220 -43.11 -37.87 -42.09
CA LYS D 220 -44.37 -37.86 -42.84
C LYS D 220 -44.01 -38.11 -44.29
N SER D 221 -44.18 -39.36 -44.74
CA SER D 221 -43.83 -39.81 -46.08
C SER D 221 -42.34 -39.65 -46.36
N CYS D 222 -41.52 -39.52 -45.32
CA CYS D 222 -40.07 -39.44 -45.48
C CYS D 222 -39.47 -40.82 -45.60
N THR E 1 -18.23 17.00 25.22
CA THR E 1 -18.55 16.66 23.86
C THR E 1 -20.04 16.46 23.73
N GLN E 2 -20.61 16.92 22.61
CA GLN E 2 -22.03 16.77 22.37
C GLN E 2 -22.40 15.42 21.78
N VAL E 3 -21.43 14.55 21.53
CA VAL E 3 -21.68 13.25 20.93
C VAL E 3 -21.12 12.17 21.85
N CYS E 4 -21.96 11.26 22.28
CA CYS E 4 -21.54 10.11 23.06
C CYS E 4 -21.98 8.85 22.33
N THR E 5 -21.73 7.70 22.95
CA THR E 5 -22.16 6.42 22.41
C THR E 5 -22.95 5.70 23.49
N GLY E 6 -24.11 5.22 23.14
CA GLY E 6 -24.98 4.63 24.13
C GLY E 6 -24.68 3.18 24.38
N THR E 7 -25.36 2.65 25.39
CA THR E 7 -25.14 1.28 25.80
C THR E 7 -25.74 0.32 24.78
N ASP E 8 -25.47 -0.97 24.95
CA ASP E 8 -26.11 -1.99 24.13
C ASP E 8 -26.21 -3.25 25.00
N MET E 9 -27.34 -3.40 25.67
CA MET E 9 -27.53 -4.54 26.54
C MET E 9 -28.88 -5.22 26.39
N LYS E 10 -29.88 -4.55 25.84
CA LYS E 10 -31.24 -5.09 25.72
C LYS E 10 -31.70 -5.48 27.11
N LEU E 11 -32.05 -6.73 27.37
CA LEU E 11 -32.69 -7.07 28.63
C LEU E 11 -31.75 -7.69 29.64
N ARG E 12 -30.45 -7.74 29.36
CA ARG E 12 -29.52 -8.26 30.34
C ARG E 12 -29.48 -7.35 31.56
N LEU E 13 -29.39 -7.97 32.73
CA LEU E 13 -29.45 -7.24 33.99
C LEU E 13 -28.20 -6.38 34.18
N PRO E 14 -28.27 -5.40 35.07
CA PRO E 14 -27.07 -4.62 35.39
C PRO E 14 -25.97 -5.51 35.93
N ALA E 15 -24.72 -5.09 35.71
CA ALA E 15 -23.61 -5.71 36.41
C ALA E 15 -23.70 -5.43 37.90
N SER E 16 -24.24 -4.27 38.28
CA SER E 16 -24.44 -3.87 39.66
C SER E 16 -25.37 -2.68 39.66
N PRO E 17 -26.23 -2.53 40.65
CA PRO E 17 -27.08 -1.34 40.68
C PRO E 17 -26.29 -0.06 40.87
N GLU E 18 -25.49 -0.03 41.93
CA GLU E 18 -24.74 1.17 42.28
C GLU E 18 -23.67 1.48 41.26
N THR E 19 -23.40 0.57 40.33
CA THR E 19 -22.56 0.87 39.20
C THR E 19 -23.38 1.23 37.96
N HIS E 20 -24.56 0.62 37.79
CA HIS E 20 -25.36 0.90 36.60
C HIS E 20 -25.81 2.35 36.58
N LEU E 21 -26.23 2.90 37.72
CA LEU E 21 -26.72 4.26 37.71
C LEU E 21 -25.62 5.23 37.28
N ASP E 22 -24.45 5.13 37.90
CA ASP E 22 -23.35 6.00 37.51
C ASP E 22 -22.91 5.72 36.08
N MET E 23 -23.05 4.49 35.60
CA MET E 23 -22.73 4.20 34.20
C MET E 23 -23.61 5.04 33.29
N LEU E 24 -24.90 5.07 33.58
CA LEU E 24 -25.75 5.94 32.77
C LEU E 24 -25.30 7.37 32.88
N ARG E 25 -25.02 7.85 34.10
CA ARG E 25 -24.74 9.27 34.26
C ARG E 25 -23.49 9.66 33.49
N HIS E 26 -22.45 8.85 33.55
CA HIS E 26 -21.23 9.17 32.82
C HIS E 26 -21.43 9.07 31.33
N LEU E 27 -22.34 8.20 30.89
CA LEU E 27 -22.54 8.09 29.46
C LEU E 27 -23.39 9.23 28.91
N TYR E 28 -24.28 9.79 29.71
CA TYR E 28 -25.22 10.77 29.18
C TYR E 28 -25.19 12.07 29.97
N GLN E 29 -24.01 12.60 30.24
CA GLN E 29 -23.86 13.85 30.97
C GLN E 29 -23.53 14.93 29.97
N GLY E 30 -24.51 15.75 29.65
CA GLY E 30 -24.33 16.81 28.67
C GLY E 30 -24.36 16.34 27.24
N CYS E 31 -24.53 15.06 26.99
CA CYS E 31 -24.58 14.57 25.63
C CYS E 31 -25.84 15.08 24.94
N GLN E 32 -25.70 15.50 23.69
CA GLN E 32 -26.81 15.98 22.89
C GLN E 32 -27.19 15.02 21.78
N VAL E 33 -26.21 14.37 21.18
CA VAL E 33 -26.41 13.38 20.12
C VAL E 33 -25.94 12.04 20.64
N VAL E 34 -26.82 11.05 20.63
CA VAL E 34 -26.46 9.76 21.19
C VAL E 34 -26.28 8.73 20.10
N GLN E 35 -25.07 8.58 19.60
CA GLN E 35 -24.81 7.50 18.66
C GLN E 35 -24.99 6.16 19.36
N GLY E 36 -25.25 5.14 18.58
CA GLY E 36 -25.60 3.88 19.20
C GLY E 36 -26.99 3.95 19.79
N ASN E 37 -27.25 3.09 20.76
CA ASN E 37 -28.58 2.92 21.28
C ASN E 37 -28.83 3.84 22.47
N LEU E 38 -29.97 3.66 23.12
CA LEU E 38 -30.25 4.31 24.39
C LEU E 38 -31.10 3.34 25.19
N GLU E 39 -30.61 2.89 26.33
CA GLU E 39 -31.24 1.82 27.10
C GLU E 39 -31.44 2.26 28.53
N LEU E 40 -32.67 2.18 29.01
CA LEU E 40 -33.02 2.50 30.40
C LEU E 40 -33.82 1.33 30.96
N THR E 41 -33.20 0.58 31.87
CA THR E 41 -33.85 -0.58 32.45
C THR E 41 -33.53 -0.65 33.93
N TYR E 42 -34.47 -1.18 34.70
CA TYR E 42 -34.28 -1.43 36.13
C TYR E 42 -33.87 -0.16 36.85
N LEU E 43 -34.48 0.94 36.46
CA LEU E 43 -34.28 2.20 37.14
C LEU E 43 -34.98 2.18 38.48
N PRO E 44 -34.29 2.40 39.56
CA PRO E 44 -34.94 2.31 40.87
C PRO E 44 -35.81 3.52 41.10
N THR E 45 -36.56 3.52 42.19
CA THR E 45 -37.42 4.65 42.49
C THR E 45 -36.58 5.89 42.76
N ASN E 46 -37.20 7.05 42.55
CA ASN E 46 -36.57 8.34 42.82
C ASN E 46 -35.28 8.52 42.03
N ALA E 47 -35.25 8.00 40.80
CA ALA E 47 -34.07 8.15 39.96
C ALA E 47 -33.94 9.58 39.49
N SER E 48 -32.70 10.06 39.41
CA SER E 48 -32.42 11.44 39.04
C SER E 48 -32.95 11.79 37.66
N LEU E 49 -32.38 11.18 36.64
CA LEU E 49 -32.81 11.35 35.25
C LEU E 49 -32.75 12.79 34.78
N SER E 50 -32.05 13.65 35.52
CA SER E 50 -31.89 15.02 35.05
C SER E 50 -30.93 15.10 33.89
N PHE E 51 -29.90 14.26 33.86
CA PHE E 51 -28.91 14.30 32.79
C PHE E 51 -29.50 14.03 31.43
N LEU E 52 -30.80 13.78 31.35
CA LEU E 52 -31.47 13.49 30.10
C LEU E 52 -32.11 14.69 29.45
N GLN E 53 -32.14 15.84 30.13
CA GLN E 53 -32.93 16.95 29.63
C GLN E 53 -32.43 17.47 28.30
N ASP E 54 -31.12 17.40 28.06
CA ASP E 54 -30.53 18.02 26.89
C ASP E 54 -30.27 17.05 25.75
N ILE E 55 -30.76 15.82 25.84
CA ILE E 55 -30.62 14.91 24.73
C ILE E 55 -31.61 15.30 23.65
N GLN E 56 -31.14 15.50 22.44
CA GLN E 56 -32.02 15.95 21.38
C GLN E 56 -32.26 14.92 20.30
N GLU E 57 -31.23 14.16 19.92
CA GLU E 57 -31.34 13.21 18.82
C GLU E 57 -30.77 11.87 19.26
N VAL E 58 -31.49 10.79 18.93
CA VAL E 58 -31.07 9.43 19.25
C VAL E 58 -30.82 8.68 17.97
N GLN E 59 -29.63 8.13 17.80
CA GLN E 59 -29.25 7.50 16.56
C GLN E 59 -29.52 6.01 16.54
N GLY E 60 -29.93 5.42 17.64
CA GLY E 60 -30.15 3.99 17.65
C GLY E 60 -31.58 3.63 17.91
N TYR E 61 -31.90 3.24 19.14
CA TYR E 61 -33.27 3.03 19.55
C TYR E 61 -33.42 3.35 21.01
N VAL E 62 -34.64 3.58 21.45
CA VAL E 62 -34.93 3.91 22.83
C VAL E 62 -35.60 2.72 23.47
N LEU E 63 -35.04 2.28 24.60
CA LEU E 63 -35.59 1.15 25.32
C LEU E 63 -35.85 1.56 26.75
N ILE E 64 -37.03 1.24 27.27
CA ILE E 64 -37.36 1.50 28.67
C ILE E 64 -38.11 0.29 29.21
N ALA E 65 -37.60 -0.28 30.29
CA ALA E 65 -38.18 -1.51 30.81
C ALA E 65 -37.99 -1.62 32.31
N HIS E 66 -38.98 -2.21 32.97
CA HIS E 66 -38.92 -2.58 34.39
C HIS E 66 -38.46 -1.41 35.25
N ASN E 67 -39.30 -0.40 35.33
CA ASN E 67 -38.97 0.84 36.00
C ASN E 67 -39.97 1.16 37.10
N GLN E 68 -39.48 1.80 38.14
CA GLN E 68 -40.34 2.20 39.25
C GLN E 68 -40.37 3.70 39.44
N VAL E 69 -39.69 4.46 38.61
CA VAL E 69 -39.72 5.91 38.71
C VAL E 69 -40.94 6.42 37.96
N ARG E 70 -41.54 7.49 38.47
CA ARG E 70 -42.86 7.91 37.99
C ARG E 70 -42.83 8.84 36.79
N GLN E 71 -41.65 9.31 36.37
CA GLN E 71 -41.59 10.23 35.24
C GLN E 71 -40.16 10.28 34.72
N VAL E 72 -39.99 10.13 33.41
CA VAL E 72 -38.69 10.13 32.78
C VAL E 72 -38.60 11.32 31.83
N PRO E 73 -37.90 12.38 32.22
CA PRO E 73 -37.91 13.62 31.43
C PRO E 73 -37.09 13.47 30.16
N LEU E 74 -37.75 13.61 29.01
CA LEU E 74 -37.10 13.53 27.72
C LEU E 74 -37.67 14.58 26.78
N GLN E 75 -37.92 15.78 27.30
CA GLN E 75 -38.65 16.77 26.52
C GLN E 75 -37.88 17.16 25.26
N ARG E 76 -36.63 17.56 25.41
CA ARG E 76 -35.92 18.09 24.26
C ARG E 76 -35.57 17.01 23.24
N LEU E 77 -35.93 15.76 23.51
CA LEU E 77 -35.78 14.73 22.50
C LEU E 77 -36.65 15.09 21.30
N ARG E 78 -36.11 14.97 20.10
CA ARG E 78 -36.87 15.31 18.92
C ARG E 78 -37.03 14.17 17.92
N ILE E 79 -35.95 13.44 17.66
CA ILE E 79 -35.90 12.53 16.53
C ILE E 79 -35.25 11.23 16.97
N VAL E 80 -35.79 10.10 16.52
CA VAL E 80 -35.26 8.78 16.83
C VAL E 80 -34.93 8.10 15.51
N ARG E 81 -33.65 7.96 15.21
CA ARG E 81 -33.24 7.57 13.87
C ARG E 81 -33.35 6.08 13.59
N GLY E 82 -33.49 5.25 14.62
CA GLY E 82 -33.77 3.84 14.37
C GLY E 82 -32.76 3.11 13.50
N THR E 83 -31.46 3.34 13.73
CA THR E 83 -30.45 2.65 12.93
C THR E 83 -30.52 1.15 13.14
N GLN E 84 -30.43 0.70 14.38
CA GLN E 84 -30.61 -0.69 14.76
C GLN E 84 -31.78 -0.79 15.72
N LEU E 85 -32.75 -1.63 15.39
CA LEU E 85 -34.03 -1.65 16.06
C LEU E 85 -34.07 -2.71 17.14
N PHE E 86 -34.96 -2.51 18.09
CA PHE E 86 -35.17 -3.48 19.16
C PHE E 86 -36.01 -4.62 18.63
N GLU E 87 -35.46 -5.84 18.67
CA GLU E 87 -36.14 -7.02 18.12
C GLU E 87 -36.44 -6.85 16.63
N ASP E 88 -35.67 -6.03 15.95
CA ASP E 88 -35.81 -5.79 14.51
C ASP E 88 -37.20 -5.27 14.15
N ASN E 89 -37.95 -4.82 15.13
CA ASN E 89 -39.30 -4.32 14.87
C ASN E 89 -39.60 -3.00 15.55
N TYR E 90 -38.81 -2.57 16.52
CA TYR E 90 -39.20 -1.45 17.34
C TYR E 90 -38.03 -0.50 17.53
N ALA E 91 -38.37 0.79 17.60
CA ALA E 91 -37.43 1.85 17.88
C ALA E 91 -37.74 2.61 19.14
N LEU E 92 -38.94 2.46 19.69
CA LEU E 92 -39.27 3.00 20.99
C LEU E 92 -40.05 1.92 21.73
N ALA E 93 -39.39 1.29 22.70
CA ALA E 93 -40.00 0.23 23.47
C ALA E 93 -40.20 0.71 24.89
N VAL E 94 -41.41 0.58 25.40
CA VAL E 94 -41.69 0.92 26.78
C VAL E 94 -42.54 -0.19 27.37
N LEU E 95 -41.93 -1.09 28.14
CA LEU E 95 -42.67 -2.25 28.59
C LEU E 95 -42.33 -2.60 30.03
N ASP E 96 -43.29 -3.25 30.68
CA ASP E 96 -43.17 -3.75 32.05
C ASP E 96 -42.89 -2.65 33.06
N ASN E 97 -43.20 -1.41 32.73
CA ASN E 97 -42.79 -0.28 33.57
C ASN E 97 -43.81 -0.08 34.68
N GLY E 98 -43.88 -1.08 35.56
CA GLY E 98 -44.81 -1.00 36.66
C GLY E 98 -44.56 -2.13 37.62
N ASP E 99 -45.36 -2.14 38.68
CA ASP E 99 -45.18 -3.15 39.72
C ASP E 99 -45.36 -4.54 39.14
N PRO E 100 -44.62 -5.53 39.65
CA PRO E 100 -44.80 -6.91 39.18
C PRO E 100 -46.17 -7.48 39.44
N LEU E 101 -47.09 -6.71 40.03
CA LEU E 101 -48.46 -7.13 40.30
C LEU E 101 -48.50 -8.36 41.21
N ASN E 102 -47.46 -8.52 42.02
CA ASN E 102 -47.38 -9.60 43.01
C ASN E 102 -47.25 -8.96 44.38
N ASN E 103 -48.24 -9.21 45.24
CA ASN E 103 -48.29 -8.61 46.57
C ASN E 103 -48.19 -7.09 46.45
N THR E 104 -47.01 -6.56 46.80
CA THR E 104 -46.67 -5.14 46.74
C THR E 104 -47.86 -4.26 47.12
N THR E 105 -48.47 -4.59 48.25
CA THR E 105 -49.64 -3.85 48.70
C THR E 105 -49.24 -2.43 49.08
N PRO E 106 -49.78 -1.42 48.41
CA PRO E 106 -49.37 -0.04 48.74
C PRO E 106 -50.01 0.43 50.03
N VAL E 107 -49.23 1.21 50.78
CA VAL E 107 -49.73 1.83 52.00
C VAL E 107 -50.47 3.10 51.59
N THR E 108 -51.19 3.70 52.54
CA THR E 108 -52.04 4.84 52.23
C THR E 108 -51.23 5.97 51.60
N GLY E 109 -51.73 6.50 50.49
CA GLY E 109 -51.11 7.63 49.83
C GLY E 109 -49.85 7.33 49.06
N ALA E 110 -49.51 6.05 48.90
CA ALA E 110 -48.26 5.68 48.25
C ALA E 110 -48.50 5.49 46.76
N SER E 111 -47.67 6.14 45.96
CA SER E 111 -47.78 5.98 44.51
C SER E 111 -47.31 4.58 44.14
N PRO E 112 -48.16 3.77 43.52
CA PRO E 112 -47.72 2.45 43.08
C PRO E 112 -46.60 2.56 42.06
N GLY E 113 -45.71 1.58 42.08
CA GLY E 113 -44.61 1.56 41.14
C GLY E 113 -45.07 1.44 39.71
N GLY E 114 -44.71 2.40 38.89
CA GLY E 114 -45.03 2.39 37.49
C GLY E 114 -45.00 3.80 36.94
N LEU E 115 -44.65 3.90 35.66
CA LEU E 115 -44.60 5.20 35.01
C LEU E 115 -45.98 5.82 34.97
N ARG E 116 -46.14 6.97 35.62
CA ARG E 116 -47.47 7.57 35.72
C ARG E 116 -47.99 8.01 34.36
N GLU E 117 -47.17 8.74 33.62
CA GLU E 117 -47.62 9.32 32.35
C GLU E 117 -46.40 9.65 31.52
N LEU E 118 -46.44 9.27 30.24
CA LEU E 118 -45.38 9.70 29.35
C LEU E 118 -45.41 11.21 29.24
N GLN E 119 -44.24 11.83 29.15
CA GLN E 119 -44.14 13.27 28.95
C GLN E 119 -43.03 13.52 27.94
N LEU E 120 -43.39 13.70 26.69
CA LEU E 120 -42.44 13.97 25.62
C LEU E 120 -43.08 15.04 24.74
N ARG E 121 -42.79 16.29 25.05
CA ARG E 121 -43.43 17.38 24.35
C ARG E 121 -42.80 17.68 23.00
N SER E 122 -41.59 17.21 22.73
CA SER E 122 -40.95 17.51 21.46
C SER E 122 -40.57 16.28 20.68
N LEU E 123 -40.91 15.09 21.15
CA LEU E 123 -40.68 13.91 20.34
C LEU E 123 -41.71 13.92 19.23
N THR E 124 -41.29 14.30 18.03
CA THR E 124 -42.19 14.36 16.89
C THR E 124 -41.51 13.80 15.66
N GLU E 125 -40.81 12.69 15.80
CA GLU E 125 -40.17 12.07 14.65
C GLU E 125 -39.65 10.69 14.99
N ILE E 126 -39.88 9.72 14.11
CA ILE E 126 -39.30 8.38 14.23
C ILE E 126 -39.01 7.88 12.83
N LEU E 127 -37.74 7.71 12.51
CA LEU E 127 -37.37 7.44 11.14
C LEU E 127 -37.40 5.96 10.76
N LYS E 128 -37.69 5.07 11.69
CA LYS E 128 -37.78 3.65 11.35
C LYS E 128 -38.31 2.90 12.55
N GLY E 129 -38.76 1.68 12.31
CA GLY E 129 -39.25 0.86 13.38
C GLY E 129 -40.61 1.34 13.85
N GLY E 130 -41.08 0.73 14.93
CA GLY E 130 -42.41 1.03 15.40
C GLY E 130 -42.45 1.44 16.86
N VAL E 131 -43.55 1.19 17.54
CA VAL E 131 -43.70 1.51 18.95
C VAL E 131 -44.21 0.28 19.68
N LEU E 132 -43.63 -0.01 20.83
CA LEU E 132 -44.00 -1.17 21.62
C LEU E 132 -44.24 -0.73 23.06
N ILE E 133 -45.50 -0.62 23.45
CA ILE E 133 -45.89 -0.23 24.79
C ILE E 133 -46.87 -1.26 25.32
N GLN E 134 -46.57 -1.85 26.47
CA GLN E 134 -47.49 -2.80 27.08
C GLN E 134 -47.08 -3.05 28.52
N ARG E 135 -48.03 -3.59 29.30
CA ARG E 135 -47.83 -3.97 30.69
C ARG E 135 -47.36 -2.78 31.53
N ASN E 136 -48.22 -1.76 31.60
CA ASN E 136 -47.91 -0.53 32.32
C ASN E 136 -49.05 -0.25 33.28
N PRO E 137 -49.01 -0.81 34.45
CA PRO E 137 -50.14 -0.70 35.37
C PRO E 137 -50.29 0.66 36.02
N GLN E 138 -49.61 1.69 35.51
CA GLN E 138 -49.91 3.04 35.98
C GLN E 138 -49.86 4.08 34.87
N LEU E 139 -49.70 3.67 33.61
CA LEU E 139 -49.56 4.63 32.53
C LEU E 139 -50.90 5.20 32.14
N CYS E 140 -50.91 6.47 31.79
CA CYS E 140 -52.10 7.16 31.32
C CYS E 140 -51.82 7.87 30.01
N TYR E 141 -52.88 8.13 29.24
CA TYR E 141 -52.86 8.94 28.04
C TYR E 141 -52.09 8.32 26.89
N GLN E 142 -51.58 7.10 27.03
CA GLN E 142 -50.82 6.52 25.93
C GLN E 142 -51.70 6.22 24.73
N ASP E 143 -52.98 5.96 24.96
CA ASP E 143 -53.89 5.66 23.85
C ASP E 143 -54.31 6.90 23.08
N THR E 144 -54.45 8.03 23.78
CA THR E 144 -54.88 9.28 23.15
C THR E 144 -53.70 9.99 22.49
N ILE E 145 -53.06 9.26 21.59
CA ILE E 145 -51.85 9.74 20.92
C ILE E 145 -51.95 9.42 19.45
N LEU E 146 -51.79 10.43 18.61
CA LEU E 146 -51.81 10.21 17.17
C LEU E 146 -50.39 9.85 16.77
N TRP E 147 -50.12 8.56 16.72
CA TRP E 147 -48.75 8.12 16.46
C TRP E 147 -48.34 8.29 15.00
N LYS E 148 -49.27 8.10 14.06
CA LYS E 148 -48.91 8.23 12.67
C LYS E 148 -48.42 9.63 12.33
N ASP E 149 -48.74 10.62 13.16
CA ASP E 149 -48.08 11.91 13.04
C ASP E 149 -46.61 11.82 13.42
N ILE E 150 -46.30 11.05 14.47
CA ILE E 150 -44.92 10.95 14.91
C ILE E 150 -44.07 10.22 13.90
N PHE E 151 -44.62 9.20 13.25
CA PHE E 151 -43.84 8.42 12.31
C PHE E 151 -43.51 9.23 11.06
N HIS E 152 -42.50 8.77 10.35
CA HIS E 152 -42.07 9.38 9.11
C HIS E 152 -42.66 8.62 7.93
N LYS E 153 -42.88 9.34 6.83
CA LYS E 153 -43.54 8.74 5.68
C LYS E 153 -42.73 7.60 5.09
N ASN E 154 -41.39 7.68 5.16
CA ASN E 154 -40.57 6.56 4.70
C ASN E 154 -40.73 5.36 5.63
N ASN E 155 -41.00 5.60 6.91
CA ASN E 155 -41.21 4.49 7.84
C ASN E 155 -42.55 3.86 7.51
N GLN E 156 -42.52 2.89 6.59
CA GLN E 156 -43.73 2.14 6.25
C GLN E 156 -44.10 1.14 7.34
N LEU E 157 -43.16 0.80 8.23
CA LEU E 157 -43.41 -0.16 9.29
C LEU E 157 -44.15 0.51 10.44
N ALA E 158 -45.21 1.24 10.12
CA ALA E 158 -45.91 2.01 11.14
C ALA E 158 -46.67 1.07 12.06
N LEU E 159 -45.97 0.08 12.61
CA LEU E 159 -46.62 -0.96 13.41
C LEU E 159 -46.51 -0.58 14.88
N THR E 160 -47.65 -0.54 15.56
CA THR E 160 -47.71 -0.17 16.95
C THR E 160 -48.34 -1.29 17.74
N LEU E 161 -47.77 -1.61 18.88
CA LEU E 161 -48.33 -2.61 19.78
C LEU E 161 -48.55 -1.89 21.10
N ILE E 162 -49.74 -1.33 21.26
CA ILE E 162 -50.05 -0.43 22.35
C ILE E 162 -51.10 -1.07 23.24
N ASP E 163 -50.90 -0.97 24.55
CA ASP E 163 -51.80 -1.54 25.52
C ASP E 163 -52.44 -0.45 26.36
N THR E 164 -53.65 -0.72 26.85
CA THR E 164 -54.46 0.29 27.52
C THR E 164 -54.82 -0.05 28.95
N ASN E 165 -54.49 -1.25 29.43
CA ASN E 165 -54.89 -1.65 30.76
C ASN E 165 -54.24 -0.77 31.81
N ARG E 166 -55.05 -0.30 32.76
CA ARG E 166 -54.55 0.56 33.81
C ARG E 166 -55.39 0.36 35.04
N SER E 167 -54.80 0.68 36.20
CA SER E 167 -55.42 0.50 37.49
C SER E 167 -55.77 1.82 38.16
N ARG E 168 -55.66 2.93 37.45
CA ARG E 168 -55.95 4.24 38.01
C ARG E 168 -56.84 5.00 37.04
N ALA E 169 -57.81 5.73 37.59
CA ALA E 169 -58.74 6.52 36.78
C ALA E 169 -58.03 7.78 36.32
N CYS E 170 -57.56 7.77 35.08
CA CYS E 170 -56.78 8.88 34.58
C CYS E 170 -57.64 10.13 34.44
N HIS E 171 -57.07 11.28 34.79
CA HIS E 171 -57.76 12.54 34.62
C HIS E 171 -57.94 12.85 33.13
N PRO E 172 -59.01 13.53 32.76
CA PRO E 172 -59.22 13.86 31.35
C PRO E 172 -58.21 14.89 30.88
N CYS E 173 -58.00 14.92 29.56
CA CYS E 173 -57.12 15.92 28.98
C CYS E 173 -57.62 17.31 29.33
N SER E 174 -56.69 18.18 29.68
CA SER E 174 -57.07 19.52 30.11
C SER E 174 -57.77 20.25 28.95
N PRO E 175 -58.74 21.09 29.26
CA PRO E 175 -59.54 21.73 28.19
C PRO E 175 -58.72 22.53 27.20
N MET E 176 -57.55 23.01 27.60
CA MET E 176 -56.73 23.78 26.66
C MET E 176 -56.24 22.94 25.49
N CYS E 177 -56.15 21.62 25.68
CA CYS E 177 -55.67 20.76 24.60
C CYS E 177 -56.66 20.70 23.45
N LYS E 178 -56.12 20.61 22.24
CA LYS E 178 -56.89 20.56 21.01
C LYS E 178 -56.85 19.15 20.46
N GLY E 179 -58.02 18.59 20.17
CA GLY E 179 -58.11 17.21 19.76
C GLY E 179 -58.12 16.20 20.88
N SER E 180 -58.01 16.66 22.13
CA SER E 180 -58.11 15.81 23.31
C SER E 180 -57.04 14.73 23.34
N ARG E 181 -55.98 14.88 22.56
CA ARG E 181 -54.86 13.94 22.56
C ARG E 181 -53.68 14.64 23.24
N CYS E 182 -53.47 14.32 24.52
CA CYS E 182 -52.54 15.04 25.36
C CYS E 182 -51.52 14.10 25.96
N TRP E 183 -50.26 14.53 25.99
CA TRP E 183 -49.23 13.78 26.70
C TRP E 183 -49.53 13.74 28.19
N GLY E 184 -50.00 14.86 28.74
CA GLY E 184 -50.27 14.93 30.16
C GLY E 184 -51.38 15.89 30.54
N GLU E 185 -51.55 16.07 31.86
CA GLU E 185 -52.59 16.95 32.37
C GLU E 185 -52.25 18.42 32.23
N SER E 186 -50.98 18.78 32.40
CA SER E 186 -50.61 20.18 32.33
C SER E 186 -50.87 20.73 30.92
N SER E 187 -51.11 22.04 30.87
CA SER E 187 -51.64 22.65 29.64
C SER E 187 -50.67 22.51 28.47
N GLU E 188 -49.37 22.47 28.74
CA GLU E 188 -48.38 22.50 27.68
C GLU E 188 -48.09 21.12 27.08
N ASP E 189 -48.74 20.08 27.58
CA ASP E 189 -48.44 18.72 27.14
C ASP E 189 -49.26 18.28 25.95
N CYS E 190 -50.09 19.15 25.37
CA CYS E 190 -50.88 18.75 24.23
C CYS E 190 -49.97 18.45 23.05
N GLN E 191 -50.28 17.38 22.32
CA GLN E 191 -49.46 16.99 21.20
C GLN E 191 -49.45 18.08 20.13
N SER E 192 -48.30 18.34 19.56
CA SER E 192 -48.15 19.28 18.46
C SER E 192 -48.19 18.51 17.15
N LEU E 193 -49.19 18.79 16.33
CA LEU E 193 -49.37 18.06 15.08
C LEU E 193 -48.56 18.73 13.98
N THR E 194 -47.70 17.96 13.33
CA THR E 194 -46.87 18.45 12.25
C THR E 194 -46.89 17.56 11.02
N ARG E 195 -47.80 16.58 10.98
CA ARG E 195 -47.90 15.72 9.81
C ARG E 195 -49.33 15.52 9.35
N THR E 196 -50.32 15.96 10.10
CA THR E 196 -51.70 15.87 9.68
C THR E 196 -52.30 17.22 9.31
N VAL E 197 -51.56 18.31 9.50
CA VAL E 197 -52.12 19.64 9.29
C VAL E 197 -51.19 20.47 8.44
N CYS E 198 -50.39 19.81 7.61
CA CYS E 198 -49.49 20.52 6.71
C CYS E 198 -50.13 20.69 5.34
N ALA E 199 -49.47 21.46 4.49
CA ALA E 199 -49.97 21.72 3.15
C ALA E 199 -49.86 20.45 2.31
N GLY E 200 -50.35 20.54 1.08
CA GLY E 200 -50.34 19.42 0.16
C GLY E 200 -48.93 18.97 -0.17
N GLY E 201 -48.55 17.79 0.29
CA GLY E 201 -47.23 17.27 0.07
C GLY E 201 -46.18 17.75 1.06
N CYS E 202 -46.57 18.46 2.11
CA CYS E 202 -45.61 18.95 3.09
C CYS E 202 -45.45 17.94 4.20
N ALA E 203 -44.26 17.34 4.30
CA ALA E 203 -44.02 16.33 5.33
C ALA E 203 -44.15 16.94 6.71
N ARG E 204 -43.58 18.12 6.91
CA ARG E 204 -43.57 18.78 8.21
C ARG E 204 -43.84 20.26 8.01
N CYS E 205 -44.48 20.89 8.98
CA CYS E 205 -44.82 22.29 8.84
C CYS E 205 -44.98 22.93 10.22
N LYS E 206 -44.88 24.26 10.25
CA LYS E 206 -45.06 24.98 11.50
C LYS E 206 -46.52 25.02 11.92
N GLY E 207 -47.43 25.17 10.97
CA GLY E 207 -48.83 25.26 11.28
C GLY E 207 -49.67 25.14 10.02
N PRO E 208 -50.95 25.38 10.14
CA PRO E 208 -51.89 25.17 9.02
C PRO E 208 -51.95 26.35 8.05
N LEU E 209 -50.78 26.79 7.59
CA LEU E 209 -50.72 27.82 6.57
C LEU E 209 -49.78 27.34 5.48
N PRO E 210 -50.16 27.45 4.20
CA PRO E 210 -49.34 26.89 3.13
C PRO E 210 -47.98 27.55 2.97
N THR E 211 -47.64 28.54 3.79
CA THR E 211 -46.27 29.03 3.87
C THR E 211 -45.51 28.49 5.07
N ASP E 212 -46.13 27.61 5.86
CA ASP E 212 -45.49 26.99 7.00
C ASP E 212 -44.74 25.71 6.63
N CYS E 213 -44.75 25.34 5.36
CA CYS E 213 -44.06 24.15 4.91
C CYS E 213 -42.58 24.22 5.24
N CYS E 214 -42.05 23.14 5.80
CA CYS E 214 -40.63 23.04 6.07
C CYS E 214 -39.84 22.82 4.79
N HIS E 215 -38.54 23.07 4.88
CA HIS E 215 -37.63 22.75 3.79
C HIS E 215 -37.66 21.24 3.54
N GLU E 216 -37.15 20.82 2.38
CA GLU E 216 -37.23 19.39 2.07
C GLU E 216 -36.24 18.56 2.86
N GLN E 217 -35.33 19.18 3.61
CA GLN E 217 -34.35 18.42 4.39
C GLN E 217 -34.36 18.84 5.85
N CYS E 218 -35.53 18.90 6.45
CA CYS E 218 -35.63 19.02 7.90
C CYS E 218 -36.18 17.72 8.47
N ALA E 219 -36.36 17.71 9.79
CA ALA E 219 -36.85 16.53 10.50
C ALA E 219 -38.21 16.75 11.14
N ALA E 220 -38.35 17.72 12.03
CA ALA E 220 -39.61 17.88 12.76
C ALA E 220 -39.75 19.34 13.16
N GLY E 221 -40.67 20.04 12.50
CA GLY E 221 -40.90 21.45 12.77
C GLY E 221 -39.74 22.29 12.29
N CYS E 222 -39.98 23.55 11.98
CA CYS E 222 -38.90 24.41 11.53
C CYS E 222 -39.10 25.83 12.06
N THR E 223 -38.00 26.47 12.43
CA THR E 223 -38.09 27.87 12.82
C THR E 223 -38.26 28.76 11.61
N GLY E 224 -37.53 28.49 10.54
CA GLY E 224 -37.70 29.18 9.30
C GLY E 224 -37.66 28.21 8.15
N PRO E 225 -38.13 28.63 6.97
CA PRO E 225 -38.20 27.72 5.82
C PRO E 225 -36.91 27.52 5.06
N LYS E 226 -35.75 27.86 5.61
CA LYS E 226 -34.48 27.62 4.96
C LYS E 226 -33.77 26.42 5.59
N HIS E 227 -32.97 25.74 4.77
CA HIS E 227 -32.31 24.51 5.22
C HIS E 227 -31.39 24.74 6.41
N SER E 228 -31.02 25.98 6.68
CA SER E 228 -30.28 26.29 7.89
C SER E 228 -31.18 26.51 9.09
N ASP E 229 -32.50 26.42 8.92
CA ASP E 229 -33.44 26.64 10.02
C ASP E 229 -34.11 25.37 10.50
N CYS E 230 -33.59 24.20 10.17
CA CYS E 230 -34.20 22.96 10.60
C CYS E 230 -34.06 22.78 12.12
N LEU E 231 -35.03 22.09 12.71
CA LEU E 231 -34.88 21.62 14.08
C LEU E 231 -33.97 20.41 14.16
N ALA E 232 -33.87 19.63 13.08
CA ALA E 232 -32.91 18.51 13.03
C ALA E 232 -32.69 18.13 11.58
N CYS E 233 -31.42 18.08 11.17
CA CYS E 233 -31.11 17.73 9.80
C CYS E 233 -31.48 16.29 9.53
N LEU E 234 -32.02 16.04 8.34
CA LEU E 234 -32.38 14.67 8.01
C LEU E 234 -31.16 13.84 7.70
N HIS E 235 -30.25 14.34 6.85
CA HIS E 235 -29.15 13.52 6.39
C HIS E 235 -27.79 14.00 6.87
N PHE E 236 -27.39 15.22 6.58
CA PHE E 236 -26.10 15.64 7.11
C PHE E 236 -26.17 17.07 7.59
N ASN E 237 -25.49 17.35 8.70
CA ASN E 237 -25.48 18.68 9.29
C ASN E 237 -24.06 19.23 9.21
N HIS E 238 -23.78 19.86 8.08
CA HIS E 238 -22.47 20.48 7.84
C HIS E 238 -22.52 21.92 8.31
N SER E 239 -21.90 22.19 9.46
CA SER E 239 -21.73 23.54 10.00
C SER E 239 -23.07 24.27 10.05
N GLY E 240 -24.07 23.59 10.58
CA GLY E 240 -25.37 24.23 10.72
C GLY E 240 -26.16 24.31 9.45
N ILE E 241 -25.81 23.55 8.43
CA ILE E 241 -26.57 23.50 7.18
C ILE E 241 -26.95 22.05 6.91
N CYS E 242 -28.22 21.82 6.61
CA CYS E 242 -28.72 20.46 6.35
C CYS E 242 -28.53 20.14 4.88
N GLU E 243 -27.54 19.32 4.57
CA GLU E 243 -27.19 18.94 3.22
C GLU E 243 -27.40 17.45 3.01
N LEU E 244 -27.33 17.05 1.75
CA LEU E 244 -27.52 15.66 1.36
C LEU E 244 -26.24 14.87 1.38
N HIS E 245 -25.09 15.50 1.16
CA HIS E 245 -23.82 14.79 1.20
C HIS E 245 -22.74 15.75 1.66
N CYS E 246 -21.84 15.26 2.51
CA CYS E 246 -20.70 16.07 2.90
C CYS E 246 -19.84 16.36 1.66
N PRO E 247 -19.28 17.56 1.56
CA PRO E 247 -18.48 17.89 0.37
C PRO E 247 -17.31 16.94 0.19
N ALA E 248 -17.08 16.53 -1.05
CA ALA E 248 -16.01 15.58 -1.34
C ALA E 248 -14.65 16.22 -1.10
N LEU E 249 -13.65 15.40 -0.82
CA LEU E 249 -12.33 15.91 -0.48
C LEU E 249 -11.31 15.77 -1.59
N VAL E 250 -11.73 15.40 -2.80
CA VAL E 250 -10.82 15.34 -3.93
C VAL E 250 -11.56 15.86 -5.16
N THR E 251 -10.88 16.66 -5.96
CA THR E 251 -11.43 17.15 -7.21
C THR E 251 -10.79 16.42 -8.38
N TYR E 252 -11.62 16.06 -9.35
CA TYR E 252 -11.20 15.30 -10.52
C TYR E 252 -11.49 16.11 -11.77
N ASN E 253 -10.50 16.28 -12.62
CA ASN E 253 -10.75 16.92 -13.90
C ASN E 253 -11.63 16.01 -14.74
N THR E 254 -12.48 16.63 -15.56
CA THR E 254 -13.47 15.85 -16.29
C THR E 254 -12.84 14.98 -17.38
N ASP E 255 -11.55 15.15 -17.68
CA ASP E 255 -10.90 14.37 -18.72
C ASP E 255 -10.09 13.20 -18.19
N THR E 256 -9.31 13.41 -17.13
CA THR E 256 -8.49 12.36 -16.56
C THR E 256 -8.89 11.97 -15.15
N PHE E 257 -9.78 12.72 -14.51
CA PHE E 257 -10.17 12.46 -13.13
C PHE E 257 -8.94 12.36 -12.23
N GLU E 258 -7.96 13.22 -12.50
CA GLU E 258 -6.77 13.27 -11.66
C GLU E 258 -7.12 13.86 -10.31
N SER E 259 -6.56 13.28 -9.26
CA SER E 259 -6.91 13.65 -7.90
C SER E 259 -6.18 14.93 -7.50
N MET E 260 -6.94 15.99 -7.24
CA MET E 260 -6.41 17.20 -6.68
C MET E 260 -7.04 17.44 -5.32
N PRO E 261 -6.24 17.57 -4.26
CA PRO E 261 -6.83 17.76 -2.93
C PRO E 261 -7.71 18.99 -2.87
N ASN E 262 -8.86 18.85 -2.23
CA ASN E 262 -9.80 19.93 -2.05
C ASN E 262 -9.75 20.37 -0.60
N PRO E 263 -9.36 21.61 -0.32
CA PRO E 263 -9.31 22.05 1.08
C PRO E 263 -10.66 22.00 1.77
N GLU E 264 -11.75 22.03 1.01
CA GLU E 264 -13.09 21.97 1.57
C GLU E 264 -13.59 20.55 1.77
N GLY E 265 -12.67 19.58 1.88
CA GLY E 265 -13.10 18.21 2.08
C GLY E 265 -13.65 17.98 3.47
N ARG E 266 -14.69 17.15 3.54
CA ARG E 266 -15.35 16.82 4.79
C ARG E 266 -15.49 15.32 4.91
N TYR E 267 -15.16 14.80 6.09
CA TYR E 267 -15.38 13.40 6.40
C TYR E 267 -16.76 13.25 7.04
N THR E 268 -17.27 12.02 7.02
CA THR E 268 -18.59 11.72 7.57
C THR E 268 -18.45 10.97 8.88
N PHE E 269 -19.18 11.41 9.88
CA PHE E 269 -19.19 10.78 11.19
C PHE E 269 -20.62 10.86 11.72
N GLY E 270 -21.26 9.71 11.83
CA GLY E 270 -22.68 9.72 12.17
C GLY E 270 -23.46 10.43 11.09
N ALA E 271 -24.32 11.36 11.51
CA ALA E 271 -25.04 12.22 10.58
C ALA E 271 -24.44 13.61 10.53
N SER E 272 -23.14 13.72 10.74
CA SER E 272 -22.45 15.00 10.76
C SER E 272 -21.23 14.97 9.85
N CYS E 273 -20.84 16.13 9.38
CA CYS E 273 -19.65 16.28 8.56
C CYS E 273 -18.56 16.92 9.42
N VAL E 274 -17.47 16.22 9.58
CA VAL E 274 -16.37 16.63 10.44
C VAL E 274 -15.13 16.86 9.58
N THR E 275 -14.41 17.94 9.89
CA THR E 275 -13.21 18.27 9.12
C THR E 275 -12.15 17.19 9.28
N ALA E 276 -11.92 16.73 10.51
CA ALA E 276 -10.95 15.67 10.79
C ALA E 276 -11.55 14.66 11.75
N CYS E 277 -11.27 13.39 11.50
CA CYS E 277 -11.93 12.32 12.25
C CYS E 277 -11.58 12.43 13.73
N PRO E 278 -12.46 11.96 14.60
CA PRO E 278 -12.18 12.01 16.03
C PRO E 278 -10.98 11.18 16.41
N TYR E 279 -10.67 11.14 17.71
CA TYR E 279 -9.40 10.58 18.14
C TYR E 279 -9.25 9.13 17.72
N ASN E 280 -10.26 8.32 17.98
CA ASN E 280 -10.08 6.88 17.91
C ASN E 280 -10.39 6.28 16.55
N TYR E 281 -11.26 6.90 15.77
CA TYR E 281 -11.67 6.31 14.51
C TYR E 281 -10.57 6.47 13.48
N LEU E 282 -10.73 5.78 12.36
CA LEU E 282 -9.76 5.78 11.28
C LEU E 282 -10.32 6.48 10.07
N SER E 283 -9.51 7.34 9.46
CA SER E 283 -9.91 8.04 8.24
C SER E 283 -9.45 7.24 7.03
N THR E 284 -10.39 6.83 6.19
CA THR E 284 -10.07 6.08 5.00
C THR E 284 -10.06 6.99 3.78
N ASP E 285 -9.52 6.46 2.68
CA ASP E 285 -9.45 7.22 1.44
C ASP E 285 -10.82 7.51 0.83
N VAL E 286 -11.81 6.66 1.10
CA VAL E 286 -13.15 6.90 0.57
C VAL E 286 -13.86 8.03 1.29
N GLY E 287 -13.32 8.52 2.39
CA GLY E 287 -13.86 9.67 3.06
C GLY E 287 -14.87 9.40 4.14
N SER E 288 -14.63 8.40 5.00
CA SER E 288 -15.54 8.13 6.09
C SER E 288 -14.77 7.61 7.29
N CYS E 289 -14.98 8.21 8.45
CA CYS E 289 -14.36 7.70 9.65
C CYS E 289 -14.97 6.35 10.00
N THR E 290 -14.13 5.37 10.30
CA THR E 290 -14.58 4.03 10.58
C THR E 290 -13.76 3.47 11.72
N LEU E 291 -13.90 2.17 11.97
CA LEU E 291 -13.14 1.50 13.01
C LEU E 291 -12.25 0.38 12.50
N VAL E 292 -12.66 -0.33 11.46
CA VAL E 292 -11.90 -1.47 10.96
C VAL E 292 -11.53 -1.19 9.51
N CYS E 293 -10.24 -1.26 9.21
CA CYS E 293 -9.80 -0.94 7.86
C CYS E 293 -10.37 -1.94 6.87
N PRO E 294 -10.74 -1.49 5.68
CA PRO E 294 -11.27 -2.40 4.67
C PRO E 294 -10.21 -3.40 4.19
N LEU E 295 -10.58 -4.26 3.24
CA LEU E 295 -9.64 -5.24 2.71
C LEU E 295 -8.50 -4.55 1.97
N HIS E 296 -7.33 -5.18 2.02
CA HIS E 296 -6.14 -4.73 1.33
C HIS E 296 -5.76 -3.32 1.70
N ASN E 297 -6.32 -2.82 2.80
CA ASN E 297 -5.93 -1.56 3.39
C ASN E 297 -5.51 -1.85 4.82
N GLN E 298 -4.35 -1.33 5.21
CA GLN E 298 -3.76 -1.66 6.49
C GLN E 298 -3.54 -0.40 7.32
N GLU E 299 -3.53 -0.57 8.64
CA GLU E 299 -3.23 0.53 9.52
C GLU E 299 -1.82 1.06 9.25
N VAL E 300 -1.71 2.38 9.13
CA VAL E 300 -0.43 3.06 9.07
C VAL E 300 -0.51 4.29 9.94
N THR E 301 0.43 4.42 10.85
CA THR E 301 0.46 5.59 11.73
C THR E 301 0.99 6.77 10.93
N ALA E 302 0.18 7.81 10.83
CA ALA E 302 0.56 8.98 10.04
C ALA E 302 1.68 9.73 10.73
N GLU E 303 2.21 10.72 10.01
CA GLU E 303 3.35 11.48 10.51
C GLU E 303 3.02 12.22 11.79
N ASP E 304 1.82 12.81 11.86
CA ASP E 304 1.38 13.54 13.03
C ASP E 304 0.91 12.63 14.16
N GLY E 305 1.18 11.33 14.07
CA GLY E 305 0.81 10.39 15.10
C GLY E 305 -0.56 9.78 14.94
N THR E 306 -1.38 10.30 14.04
CA THR E 306 -2.69 9.71 13.80
C THR E 306 -2.54 8.42 13.01
N GLN E 307 -3.64 7.65 12.96
CA GLN E 307 -3.68 6.40 12.23
C GLN E 307 -4.61 6.54 11.03
N ARG E 308 -4.29 5.84 9.96
CA ARG E 308 -5.18 5.81 8.82
C ARG E 308 -4.93 4.55 8.00
N CYS E 309 -5.93 4.13 7.25
CA CYS E 309 -5.79 2.96 6.42
C CYS E 309 -5.08 3.37 5.13
N GLU E 310 -4.05 2.62 4.75
CA GLU E 310 -3.32 2.84 3.52
C GLU E 310 -3.40 1.60 2.64
N LYS E 311 -3.35 1.82 1.33
CA LYS E 311 -3.41 0.72 0.39
C LYS E 311 -2.11 -0.09 0.45
N CYS E 312 -2.24 -1.39 0.27
CA CYS E 312 -1.09 -2.29 0.18
C CYS E 312 -0.79 -2.56 -1.28
N SER E 313 0.47 -2.41 -1.67
CA SER E 313 0.88 -2.89 -2.99
C SER E 313 1.14 -4.39 -2.95
N LYS E 314 2.13 -4.81 -2.17
CA LYS E 314 2.34 -6.21 -1.88
C LYS E 314 1.23 -6.69 -0.95
N PRO E 315 1.08 -8.01 -0.79
CA PRO E 315 0.09 -8.51 0.16
C PRO E 315 0.34 -7.91 1.54
N CYS E 316 -0.73 -7.47 2.18
CA CYS E 316 -0.60 -6.87 3.49
C CYS E 316 -0.12 -7.91 4.49
N ALA E 317 0.57 -7.44 5.52
CA ALA E 317 1.24 -8.33 6.45
C ALA E 317 0.24 -9.29 7.12
N ARG E 318 0.78 -10.34 7.72
CA ARG E 318 -0.03 -11.35 8.40
C ARG E 318 -0.41 -10.82 9.77
N VAL E 319 -1.53 -10.10 9.80
CA VAL E 319 -2.07 -9.59 11.05
C VAL E 319 -2.69 -10.74 11.84
N CYS E 320 -2.28 -10.88 13.09
CA CYS E 320 -2.66 -12.03 13.90
C CYS E 320 -4.02 -11.73 14.54
N TYR E 321 -5.08 -12.34 14.03
CA TYR E 321 -6.41 -12.05 14.52
C TYR E 321 -6.61 -12.61 15.92
N GLY E 322 -7.59 -12.04 16.62
CA GLY E 322 -7.93 -12.49 17.95
C GLY E 322 -9.19 -13.30 17.97
N LEU E 323 -10.27 -12.73 18.52
CA LEU E 323 -11.57 -13.38 18.54
C LEU E 323 -12.64 -12.40 18.13
N GLY E 324 -13.71 -12.92 17.54
CA GLY E 324 -14.78 -12.04 17.15
C GLY E 324 -14.36 -11.03 16.13
N MET E 325 -13.21 -11.21 15.50
CA MET E 325 -12.77 -10.19 14.58
C MET E 325 -13.17 -10.48 13.13
N GLU E 326 -12.62 -11.55 12.55
CA GLU E 326 -12.95 -11.89 11.16
C GLU E 326 -13.49 -13.31 11.00
N HIS E 327 -12.70 -14.32 11.38
CA HIS E 327 -13.11 -15.69 11.15
C HIS E 327 -13.26 -16.47 12.44
N LEU E 328 -12.65 -16.02 13.53
CA LEU E 328 -13.03 -16.52 14.85
C LEU E 328 -14.17 -15.68 15.39
N ARG E 329 -15.19 -15.50 14.54
CA ARG E 329 -16.19 -14.47 14.78
C ARG E 329 -17.06 -14.78 15.98
N GLU E 330 -17.69 -15.94 15.98
CA GLU E 330 -18.53 -16.30 17.11
C GLU E 330 -17.78 -17.10 18.14
N VAL E 331 -16.47 -17.28 17.96
CA VAL E 331 -15.65 -17.99 18.93
C VAL E 331 -15.68 -17.21 20.24
N ARG E 332 -16.11 -17.88 21.31
CA ARG E 332 -16.25 -17.22 22.59
C ARG E 332 -14.89 -16.94 23.21
N ALA E 333 -14.17 -17.99 23.57
CA ALA E 333 -12.98 -17.86 24.41
C ALA E 333 -11.75 -18.41 23.72
N VAL E 334 -10.66 -18.55 24.46
CA VAL E 334 -9.43 -19.11 23.92
C VAL E 334 -9.23 -20.49 24.55
N THR E 335 -9.24 -21.53 23.72
CA THR E 335 -8.90 -22.85 24.20
C THR E 335 -7.41 -23.06 24.01
N SER E 336 -6.94 -24.28 24.25
CA SER E 336 -5.57 -24.62 23.88
C SER E 336 -5.41 -24.73 22.37
N ALA E 337 -6.52 -24.73 21.62
CA ALA E 337 -6.46 -24.84 20.17
C ALA E 337 -6.15 -23.51 19.51
N ASN E 338 -7.06 -22.53 19.67
CA ASN E 338 -6.86 -21.23 19.05
C ASN E 338 -5.67 -20.49 19.63
N ILE E 339 -5.30 -20.80 20.88
CA ILE E 339 -4.21 -20.09 21.53
C ILE E 339 -2.92 -20.25 20.74
N GLN E 340 -2.78 -21.35 20.00
CA GLN E 340 -1.59 -21.60 19.22
C GLN E 340 -1.45 -20.62 18.05
N GLU E 341 -2.57 -20.06 17.57
CA GLU E 341 -2.48 -19.00 16.57
C GLU E 341 -1.85 -17.74 17.13
N PHE E 342 -1.74 -17.63 18.46
CA PHE E 342 -1.19 -16.44 19.10
C PHE E 342 0.29 -16.55 19.35
N ALA E 343 1.00 -17.32 18.53
CA ALA E 343 2.45 -17.34 18.56
C ALA E 343 2.98 -16.21 17.71
N GLY E 344 3.88 -15.42 18.29
CA GLY E 344 4.47 -14.31 17.54
C GLY E 344 3.48 -13.25 17.12
N CYS E 345 2.57 -12.88 18.02
CA CYS E 345 1.60 -11.83 17.75
C CYS E 345 2.03 -10.60 18.55
N LYS E 346 2.86 -9.76 17.92
CA LYS E 346 3.22 -8.49 18.53
C LYS E 346 2.05 -7.52 18.50
N LYS E 347 1.24 -7.57 17.45
CA LYS E 347 0.01 -6.80 17.36
C LYS E 347 -1.14 -7.77 17.13
N ILE E 348 -2.16 -7.68 17.96
CA ILE E 348 -3.35 -8.51 17.83
C ILE E 348 -4.48 -7.62 17.38
N PHE E 349 -5.49 -8.21 16.78
CA PHE E 349 -6.74 -7.52 16.48
C PHE E 349 -7.87 -8.27 17.16
N GLY E 350 -8.83 -7.52 17.72
CA GLY E 350 -10.05 -8.12 18.25
C GLY E 350 -10.01 -8.45 19.72
N SER E 351 -11.14 -8.93 20.21
CA SER E 351 -11.26 -9.23 21.63
C SER E 351 -10.39 -10.40 22.00
N LEU E 352 -10.34 -10.66 23.31
CA LEU E 352 -9.91 -11.94 23.89
C LEU E 352 -10.84 -12.22 25.07
N ALA E 353 -12.01 -12.78 24.81
CA ALA E 353 -12.92 -13.10 25.89
C ALA E 353 -12.38 -14.27 26.69
N PHE E 354 -12.50 -14.19 28.02
CA PHE E 354 -12.06 -15.27 28.92
C PHE E 354 -13.21 -15.64 29.84
N LEU E 355 -14.07 -16.54 29.38
CA LEU E 355 -15.05 -17.13 30.27
C LEU E 355 -14.34 -18.04 31.27
N PRO E 356 -14.98 -18.36 32.40
CA PRO E 356 -14.34 -19.28 33.35
C PRO E 356 -14.02 -20.63 32.75
N GLU E 357 -14.75 -21.03 31.70
CA GLU E 357 -14.48 -22.32 31.05
C GLU E 357 -13.05 -22.41 30.56
N SER E 358 -12.46 -21.29 30.14
CA SER E 358 -11.07 -21.31 29.72
C SER E 358 -10.18 -21.90 30.79
N PHE E 359 -10.48 -21.61 32.06
CA PHE E 359 -9.75 -22.19 33.18
C PHE E 359 -10.62 -23.14 34.00
N ASP E 360 -11.70 -23.67 33.40
CA ASP E 360 -12.46 -24.77 34.00
C ASP E 360 -12.78 -25.87 33.00
N GLY E 361 -12.40 -25.71 31.74
CA GLY E 361 -12.49 -26.78 30.77
C GLY E 361 -13.91 -27.03 30.29
N ASP E 362 -14.01 -27.80 29.22
CA ASP E 362 -15.28 -28.19 28.65
C ASP E 362 -15.20 -29.65 28.20
N PRO E 363 -15.90 -30.56 28.88
CA PRO E 363 -15.77 -31.98 28.54
C PRO E 363 -16.19 -32.30 27.11
N ALA E 364 -17.22 -31.64 26.60
CA ALA E 364 -17.70 -31.95 25.26
C ALA E 364 -16.65 -31.64 24.20
N SER E 365 -15.91 -30.55 24.38
CA SER E 365 -14.88 -30.16 23.45
C SER E 365 -13.54 -30.84 23.71
N ASN E 366 -13.46 -31.65 24.76
CA ASN E 366 -12.20 -32.31 25.15
C ASN E 366 -11.11 -31.29 25.38
N THR E 367 -11.48 -30.15 25.95
CA THR E 367 -10.54 -29.06 26.21
C THR E 367 -10.37 -28.90 27.72
N ALA E 368 -9.17 -29.16 28.20
CA ALA E 368 -8.86 -28.96 29.59
C ALA E 368 -8.79 -27.46 29.89
N PRO E 369 -8.89 -27.08 31.16
CA PRO E 369 -8.55 -25.71 31.53
C PRO E 369 -7.14 -25.39 31.07
N LEU E 370 -6.98 -24.23 30.43
CA LEU E 370 -5.71 -23.89 29.81
C LEU E 370 -4.63 -23.73 30.86
N GLN E 371 -3.41 -24.05 30.50
CA GLN E 371 -2.35 -24.11 31.48
C GLN E 371 -1.94 -22.71 31.92
N PRO E 372 -1.73 -22.50 33.22
CA PRO E 372 -1.04 -21.28 33.65
C PRO E 372 0.36 -21.18 33.08
N GLU E 373 0.93 -22.29 32.63
CA GLU E 373 2.16 -22.28 31.83
C GLU E 373 1.87 -22.38 30.34
N GLN E 374 0.67 -21.96 29.92
CA GLN E 374 0.33 -21.92 28.51
C GLN E 374 0.20 -20.50 27.99
N LEU E 375 0.63 -19.51 28.78
CA LEU E 375 0.37 -18.12 28.46
C LEU E 375 1.50 -17.47 27.69
N GLN E 376 2.57 -18.20 27.40
CA GLN E 376 3.71 -17.63 26.69
C GLN E 376 3.33 -17.11 25.31
N VAL E 377 2.17 -17.52 24.78
CA VAL E 377 1.68 -16.99 23.52
C VAL E 377 1.57 -15.48 23.60
N PHE E 378 1.09 -14.96 24.72
CA PHE E 378 0.86 -13.54 24.87
C PHE E 378 2.06 -12.94 25.62
N GLU E 379 3.16 -12.80 24.92
CA GLU E 379 4.26 -12.14 25.61
C GLU E 379 4.85 -10.97 24.82
N THR E 380 4.90 -11.07 23.50
CA THR E 380 5.42 -9.98 22.67
C THR E 380 4.32 -9.10 22.11
N LEU E 381 3.07 -9.37 22.49
CA LEU E 381 1.97 -8.52 22.08
C LEU E 381 2.15 -7.09 22.58
N GLU E 382 1.98 -6.13 21.67
CA GLU E 382 2.17 -4.72 22.03
C GLU E 382 0.97 -3.84 21.73
N GLU E 383 0.01 -4.30 20.92
CA GLU E 383 -1.20 -3.53 20.69
C GLU E 383 -2.37 -4.49 20.51
N ILE E 384 -3.42 -4.26 21.27
CA ILE E 384 -4.70 -4.93 21.10
C ILE E 384 -5.71 -3.89 20.65
N THR E 385 -6.55 -4.24 19.70
CA THR E 385 -7.71 -3.44 19.44
C THR E 385 -8.92 -4.17 20.00
N GLY E 386 -9.93 -3.41 20.39
CA GLY E 386 -11.12 -3.99 21.00
C GLY E 386 -10.92 -4.32 22.46
N TYR E 387 -11.95 -4.87 23.08
CA TYR E 387 -11.89 -5.02 24.51
C TYR E 387 -11.09 -6.25 24.89
N LEU E 388 -11.10 -6.58 26.17
CA LEU E 388 -10.24 -7.63 26.72
C LEU E 388 -10.96 -8.20 27.94
N TYR E 389 -11.87 -9.12 27.70
CA TYR E 389 -12.67 -9.66 28.79
C TYR E 389 -11.81 -10.54 29.67
N ILE E 390 -12.15 -10.59 30.95
CA ILE E 390 -11.43 -11.43 31.91
C ILE E 390 -12.38 -12.01 32.95
N SER E 391 -12.60 -13.33 32.91
CA SER E 391 -13.34 -13.99 33.98
C SER E 391 -12.75 -15.36 34.30
N ALA E 392 -11.44 -15.52 34.14
CA ALA E 392 -10.72 -16.65 34.71
C ALA E 392 -9.23 -16.38 34.67
N TRP E 393 -8.56 -16.53 35.82
CA TRP E 393 -7.11 -16.44 35.86
C TRP E 393 -6.62 -17.58 36.75
N PRO E 394 -5.39 -18.06 36.53
CA PRO E 394 -4.87 -19.11 37.41
C PRO E 394 -4.47 -18.57 38.76
N ASP E 395 -4.69 -19.40 39.79
CA ASP E 395 -4.28 -19.02 41.14
C ASP E 395 -2.76 -19.00 41.27
N SER E 396 -2.07 -19.88 40.54
CA SER E 396 -0.60 -19.85 40.56
C SER E 396 -0.09 -18.48 40.15
N LEU E 397 -0.84 -17.76 39.32
CA LEU E 397 -0.54 -16.37 39.03
C LEU E 397 -1.25 -15.47 40.03
N PRO E 398 -0.53 -14.64 40.79
CA PRO E 398 -1.18 -13.75 41.75
C PRO E 398 -1.81 -12.52 41.09
N ASP E 399 -1.76 -12.43 39.78
CA ASP E 399 -2.21 -11.24 39.08
C ASP E 399 -2.22 -11.54 37.58
N LEU E 400 -2.50 -10.50 36.81
CA LEU E 400 -2.41 -10.55 35.35
C LEU E 400 -1.05 -9.97 34.92
N SER E 401 0.00 -10.63 35.38
CA SER E 401 1.35 -10.18 35.05
C SER E 401 1.77 -10.58 33.65
N VAL E 402 0.91 -11.29 32.92
CA VAL E 402 1.33 -11.90 31.67
C VAL E 402 1.71 -10.84 30.65
N PHE E 403 0.90 -9.79 30.53
CA PHE E 403 1.06 -8.83 29.44
C PHE E 403 1.93 -7.67 29.93
N GLN E 404 3.24 -7.89 29.89
CA GLN E 404 4.18 -6.85 30.27
C GLN E 404 4.53 -5.93 29.14
N ASN E 405 4.10 -6.22 27.91
CA ASN E 405 4.43 -5.40 26.77
C ASN E 405 3.20 -4.91 26.02
N LEU E 406 2.00 -5.26 26.46
CA LEU E 406 0.81 -4.70 25.85
C LEU E 406 0.80 -3.20 26.10
N GLN E 407 1.11 -2.42 25.07
CA GLN E 407 1.24 -0.99 25.26
C GLN E 407 -0.05 -0.24 24.99
N VAL E 408 -0.88 -0.72 24.06
CA VAL E 408 -2.10 -0.02 23.69
C VAL E 408 -3.26 -0.97 23.67
N ILE E 409 -4.34 -0.61 24.35
CA ILE E 409 -5.66 -1.19 24.16
C ILE E 409 -6.56 -0.09 23.64
N ARG E 410 -7.24 -0.35 22.54
CA ARG E 410 -8.17 0.62 21.99
C ARG E 410 -9.57 0.09 22.14
N GLY E 411 -10.51 1.00 22.33
CA GLY E 411 -11.87 0.58 22.63
C GLY E 411 -12.74 0.44 21.40
N ARG E 412 -12.16 0.04 20.27
CA ARG E 412 -12.94 -0.05 19.06
C ARG E 412 -14.02 -1.12 19.15
N ILE E 413 -13.87 -2.10 20.05
CA ILE E 413 -14.88 -3.13 20.25
C ILE E 413 -15.14 -3.22 21.74
N LEU E 414 -16.28 -2.72 22.19
CA LEU E 414 -16.62 -2.74 23.60
C LEU E 414 -17.62 -3.85 23.91
N HIS E 415 -17.61 -4.29 25.17
CA HIS E 415 -18.25 -5.55 25.53
C HIS E 415 -19.75 -5.51 25.25
N ASN E 416 -20.44 -4.49 25.76
CA ASN E 416 -21.87 -4.34 25.53
C ASN E 416 -22.18 -3.00 24.90
N GLY E 417 -21.29 -2.51 24.05
CA GLY E 417 -21.33 -1.11 23.69
C GLY E 417 -20.85 -0.17 24.77
N ALA E 418 -20.42 -0.69 25.91
CA ALA E 418 -20.06 0.18 27.01
C ALA E 418 -18.70 -0.11 27.59
N TYR E 419 -18.29 -1.37 27.66
CA TYR E 419 -17.16 -1.75 28.49
C TYR E 419 -15.97 -2.17 27.67
N SER E 420 -14.83 -1.57 27.96
CA SER E 420 -13.58 -1.88 27.29
C SER E 420 -12.72 -2.86 28.06
N LEU E 421 -12.94 -2.98 29.35
CA LEU E 421 -12.36 -4.01 30.19
C LEU E 421 -13.46 -4.64 31.00
N THR E 422 -13.06 -5.41 31.99
CA THR E 422 -13.93 -6.08 32.93
C THR E 422 -12.98 -6.84 33.82
N LEU E 423 -13.19 -6.82 35.12
CA LEU E 423 -12.41 -7.66 36.01
C LEU E 423 -13.38 -8.15 37.09
N GLN E 424 -14.04 -9.25 36.79
CA GLN E 424 -15.15 -9.87 37.49
C GLN E 424 -14.92 -11.37 37.56
N GLY E 425 -15.26 -11.95 38.69
CA GLY E 425 -15.01 -13.36 38.93
C GLY E 425 -13.58 -13.70 39.26
N LEU E 426 -12.68 -12.72 39.22
CA LEU E 426 -11.28 -12.99 39.48
C LEU E 426 -11.01 -13.09 40.98
N GLY E 427 -9.85 -13.63 41.30
CA GLY E 427 -9.31 -13.59 42.64
C GLY E 427 -7.93 -12.97 42.73
N ILE E 428 -7.51 -12.25 41.70
CA ILE E 428 -6.14 -11.76 41.60
C ILE E 428 -5.89 -10.68 42.65
N SER E 429 -4.63 -10.25 42.78
CA SER E 429 -4.24 -9.30 43.80
C SER E 429 -3.83 -7.94 43.27
N TRP E 430 -3.39 -7.86 42.02
CA TRP E 430 -3.05 -6.59 41.37
C TRP E 430 -3.10 -6.81 39.87
N LEU E 431 -2.47 -5.92 39.11
CA LEU E 431 -2.39 -6.09 37.67
C LEU E 431 -0.96 -6.33 37.19
N GLY E 432 -0.08 -5.36 37.33
CA GLY E 432 1.24 -5.53 36.78
C GLY E 432 1.38 -5.31 35.29
N LEU E 433 0.39 -4.72 34.63
CA LEU E 433 0.53 -4.28 33.24
C LEU E 433 1.37 -3.02 33.24
N ARG E 434 2.69 -3.18 33.21
CA ARG E 434 3.54 -2.02 33.41
C ARG E 434 3.64 -1.13 32.17
N SER E 435 3.18 -1.58 31.02
CA SER E 435 3.40 -0.85 29.79
C SER E 435 2.12 -0.36 29.13
N LEU E 436 0.96 -0.70 29.66
CA LEU E 436 -0.29 -0.18 29.11
C LEU E 436 -0.34 1.32 29.35
N ARG E 437 -0.21 2.09 28.28
CA ARG E 437 -0.15 3.53 28.39
C ARG E 437 -1.25 4.26 27.64
N GLU E 438 -2.18 3.54 27.01
CA GLU E 438 -3.29 4.19 26.34
C GLU E 438 -4.49 3.27 26.33
N LEU E 439 -5.67 3.85 26.55
CA LEU E 439 -6.93 3.11 26.67
C LEU E 439 -7.97 3.91 25.89
N GLY E 440 -8.10 3.59 24.61
CA GLY E 440 -8.82 4.41 23.67
C GLY E 440 -10.17 4.94 24.13
N SER E 441 -11.15 4.07 24.32
CA SER E 441 -12.50 4.52 24.63
C SER E 441 -13.24 3.48 25.44
N GLY E 442 -14.24 3.96 26.17
CA GLY E 442 -15.17 3.10 26.88
C GLY E 442 -14.79 2.90 28.33
N LEU E 443 -15.81 2.75 29.16
CA LEU E 443 -15.58 2.58 30.58
C LEU E 443 -14.88 1.27 30.85
N ALA E 444 -14.01 1.29 31.85
CA ALA E 444 -13.29 0.11 32.29
C ALA E 444 -13.83 -0.36 33.63
N LEU E 445 -14.54 -1.47 33.64
CA LEU E 445 -15.06 -2.03 34.87
C LEU E 445 -14.09 -3.05 35.40
N ILE E 446 -13.89 -2.98 36.72
CA ILE E 446 -13.14 -3.95 37.51
C ILE E 446 -14.07 -4.42 38.63
N HIS E 447 -14.63 -5.61 38.46
CA HIS E 447 -15.86 -5.99 39.13
C HIS E 447 -15.69 -7.30 39.87
N HIS E 448 -16.22 -7.35 41.09
CA HIS E 448 -16.29 -8.54 41.93
C HIS E 448 -14.93 -9.21 42.05
N ASN E 449 -13.97 -8.44 42.56
CA ASN E 449 -12.65 -8.94 42.90
C ASN E 449 -12.52 -8.81 44.40
N THR E 450 -12.48 -9.93 45.10
CA THR E 450 -12.37 -9.92 46.54
C THR E 450 -10.92 -9.84 47.03
N HIS E 451 -9.93 -9.98 46.15
CA HIS E 451 -8.54 -9.99 46.56
C HIS E 451 -7.75 -8.87 45.92
N LEU E 452 -8.42 -7.79 45.51
CA LEU E 452 -7.84 -6.81 44.60
C LEU E 452 -7.59 -5.49 45.31
N CYS E 453 -6.38 -5.00 45.21
CA CYS E 453 -6.00 -3.62 45.46
C CYS E 453 -5.53 -3.00 44.15
N PHE E 454 -4.95 -1.80 44.22
CA PHE E 454 -4.36 -1.11 43.06
C PHE E 454 -5.43 -0.74 42.04
N VAL E 455 -6.53 -0.18 42.55
CA VAL E 455 -7.50 0.50 41.72
C VAL E 455 -7.75 1.94 42.17
N HIS E 456 -7.51 2.26 43.43
CA HIS E 456 -7.54 3.64 43.89
C HIS E 456 -6.20 4.32 43.69
N THR E 457 -5.26 3.66 43.05
CA THR E 457 -3.93 4.19 42.86
C THR E 457 -3.52 4.30 41.41
N VAL E 458 -4.14 3.54 40.51
CA VAL E 458 -3.69 3.50 39.12
C VAL E 458 -3.77 4.90 38.53
N PRO E 459 -2.79 5.34 37.75
CA PRO E 459 -2.95 6.64 37.10
C PRO E 459 -4.01 6.56 36.03
N TRP E 460 -5.22 6.96 36.36
CA TRP E 460 -6.31 6.83 35.40
C TRP E 460 -6.19 7.90 34.33
N ASP E 461 -6.37 9.15 34.72
CA ASP E 461 -6.67 10.21 33.77
C ASP E 461 -5.64 10.27 32.66
N GLN E 462 -4.41 9.89 32.95
CA GLN E 462 -3.38 9.97 31.94
C GLN E 462 -3.55 8.93 30.85
N LEU E 463 -4.48 7.98 31.03
CA LEU E 463 -4.75 6.95 30.03
C LEU E 463 -5.98 7.24 29.18
N PHE E 464 -7.03 7.79 29.77
CA PHE E 464 -8.26 8.06 29.04
C PHE E 464 -8.04 9.15 28.00
N ARG E 465 -9.06 9.38 27.18
CA ARG E 465 -8.99 10.41 26.16
C ARG E 465 -10.09 11.46 26.26
N ASN E 466 -11.34 11.04 26.38
CA ASN E 466 -12.47 11.95 26.38
C ASN E 466 -13.03 12.12 27.78
N PRO E 467 -13.74 13.21 28.05
CA PRO E 467 -14.36 13.37 29.37
C PRO E 467 -15.42 12.33 29.64
N HIS E 468 -15.98 11.71 28.60
CA HIS E 468 -17.05 10.74 28.80
C HIS E 468 -16.57 9.46 29.44
N GLN E 469 -15.30 9.12 29.31
CA GLN E 469 -14.83 7.89 29.91
C GLN E 469 -14.89 8.01 31.43
N ALA E 470 -15.15 6.89 32.07
CA ALA E 470 -15.14 6.84 33.52
C ALA E 470 -14.80 5.43 33.95
N LEU E 471 -14.30 5.30 35.17
CA LEU E 471 -13.93 4.00 35.72
C LEU E 471 -14.73 3.73 36.97
N LEU E 472 -15.21 2.50 37.12
CA LEU E 472 -16.27 2.19 38.07
C LEU E 472 -15.79 1.18 39.09
N HIS E 473 -15.93 1.52 40.37
CA HIS E 473 -15.57 0.64 41.48
C HIS E 473 -16.77 -0.18 41.90
N THR E 474 -16.59 -1.49 42.06
CA THR E 474 -17.67 -2.30 42.59
C THR E 474 -17.10 -3.59 43.14
N ALA E 475 -17.60 -3.99 44.32
CA ALA E 475 -17.32 -5.27 44.98
C ALA E 475 -15.83 -5.54 45.06
N ASN E 476 -15.03 -4.52 44.83
CA ASN E 476 -13.60 -4.67 44.91
C ASN E 476 -13.15 -4.69 46.36
N ARG E 477 -12.06 -5.39 46.61
CA ARG E 477 -11.56 -5.57 47.97
C ARG E 477 -11.27 -4.22 48.61
N PRO E 478 -11.67 -4.00 49.87
CA PRO E 478 -11.71 -2.64 50.41
C PRO E 478 -10.35 -1.97 50.41
N GLU E 479 -10.38 -0.69 50.02
CA GLU E 479 -9.17 0.12 50.03
C GLU E 479 -8.66 0.32 51.45
N ASP E 480 -9.55 0.26 52.43
CA ASP E 480 -9.14 0.45 53.82
C ASP E 480 -8.15 -0.61 54.26
N GLU E 481 -8.48 -1.87 54.06
CA GLU E 481 -7.53 -2.94 54.36
C GLU E 481 -6.42 -2.99 53.34
N CYS E 482 -6.65 -2.51 52.12
CA CYS E 482 -5.56 -2.41 51.15
C CYS E 482 -4.44 -1.54 51.69
N VAL E 483 -4.81 -0.38 52.25
CA VAL E 483 -3.81 0.51 52.83
C VAL E 483 -3.25 -0.06 54.13
N GLY E 484 -4.13 -0.58 54.99
CA GLY E 484 -3.66 -1.10 56.27
C GLY E 484 -2.63 -2.20 56.09
N GLU E 485 -2.90 -3.14 55.19
CA GLU E 485 -1.88 -4.09 54.79
C GLU E 485 -0.77 -3.41 54.00
N GLY E 486 -1.12 -2.43 53.19
CA GLY E 486 -0.14 -1.65 52.46
C GLY E 486 0.07 -2.09 51.02
N LEU E 487 -1.03 -2.25 50.28
CA LEU E 487 -0.96 -2.63 48.87
C LEU E 487 -0.96 -1.37 48.00
N ALA E 488 0.12 -0.61 48.11
CA ALA E 488 0.30 0.60 47.34
C ALA E 488 1.69 0.59 46.72
N CYS E 489 1.99 1.65 45.98
CA CYS E 489 3.29 1.76 45.34
C CYS E 489 4.38 2.02 46.39
N HIS E 490 5.60 2.25 45.93
CA HIS E 490 6.70 2.60 46.82
C HIS E 490 7.28 3.96 46.42
N GLN E 491 8.36 4.35 47.09
CA GLN E 491 8.80 5.75 47.06
C GLN E 491 9.19 6.22 45.67
N LEU E 492 9.89 5.38 44.91
CA LEU E 492 10.37 5.81 43.60
C LEU E 492 9.23 6.07 42.63
N CYS E 493 8.12 5.35 42.78
CA CYS E 493 6.92 5.56 41.97
C CYS E 493 6.51 7.03 42.03
N ALA E 494 6.55 7.72 40.90
CA ALA E 494 6.19 9.12 40.88
C ALA E 494 4.71 9.29 41.17
N ARG E 495 4.38 10.30 41.97
CA ARG E 495 3.00 10.74 42.19
C ARG E 495 2.10 9.64 42.75
N GLY E 496 2.68 8.63 43.39
CA GLY E 496 1.85 7.56 43.91
C GLY E 496 1.17 6.75 42.84
N HIS E 497 1.68 6.79 41.62
CA HIS E 497 1.11 6.03 40.52
C HIS E 497 1.78 4.66 40.46
N CYS E 498 0.99 3.63 40.20
CA CYS E 498 1.55 2.29 40.08
C CYS E 498 0.55 1.38 39.38
N TRP E 499 0.82 0.09 39.46
CA TRP E 499 -0.14 -0.95 39.09
C TRP E 499 -0.20 -2.10 40.08
N GLY E 500 0.86 -2.35 40.85
CA GLY E 500 0.90 -3.44 41.78
C GLY E 500 2.05 -3.29 42.75
N PRO E 501 2.19 -4.22 43.68
CA PRO E 501 3.24 -4.10 44.69
C PRO E 501 4.60 -4.34 44.08
N GLY E 502 5.63 -3.92 44.81
CA GLY E 502 7.00 -4.09 44.37
C GLY E 502 7.47 -2.92 43.54
N PRO E 503 8.74 -2.56 43.66
CA PRO E 503 9.28 -1.42 42.89
C PRO E 503 9.34 -1.64 41.39
N THR E 504 8.87 -2.78 40.88
CA THR E 504 8.94 -3.01 39.44
C THR E 504 8.07 -2.04 38.68
N GLN E 505 6.81 -1.90 39.08
CA GLN E 505 5.81 -1.19 38.31
C GLN E 505 5.65 0.23 38.83
N CYS E 506 6.18 1.18 38.05
CA CYS E 506 5.91 2.61 38.22
C CYS E 506 5.84 3.22 36.84
N VAL E 507 4.74 3.88 36.52
CA VAL E 507 4.64 4.52 35.21
C VAL E 507 5.71 5.59 35.08
N ASN E 508 6.16 6.16 36.19
CA ASN E 508 7.22 7.15 36.14
C ASN E 508 7.93 7.19 37.48
N CYS E 509 9.22 7.52 37.43
CA CYS E 509 10.03 7.59 38.63
C CYS E 509 11.13 8.62 38.44
N SER E 510 11.58 9.19 39.57
CA SER E 510 12.54 10.30 39.50
C SER E 510 13.91 9.83 39.05
N GLN E 511 14.42 8.76 39.63
CA GLN E 511 15.79 8.35 39.39
C GLN E 511 15.83 7.54 38.09
N PHE E 512 16.92 6.81 37.88
CA PHE E 512 17.14 6.13 36.61
C PHE E 512 16.63 4.70 36.66
N LEU E 513 16.81 3.99 35.55
CA LEU E 513 16.38 2.60 35.43
C LEU E 513 17.44 1.79 34.72
N ARG E 514 17.54 0.51 35.10
CA ARG E 514 18.45 -0.44 34.47
C ARG E 514 17.68 -1.56 33.80
N GLY E 515 16.56 -1.21 33.18
CA GLY E 515 15.84 -2.10 32.28
C GLY E 515 14.44 -2.46 32.71
N GLN E 516 14.25 -2.82 33.98
CA GLN E 516 12.93 -3.18 34.48
C GLN E 516 12.68 -2.67 35.89
N GLU E 517 13.57 -1.85 36.43
CA GLU E 517 13.41 -1.37 37.80
C GLU E 517 13.98 0.03 37.92
N CYS E 518 13.16 0.96 38.41
CA CYS E 518 13.67 2.27 38.77
C CYS E 518 14.72 2.11 39.85
N VAL E 519 15.82 2.80 39.70
CA VAL E 519 16.96 2.56 40.56
C VAL E 519 17.04 3.68 41.59
N GLU E 520 17.86 3.46 42.61
CA GLU E 520 18.22 4.55 43.51
C GLU E 520 19.27 5.45 42.86
N GLU E 521 20.26 4.87 42.19
CA GLU E 521 21.25 5.65 41.47
C GLU E 521 21.97 4.75 40.49
N CYS E 522 22.66 5.37 39.53
CA CYS E 522 23.56 4.66 38.66
C CYS E 522 24.88 4.38 39.38
N ARG E 523 25.64 3.42 38.87
CA ARG E 523 26.94 3.08 39.44
C ARG E 523 27.99 3.54 38.44
N VAL E 524 28.49 4.76 38.64
CA VAL E 524 29.47 5.34 37.74
C VAL E 524 30.88 5.06 38.26
N LEU E 525 31.16 5.54 39.46
CA LEU E 525 32.45 5.29 40.10
C LEU E 525 32.36 4.32 41.27
N GLN E 526 31.28 4.39 42.04
CA GLN E 526 31.00 3.44 43.11
C GLN E 526 29.89 2.51 42.66
N GLY E 527 30.12 1.23 42.81
CA GLY E 527 29.15 0.23 42.40
C GLY E 527 29.87 -0.98 41.83
N LEU E 528 29.24 -2.15 41.96
CA LEU E 528 29.90 -3.39 41.57
C LEU E 528 30.26 -3.41 40.09
N PRO E 529 29.37 -3.08 39.16
CA PRO E 529 29.83 -2.72 37.82
C PRO E 529 29.98 -1.20 37.71
N ARG E 530 30.45 -0.77 36.55
CA ARG E 530 30.54 0.64 36.22
C ARG E 530 29.55 0.94 35.11
N GLU E 531 28.68 1.92 35.33
CA GLU E 531 27.61 2.25 34.40
C GLU E 531 27.60 3.74 34.14
N TYR E 532 27.52 4.11 32.87
CA TYR E 532 27.39 5.49 32.46
C TYR E 532 25.93 5.81 32.18
N VAL E 533 25.58 7.06 32.35
CA VAL E 533 24.19 7.49 32.29
C VAL E 533 23.85 7.92 30.88
N ASN E 534 22.69 7.47 30.40
CA ASN E 534 22.20 7.84 29.08
C ASN E 534 20.69 7.66 29.08
N ALA E 535 19.96 8.77 28.92
CA ALA E 535 18.50 8.78 28.98
C ALA E 535 17.99 8.21 30.30
N ARG E 536 18.68 8.58 31.37
CA ARG E 536 18.41 8.03 32.71
C ARG E 536 18.43 6.51 32.68
N HIS E 537 19.40 5.97 31.94
CA HIS E 537 19.67 4.55 31.90
C HIS E 537 21.14 4.32 32.23
N CYS E 538 21.40 3.40 33.15
CA CYS E 538 22.76 3.15 33.61
C CYS E 538 23.34 1.98 32.81
N LEU E 539 23.89 2.31 31.65
CA LEU E 539 24.45 1.27 30.79
C LEU E 539 25.80 0.85 31.33
N PRO E 540 26.03 -0.45 31.55
CA PRO E 540 27.27 -0.89 32.20
C PRO E 540 28.46 -0.69 31.28
N CYS E 541 29.61 -0.38 31.90
CA CYS E 541 30.83 -0.22 31.14
C CYS E 541 31.28 -1.55 30.57
N HIS E 542 32.14 -1.48 29.55
CA HIS E 542 32.64 -2.69 28.93
C HIS E 542 33.51 -3.46 29.92
N PRO E 543 33.46 -4.80 29.91
CA PRO E 543 34.27 -5.54 30.88
C PRO E 543 35.74 -5.24 30.79
N GLU E 544 36.25 -4.96 29.59
CA GLU E 544 37.64 -4.59 29.46
C GLU E 544 37.96 -3.28 30.16
N CYS E 545 36.96 -2.43 30.39
CA CYS E 545 37.20 -1.18 31.08
C CYS E 545 37.62 -1.47 32.52
N GLN E 546 38.82 -1.07 32.86
CA GLN E 546 39.32 -1.26 34.21
C GLN E 546 38.53 -0.38 35.18
N PRO E 547 37.86 -0.95 36.18
CA PRO E 547 37.09 -0.11 37.10
C PRO E 547 38.01 0.73 37.97
N GLN E 548 38.09 2.02 37.65
CA GLN E 548 39.00 2.94 38.31
C GLN E 548 38.16 4.01 38.98
N ASN E 549 37.70 3.71 40.19
CA ASN E 549 36.91 4.67 40.94
C ASN E 549 37.76 5.90 41.23
N GLY E 550 37.11 7.07 41.18
CA GLY E 550 37.80 8.34 41.16
C GLY E 550 37.97 8.91 39.78
N SER E 551 37.85 8.09 38.74
CA SER E 551 37.84 8.54 37.36
C SER E 551 36.70 7.84 36.62
N VAL E 552 36.12 8.54 35.64
CA VAL E 552 35.03 7.96 34.87
C VAL E 552 35.52 6.70 34.18
N THR E 553 34.92 5.56 34.52
CA THR E 553 35.39 4.29 34.00
C THR E 553 35.24 4.19 32.49
N CYS E 554 34.09 4.62 31.97
CA CYS E 554 33.82 4.54 30.55
C CYS E 554 32.97 5.71 30.10
N PHE E 555 33.02 5.99 28.81
CA PHE E 555 32.17 6.98 28.18
C PHE E 555 31.28 6.37 27.12
N GLY E 556 31.07 5.05 27.22
CA GLY E 556 30.24 4.37 26.25
C GLY E 556 30.28 2.87 26.39
N PRO E 557 29.58 2.18 25.50
CA PRO E 557 29.47 0.73 25.58
C PRO E 557 30.66 0.01 24.98
N GLU E 558 31.21 0.54 23.90
CA GLU E 558 32.28 -0.14 23.21
C GLU E 558 33.58 0.00 24.00
N ALA E 559 34.59 -0.74 23.56
CA ALA E 559 35.83 -0.80 24.32
C ALA E 559 36.63 0.49 24.21
N ASP E 560 36.38 1.30 23.17
CA ASP E 560 37.21 2.46 22.90
C ASP E 560 37.15 3.50 24.01
N GLN E 561 36.03 3.60 24.72
CA GLN E 561 35.79 4.72 25.61
C GLN E 561 36.17 4.43 27.05
N CYS E 562 36.79 3.29 27.32
CA CYS E 562 37.31 3.05 28.67
C CYS E 562 38.41 4.05 28.97
N VAL E 563 38.48 4.47 30.24
CA VAL E 563 39.50 5.43 30.64
C VAL E 563 40.89 4.82 30.47
N ALA E 564 41.07 3.57 30.91
CA ALA E 564 42.35 2.90 30.79
C ALA E 564 42.09 1.40 30.79
N CYS E 565 42.52 0.72 29.73
CA CYS E 565 42.22 -0.70 29.60
C CYS E 565 42.82 -1.47 30.76
N ALA E 566 42.07 -2.46 31.25
CA ALA E 566 42.56 -3.24 32.38
C ALA E 566 43.81 -4.01 32.02
N HIS E 567 43.83 -4.65 30.86
CA HIS E 567 44.91 -5.56 30.52
C HIS E 567 45.77 -5.06 29.37
N TYR E 568 45.19 -4.88 28.18
CA TYR E 568 45.99 -4.62 27.00
C TYR E 568 45.24 -3.71 26.05
N LYS E 569 46.00 -3.03 25.20
CA LYS E 569 45.46 -2.12 24.19
C LYS E 569 45.73 -2.72 22.82
N ASP E 570 44.66 -3.05 22.11
CA ASP E 570 44.76 -3.28 20.67
C ASP E 570 44.16 -2.06 20.00
N PRO E 571 44.94 -1.00 19.81
CA PRO E 571 44.37 0.32 19.52
C PRO E 571 43.50 0.27 18.28
N PRO E 572 42.32 0.90 18.33
CA PRO E 572 41.79 1.69 19.44
C PRO E 572 40.87 0.93 20.39
N PHE E 573 41.24 -0.25 20.88
CA PHE E 573 40.36 -1.08 21.67
C PHE E 573 41.09 -1.62 22.90
N CYS E 574 40.31 -2.10 23.86
CA CYS E 574 40.84 -2.75 25.05
C CYS E 574 40.58 -4.25 24.98
N VAL E 575 41.61 -5.04 25.26
CA VAL E 575 41.52 -6.50 25.23
C VAL E 575 42.09 -7.05 26.52
N ALA E 576 41.53 -8.19 26.94
CA ALA E 576 42.09 -8.90 28.08
C ALA E 576 43.39 -9.59 27.70
N ARG E 577 43.49 -10.03 26.45
CA ARG E 577 44.71 -10.62 25.92
C ARG E 577 44.92 -10.09 24.51
N CYS E 578 46.16 -9.71 24.19
CA CYS E 578 46.47 -9.23 22.86
C CYS E 578 46.30 -10.38 21.86
N PRO E 579 45.26 -10.34 21.03
CA PRO E 579 44.97 -11.50 20.19
C PRO E 579 46.02 -11.70 19.11
N SER E 580 46.18 -12.96 18.70
CA SER E 580 47.03 -13.31 17.57
C SER E 580 46.44 -12.77 16.27
N GLY E 581 47.22 -11.98 15.56
CA GLY E 581 46.73 -11.32 14.36
C GLY E 581 46.46 -12.29 13.22
N VAL E 582 45.75 -11.77 12.23
CA VAL E 582 45.40 -12.54 11.04
C VAL E 582 45.86 -11.76 9.81
N LYS E 583 46.42 -12.46 8.82
CA LYS E 583 46.87 -11.79 7.62
C LYS E 583 45.69 -11.43 6.71
N PRO E 584 44.84 -12.36 6.32
CA PRO E 584 43.85 -12.06 5.29
C PRO E 584 42.48 -11.67 5.83
N ASP E 585 41.58 -11.33 4.91
CA ASP E 585 40.18 -11.11 5.25
C ASP E 585 39.56 -12.45 5.64
N LEU E 586 39.77 -13.46 4.80
CA LEU E 586 39.41 -14.84 5.12
C LEU E 586 40.16 -15.30 6.36
N SER E 587 39.48 -16.06 7.20
CA SER E 587 40.03 -16.47 8.49
C SER E 587 41.32 -17.26 8.34
N TYR E 588 42.38 -16.78 9.00
CA TYR E 588 43.64 -17.49 9.09
C TYR E 588 44.50 -16.87 10.18
N MET E 589 44.97 -17.67 11.14
CA MET E 589 45.68 -17.16 12.30
C MET E 589 47.15 -17.60 12.25
N PRO E 590 48.04 -16.73 11.80
CA PRO E 590 49.49 -17.03 11.85
C PRO E 590 50.11 -16.58 13.17
N ILE E 591 49.27 -16.33 14.17
CA ILE E 591 49.64 -15.65 15.41
C ILE E 591 50.01 -14.20 15.07
N TRP E 592 51.30 -13.93 14.94
CA TRP E 592 51.81 -12.67 14.39
C TRP E 592 51.38 -11.45 15.21
N LYS E 593 51.08 -11.62 16.50
CA LYS E 593 50.74 -10.48 17.35
C LYS E 593 51.01 -10.84 18.80
N PHE E 594 51.67 -9.94 19.51
CA PHE E 594 52.05 -10.14 20.90
C PHE E 594 51.78 -8.88 21.72
N PRO E 595 51.43 -9.03 22.99
CA PRO E 595 51.29 -7.86 23.85
C PRO E 595 52.63 -7.23 24.14
N ASP E 596 52.64 -5.91 24.25
CA ASP E 596 53.86 -5.18 24.49
C ASP E 596 54.06 -4.99 25.98
N GLU E 597 54.98 -4.10 26.35
CA GLU E 597 55.29 -3.89 27.75
C GLU E 597 54.11 -3.30 28.50
N GLU E 598 53.45 -2.29 27.94
CA GLU E 598 52.36 -1.61 28.62
C GLU E 598 50.99 -2.03 28.09
N GLY E 599 50.93 -2.95 27.14
CA GLY E 599 49.66 -3.44 26.61
C GLY E 599 49.40 -3.14 25.16
N ALA E 600 50.28 -2.41 24.47
CA ALA E 600 50.08 -2.13 23.06
C ALA E 600 50.19 -3.42 22.27
N CYS E 601 49.08 -3.84 21.66
CA CYS E 601 49.02 -5.15 21.01
C CYS E 601 49.87 -5.09 19.74
N GLN E 602 51.18 -5.24 19.92
CA GLN E 602 52.10 -5.10 18.82
C GLN E 602 51.96 -6.25 17.83
N PRO E 603 52.21 -6.02 16.56
CA PRO E 603 52.33 -7.12 15.61
C PRO E 603 53.73 -7.73 15.68
N CYS E 604 53.78 -9.01 15.38
CA CYS E 604 55.04 -9.73 15.44
C CYS E 604 55.94 -9.29 14.30
N PRO E 605 57.15 -8.81 14.57
CA PRO E 605 58.07 -8.52 13.47
C PRO E 605 58.39 -9.73 12.62
N ILE E 606 58.46 -10.92 13.22
CA ILE E 606 58.80 -12.12 12.48
C ILE E 606 57.65 -12.49 11.55
N ASN E 607 57.99 -12.99 10.37
CA ASN E 607 57.01 -13.47 9.41
C ASN E 607 57.36 -14.90 9.02
N CYS E 608 56.37 -15.79 9.08
CA CYS E 608 56.53 -17.20 8.71
C CYS E 608 55.39 -17.56 7.77
N THR E 609 55.63 -17.38 6.47
CA THR E 609 54.65 -17.79 5.46
C THR E 609 54.46 -19.30 5.45
N HIS E 610 55.48 -20.04 5.88
CA HIS E 610 55.41 -21.50 5.94
C HIS E 610 54.89 -22.01 7.27
N SER E 611 54.47 -21.11 8.16
CA SER E 611 54.01 -21.48 9.50
C SER E 611 55.08 -22.29 10.23
N CYS E 612 56.21 -21.63 10.46
CA CYS E 612 57.37 -22.29 11.05
C CYS E 612 57.01 -22.88 12.42
N VAL E 613 57.50 -24.09 12.67
CA VAL E 613 57.20 -24.76 13.93
C VAL E 613 57.77 -23.98 15.10
N ASP E 614 59.01 -23.51 14.97
CA ASP E 614 59.64 -22.75 16.04
C ASP E 614 58.81 -21.51 16.35
N LEU E 615 58.53 -21.30 17.64
CA LEU E 615 57.75 -20.17 18.11
C LEU E 615 58.65 -19.26 18.94
N ASP E 616 58.63 -17.98 18.63
CA ASP E 616 59.39 -17.03 19.41
C ASP E 616 58.88 -17.02 20.85
N ASP E 617 59.78 -16.64 21.76
CA ASP E 617 59.40 -16.57 23.16
C ASP E 617 58.26 -15.58 23.38
N LYS E 618 58.17 -14.55 22.53
CA LYS E 618 57.07 -13.60 22.59
C LYS E 618 55.76 -14.19 22.11
N GLY E 619 55.77 -15.38 21.51
CA GLY E 619 54.61 -15.95 20.87
C GLY E 619 54.64 -15.88 19.36
N CYS E 620 55.58 -15.15 18.78
CA CYS E 620 55.70 -15.07 17.34
C CYS E 620 56.21 -16.40 16.77
N PRO E 621 55.90 -16.70 15.52
CA PRO E 621 56.46 -17.90 14.89
C PRO E 621 57.91 -17.71 14.51
N ALA E 622 58.82 -18.37 15.22
CA ALA E 622 60.24 -18.22 14.97
C ALA E 622 60.63 -18.92 13.68
N GLU E 623 61.34 -18.21 12.82
CA GLU E 623 61.73 -18.76 11.52
C GLU E 623 62.68 -19.93 11.70
N GLN E 624 62.45 -20.98 10.92
CA GLN E 624 63.27 -22.19 10.99
C GLN E 624 64.69 -21.92 10.47
C1 NAG F . -55.82 -6.28 29.53
C2 NAG F . -54.80 -7.33 29.07
C3 NAG F . -55.46 -8.68 28.85
C4 NAG F . -55.99 -9.21 30.18
C5 NAG F . -56.81 -8.14 30.90
C6 NAG F . -56.21 -7.70 32.23
C7 NAG F . -54.42 -6.59 26.68
C8 NAG F . -55.90 -6.65 26.39
N2 NAG F . -54.00 -6.90 27.92
O3 NAG F . -54.51 -9.59 28.31
O4 NAG F . -56.79 -10.36 29.96
O5 NAG F . -57.00 -6.95 30.10
O6 NAG F . -56.74 -6.46 32.65
O7 NAG F . -53.63 -6.24 25.82
C1 NAG F . -58.07 -9.98 29.38
C2 NAG F . -58.32 -10.81 28.11
C3 NAG F . -59.79 -11.22 28.04
C4 NAG F . -60.12 -12.13 29.21
C5 NAG F . -59.77 -11.45 30.53
C6 NAG F . -58.78 -12.23 31.37
C7 NAG F . -57.37 -10.64 25.85
C8 NAG F . -57.05 -9.73 24.72
N2 NAG F . -57.94 -10.07 26.92
O3 NAG F . -60.02 -11.90 26.81
O4 NAG F . -61.52 -12.41 29.20
O5 NAG F . -59.22 -10.14 30.32
O6 NAG F . -57.93 -13.03 30.56
O7 NAG F . -57.15 -11.85 25.81
C1 BMA F . -61.76 -13.78 29.59
C2 BMA F . -63.30 -14.00 29.62
C3 BMA F . -63.64 -15.47 29.82
C4 BMA F . -62.82 -16.38 28.88
C5 BMA F . -61.33 -16.09 29.05
C6 BMA F . -60.46 -16.95 28.16
O2 BMA F . -63.88 -13.62 28.39
O3 BMA F . -65.02 -15.72 29.63
O4 BMA F . -63.07 -17.75 29.17
O5 BMA F . -61.11 -14.70 28.71
O6 BMA F . -60.89 -18.31 28.31
C1 NAG G . -25.76 21.24 13.41
C2 NAG G . -26.54 21.32 14.70
C3 NAG G . -26.33 22.67 15.36
C4 NAG G . -24.84 22.92 15.56
C5 NAG G . -24.09 22.73 14.24
C6 NAG G . -22.59 22.79 14.42
C7 NAG G . -28.77 21.91 13.82
C8 NAG G . -30.20 21.49 13.74
N2 NAG G . -27.96 21.08 14.49
O3 NAG G . -27.03 22.72 16.58
O4 NAG G . -24.65 24.27 15.97
O5 NAG G . -24.39 21.45 13.67
O6 NAG G . -21.92 22.67 13.17
O7 NAG G . -28.37 22.93 13.30
C1 NAG G . -24.47 24.34 17.39
C2 NAG G . -24.08 25.77 17.72
C3 NAG G . -23.88 25.93 19.22
C4 NAG G . -25.12 25.47 19.97
C5 NAG G . -25.52 24.06 19.52
C6 NAG G . -26.85 23.62 20.10
C7 NAG G . -22.90 26.91 15.88
C8 NAG G . -24.26 27.37 15.43
N2 NAG G . -22.88 26.15 16.99
O3 NAG G . -23.61 27.29 19.51
O4 NAG G . -24.86 25.46 21.36
O5 NAG G . -25.66 24.00 18.09
O6 NAG G . -27.84 24.63 19.93
O7 NAG G . -21.88 27.21 15.29
C1 BMA G . -25.77 26.39 22.00
C2 BMA G . -26.18 25.79 23.37
C3 BMA G . -27.06 26.78 24.12
C4 BMA G . -26.44 28.18 24.15
C5 BMA G . -26.03 28.64 22.73
C6 BMA G . -25.30 29.96 22.73
O2 BMA G . -25.05 25.56 24.18
O3 BMA G . -27.32 26.34 25.45
O4 BMA G . -27.39 29.10 24.68
O5 BMA G . -25.15 27.65 22.19
O6 BMA G . -23.96 29.72 23.19
C1 NAG H . -39.22 9.33 46.52
C2 NAG H . -38.95 8.76 47.92
C3 NAG H . -40.22 8.79 48.76
C4 NAG H . -40.83 10.19 48.76
C5 NAG H . -41.04 10.67 47.34
C6 NAG H . -41.54 12.09 47.25
C7 NAG H . -37.72 6.83 48.81
C8 NAG H . -37.27 5.42 48.55
N2 NAG H . -38.43 7.41 47.83
O3 NAG H . -39.91 8.41 50.10
O4 NAG H . -42.09 10.16 49.43
O5 NAG H . -39.78 10.63 46.64
O6 NAG H . -40.62 12.92 46.56
O7 NAG H . -37.45 7.41 49.86
C1 NAG I . 8.32 11.86 35.27
C2 NAG I . 8.58 12.07 33.78
C3 NAG I . 9.58 13.21 33.58
C4 NAG I . 9.10 14.46 34.30
C5 NAG I . 8.79 14.16 35.77
C6 NAG I . 8.17 15.32 36.50
C7 NAG I . 8.29 10.10 32.38
C8 NAG I . 8.94 8.87 31.80
N2 NAG I . 9.06 10.87 33.15
O3 NAG I . 9.73 13.47 32.20
O4 NAG I . 10.10 15.47 34.24
O5 NAG I . 7.86 13.07 35.86
O6 NAG I . 6.99 14.93 37.17
O7 NAG I . 7.12 10.37 32.15
C1 NAG J . 38.88 1.22 42.85
C2 NAG J . 40.05 1.74 43.69
C3 NAG J . 40.99 0.60 44.06
C4 NAG J . 40.22 -0.56 44.69
C5 NAG J . 39.07 -0.98 43.79
C6 NAG J . 38.19 -2.05 44.39
C7 NAG J . 41.44 2.68 41.86
C8 NAG J . 42.11 3.91 41.35
N2 NAG J . 40.77 2.81 43.02
O3 NAG J . 41.98 1.07 44.98
O4 NAG J . 41.10 -1.68 44.86
O5 NAG J . 38.22 0.16 43.54
O6 NAG J . 36.95 -2.14 43.71
O7 NAG J . 41.49 1.61 41.26
#